data_4P72
#
_entry.id   4P72
#
_cell.length_a   113.300
_cell.length_b   218.830
_cell.length_c   107.630
_cell.angle_alpha   90.00
_cell.angle_beta   101.94
_cell.angle_gamma   90.00
#
_symmetry.space_group_name_H-M   'C 1 2 1'
#
loop_
_entity.id
_entity.type
_entity.pdbx_description
1 polymer 'Phenylalanine--tRNA ligase beta subunit'
2 polymer 'Phenylalanine--tRNA ligase alpha subunit'
3 non-polymer 2-{3-[(4-chloropyridin-2-yl)amino]phenoxy}-N-methylacetamide
4 water water
#
loop_
_entity_poly.entity_id
_entity_poly.type
_entity_poly.pdbx_seq_one_letter_code
_entity_poly.pdbx_strand_id
1 'polypeptide(L)'
;MKFSEKWLRSWANPQVSHDELVARLSMVGLEVDADLPVAGAFSGVVVGEVLSTEQHPDADKLRVCQVSNGSETFQVVCGA
PNVRAGLKIPFAMIGAELPDDFKIKKAKLRGVESFGMLCSAKELQISEENAGLLELPADAPVGQDVRTYLELADYTIEVG
LTPNRGDCLSLAGLAREVSAIYDVPLAPVAVDAVAAQHDETRPVELAAPAACPRYLGRVIRNVDLSRPTPLWMVERLRRS
DIRSIDPVVDVTNYVMIELGQPMHAFDLAEINGGVRVRMAEDGEKLVLLDGQEITLRADTLVIADHQRALAIAGVMGGEH
SGVSDSTRDLFLEAAFFDTIALAGKARSYGLHTDSSHRFERGVDSQLARKAMERATRLILDIVGGEPGPIVEQVSEAHLP
KVAPITLRAERVTQMLGMPLDAAEIVRLLQALELTVVADGEGQWSVGVPSHRFDISLEVDLIEELARLYGYNRLPVRYPQ
ARLAPNNKPEARAALPLLRRLLVARGYQEAITFSFIDPALFELFDPGTQPLTLANPISADMAAMRSSLWPGLVKALQHNL
NRQQSRVRLFESGLRFVGQLEGLKQEAMLAGAICGKRLPEGWANGRDGVDFFDAKADVEAVLASAGALGDFSFVPGEHPA
LHPGQTARIEREGRLVGYLGALHPELAKKLDLEQPVFLFELLLAEVVDGHLPKFRELSRFPEVRRDLALLVDQDVPAQDI
LTQIRAAAGEWLTDLRLFDVYHGKGIDPHRKSLAVGLTWQHPSRTLNDDEVNSTTQNIVTSLEERFNATLRK
;
A,B
2 'polypeptide(L)'
;MENLDALVSQALEAVRHTEDVNALEQIRVHYLGKKGELTQVMKTLGDLPAEERPKVGALINVAKEKVQDVLNARKTELEG
AALAARLAAERIDVTLPGRGQLSGGLHPVTRTLERIEQCFSRIGYEVAEGPEVEDDYHNFEALNIPGHHPARAMHDTFYF
NANMLLRTHTSPVQVRTMESQQPPIRIVCPGRVYRCDSDLTHSPMFHQVEGLLVDEGVSFADLKGTIEEFLRAFFEKQLE
VRFRPSFFPFTEPSAEVDIQCVICSGNGCRVCKQTGWLEVMGCGMVHPNVLRMSNIDPEKFQGFAFGMGAERLAMLRYGV
NDLRLFFDNDLRFLGQFR
;
C,D
#
# COMPACT_ATOMS: atom_id res chain seq x y z
N MET A 1 5.69 -11.02 43.32
CA MET A 1 5.45 -12.10 44.28
C MET A 1 6.63 -13.09 44.22
N LYS A 2 7.38 -13.20 45.34
CA LYS A 2 8.54 -14.09 45.47
C LYS A 2 8.14 -15.32 46.33
N PHE A 3 8.76 -16.49 46.10
CA PHE A 3 8.43 -17.72 46.85
C PHE A 3 9.47 -18.82 46.69
N SER A 4 9.53 -19.73 47.67
CA SER A 4 10.41 -20.89 47.61
C SER A 4 9.75 -21.99 46.74
N GLU A 5 10.50 -22.53 45.79
CA GLU A 5 10.03 -23.60 44.92
C GLU A 5 9.75 -24.90 45.70
N LYS A 6 10.62 -25.20 46.68
CA LYS A 6 10.48 -26.39 47.50
C LYS A 6 9.16 -26.36 48.24
N TRP A 7 8.82 -25.17 48.80
CA TRP A 7 7.57 -24.93 49.50
C TRP A 7 6.38 -25.05 48.53
N LEU A 8 6.47 -24.46 47.34
CA LEU A 8 5.42 -24.60 46.34
C LEU A 8 5.18 -26.08 45.97
N ARG A 9 6.28 -26.83 45.69
CA ARG A 9 6.24 -28.24 45.33
C ARG A 9 5.70 -29.15 46.45
N SER A 10 5.73 -28.65 47.70
CA SER A 10 5.18 -29.38 48.83
C SER A 10 3.62 -29.41 48.77
N TRP A 11 3.01 -28.47 48.00
CA TRP A 11 1.55 -28.37 47.75
C TRP A 11 1.16 -29.01 46.42
N ALA A 12 1.83 -28.61 45.34
CA ALA A 12 1.62 -29.11 43.98
C ALA A 12 2.98 -29.34 43.33
N ASN A 13 3.35 -30.62 43.06
CA ASN A 13 4.63 -30.92 42.44
C ASN A 13 4.49 -31.23 40.95
N PRO A 14 4.92 -30.29 40.08
CA PRO A 14 4.83 -30.51 38.63
C PRO A 14 6.02 -31.40 38.32
N GLN A 15 5.82 -32.60 37.91
CA GLN A 15 6.98 -33.49 37.78
C GLN A 15 7.90 -33.12 36.57
N VAL A 16 8.40 -31.86 36.57
CA VAL A 16 9.25 -31.23 35.55
C VAL A 16 10.41 -30.59 36.31
N SER A 17 11.46 -30.09 35.64
CA SER A 17 12.59 -29.50 36.36
C SER A 17 12.36 -28.04 36.71
N HIS A 18 13.31 -27.41 37.45
CA HIS A 18 13.26 -25.99 37.81
C HIS A 18 13.13 -25.15 36.52
N ASP A 19 14.04 -25.40 35.57
CA ASP A 19 14.11 -24.70 34.30
C ASP A 19 12.80 -24.78 33.51
N GLU A 20 12.20 -25.99 33.45
CA GLU A 20 10.92 -26.23 32.78
C GLU A 20 9.78 -25.48 33.46
N LEU A 21 9.78 -25.46 34.82
CA LEU A 21 8.78 -24.77 35.61
C LEU A 21 8.86 -23.27 35.37
N VAL A 22 10.08 -22.67 35.43
CA VAL A 22 10.28 -21.22 35.23
C VAL A 22 9.87 -20.79 33.79
N ALA A 23 10.09 -21.68 32.80
CA ALA A 23 9.76 -21.45 31.40
C ALA A 23 8.25 -21.40 31.20
N ARG A 24 7.56 -22.44 31.69
CA ARG A 24 6.11 -22.56 31.62
C ARG A 24 5.38 -21.48 32.35
N LEU A 25 5.90 -20.98 33.50
CA LEU A 25 5.18 -19.96 34.28
C LEU A 25 4.91 -18.70 33.47
N SER A 26 5.92 -18.20 32.77
CA SER A 26 5.78 -17.01 31.91
C SER A 26 4.82 -17.29 30.74
N MET A 27 4.85 -18.52 30.22
CA MET A 27 4.04 -18.99 29.10
C MET A 27 2.56 -19.19 29.43
N VAL A 28 2.22 -19.22 30.74
CA VAL A 28 0.83 -19.36 31.17
C VAL A 28 0.30 -18.10 31.85
N GLY A 29 1.06 -16.99 31.80
CA GLY A 29 0.60 -15.73 32.36
C GLY A 29 1.20 -15.29 33.68
N LEU A 30 2.20 -16.02 34.18
CA LEU A 30 2.87 -15.65 35.42
C LEU A 30 4.32 -15.32 35.05
N GLU A 31 4.58 -14.07 34.61
CA GLU A 31 5.92 -13.75 34.14
C GLU A 31 6.99 -13.72 35.23
N VAL A 32 7.95 -14.67 35.09
CA VAL A 32 9.09 -14.84 35.99
C VAL A 32 10.06 -13.69 35.76
N ASP A 33 10.31 -12.93 36.81
CA ASP A 33 11.21 -11.81 36.80
C ASP A 33 12.59 -12.21 37.31
N ALA A 34 12.68 -13.30 38.11
CA ALA A 34 13.94 -13.83 38.64
C ALA A 34 13.79 -15.23 39.23
N ASP A 35 14.85 -16.05 39.11
CA ASP A 35 14.94 -17.38 39.69
C ASP A 35 16.35 -17.48 40.24
N LEU A 36 16.48 -17.52 41.58
CA LEU A 36 17.77 -17.48 42.28
C LEU A 36 17.95 -18.55 43.35
N PRO A 37 19.19 -19.04 43.57
CA PRO A 37 19.44 -19.98 44.69
C PRO A 37 19.21 -19.27 46.04
N VAL A 38 18.69 -19.99 47.05
CA VAL A 38 18.28 -19.44 48.36
C VAL A 38 19.42 -19.05 49.32
N ALA A 39 20.58 -19.68 49.15
CA ALA A 39 21.71 -19.40 50.05
C ALA A 39 23.02 -19.52 49.31
N GLY A 40 24.10 -19.08 49.99
CA GLY A 40 25.46 -19.17 49.50
C GLY A 40 25.92 -20.61 49.49
N ALA A 41 26.98 -20.89 48.73
CA ALA A 41 27.52 -22.23 48.61
C ALA A 41 28.55 -22.50 49.69
N PHE A 42 28.54 -23.72 50.23
CA PHE A 42 29.46 -24.19 51.27
C PHE A 42 29.36 -25.72 51.45
N SER A 43 30.36 -26.32 52.11
CA SER A 43 30.46 -27.76 52.33
C SER A 43 31.16 -28.04 53.63
N GLY A 44 30.93 -29.24 54.16
CA GLY A 44 31.55 -29.69 55.40
C GLY A 44 30.91 -29.19 56.67
N VAL A 45 29.69 -28.61 56.56
CA VAL A 45 28.94 -28.08 57.70
C VAL A 45 27.78 -29.04 58.05
N VAL A 46 27.81 -29.56 59.27
CA VAL A 46 26.82 -30.54 59.73
C VAL A 46 26.10 -30.07 60.98
N VAL A 47 25.04 -30.79 61.37
CA VAL A 47 24.34 -30.47 62.59
C VAL A 47 25.21 -30.94 63.78
N GLY A 48 25.54 -30.00 64.66
CA GLY A 48 26.32 -30.26 65.85
C GLY A 48 25.55 -30.02 67.14
N GLU A 49 25.92 -30.75 68.21
CA GLU A 49 25.30 -30.58 69.53
C GLU A 49 26.34 -30.20 70.58
N VAL A 50 26.11 -29.07 71.27
CA VAL A 50 27.01 -28.62 72.33
C VAL A 50 26.72 -29.47 73.56
N LEU A 51 27.70 -30.25 74.01
CA LEU A 51 27.55 -31.12 75.17
C LEU A 51 27.87 -30.37 76.46
N SER A 52 28.89 -29.50 76.41
CA SER A 52 29.35 -28.69 77.54
C SER A 52 30.14 -27.48 77.06
N THR A 53 30.14 -26.40 77.88
CA THR A 53 30.91 -25.18 77.66
C THR A 53 31.68 -24.88 78.95
N GLU A 54 32.88 -24.34 78.81
CA GLU A 54 33.70 -23.92 79.94
C GLU A 54 34.32 -22.56 79.62
N GLN A 55 34.74 -21.82 80.64
CA GLN A 55 35.34 -20.51 80.39
C GLN A 55 36.79 -20.69 79.98
N HIS A 56 37.17 -20.06 78.84
CA HIS A 56 38.53 -20.06 78.31
C HIS A 56 39.45 -19.46 79.41
N PRO A 57 40.47 -20.21 79.91
CA PRO A 57 41.28 -19.70 81.02
C PRO A 57 42.17 -18.49 80.71
N ASP A 58 42.24 -18.04 79.44
CA ASP A 58 43.11 -16.93 79.02
C ASP A 58 42.45 -15.92 78.04
N ALA A 59 41.10 -15.88 77.99
CA ALA A 59 40.32 -14.97 77.14
C ALA A 59 38.88 -14.99 77.63
N ASP A 60 38.43 -13.89 78.26
CA ASP A 60 37.08 -13.80 78.83
C ASP A 60 35.95 -13.78 77.79
N LYS A 61 36.22 -13.26 76.58
CA LYS A 61 35.23 -13.19 75.49
C LYS A 61 34.95 -14.57 74.82
N LEU A 62 35.77 -15.59 75.17
CA LEU A 62 35.74 -16.94 74.61
C LEU A 62 35.31 -18.02 75.58
N ARG A 63 34.76 -19.09 75.02
CA ARG A 63 34.26 -20.28 75.70
C ARG A 63 34.96 -21.48 75.05
N VAL A 64 35.26 -22.50 75.85
CA VAL A 64 35.82 -23.76 75.40
C VAL A 64 34.69 -24.85 75.45
N CYS A 65 34.19 -25.22 74.26
CA CYS A 65 33.07 -26.16 74.07
C CYS A 65 33.48 -27.56 73.66
N GLN A 66 32.67 -28.54 74.05
CA GLN A 66 32.75 -29.95 73.67
C GLN A 66 31.52 -30.16 72.78
N VAL A 67 31.75 -30.33 71.47
CA VAL A 67 30.69 -30.46 70.47
C VAL A 67 30.72 -31.83 69.78
N SER A 68 29.54 -32.46 69.63
CA SER A 68 29.38 -33.76 69.00
C SER A 68 28.82 -33.62 67.57
N ASN A 69 29.28 -34.47 66.64
CA ASN A 69 28.76 -34.51 65.26
C ASN A 69 27.93 -35.83 65.06
N GLY A 70 27.62 -36.50 66.19
CA GLY A 70 26.91 -37.77 66.22
C GLY A 70 27.83 -38.98 66.18
N SER A 71 29.08 -38.78 65.70
CA SER A 71 30.10 -39.83 65.56
C SER A 71 31.25 -39.67 66.55
N GLU A 72 31.66 -38.41 66.80
CA GLU A 72 32.84 -38.02 67.57
C GLU A 72 32.61 -36.70 68.33
N THR A 73 33.35 -36.50 69.45
CA THR A 73 33.31 -35.25 70.24
C THR A 73 34.58 -34.44 69.96
N PHE A 74 34.38 -33.19 69.54
CA PHE A 74 35.43 -32.24 69.20
C PHE A 74 35.44 -31.06 70.13
N GLN A 75 36.64 -30.57 70.45
CA GLN A 75 36.77 -29.38 71.27
C GLN A 75 36.78 -28.17 70.34
N VAL A 76 35.85 -27.24 70.55
CA VAL A 76 35.83 -26.05 69.71
C VAL A 76 35.73 -24.82 70.60
N VAL A 77 36.57 -23.82 70.32
CA VAL A 77 36.60 -22.54 71.03
C VAL A 77 35.58 -21.59 70.36
N CYS A 78 34.58 -21.11 71.13
CA CYS A 78 33.57 -20.21 70.58
C CYS A 78 33.47 -18.88 71.33
N GLY A 79 33.32 -17.81 70.57
CA GLY A 79 33.19 -16.45 71.09
C GLY A 79 31.76 -15.92 71.13
N ALA A 80 30.81 -16.62 70.49
CA ALA A 80 29.39 -16.22 70.41
C ALA A 80 28.69 -16.17 71.78
N PRO A 81 27.97 -15.06 72.09
CA PRO A 81 27.31 -14.95 73.40
C PRO A 81 26.21 -15.98 73.72
N ASN A 82 25.58 -16.55 72.67
CA ASN A 82 24.50 -17.54 72.82
C ASN A 82 24.99 -19.01 72.96
N VAL A 83 26.32 -19.27 72.88
CA VAL A 83 26.86 -20.64 72.96
C VAL A 83 26.62 -21.23 74.38
N ARG A 84 25.93 -22.38 74.43
CA ARG A 84 25.57 -23.06 75.67
C ARG A 84 25.32 -24.55 75.47
N ALA A 85 25.44 -25.35 76.54
CA ALA A 85 25.16 -26.79 76.51
C ALA A 85 23.72 -27.07 76.02
N GLY A 86 23.57 -28.13 75.20
CA GLY A 86 22.30 -28.58 74.64
C GLY A 86 21.93 -27.99 73.29
N LEU A 87 22.61 -26.89 72.91
CA LEU A 87 22.35 -26.21 71.66
C LEU A 87 22.71 -27.01 70.43
N LYS A 88 21.78 -27.03 69.44
CA LYS A 88 21.94 -27.65 68.12
C LYS A 88 22.33 -26.49 67.21
N ILE A 89 23.50 -26.62 66.62
CA ILE A 89 24.12 -25.54 65.87
C ILE A 89 24.85 -26.03 64.59
N PRO A 90 25.08 -25.18 63.55
CA PRO A 90 25.86 -25.67 62.39
C PRO A 90 27.35 -25.82 62.81
N PHE A 91 27.88 -27.02 62.68
CA PHE A 91 29.27 -27.30 63.03
C PHE A 91 30.15 -27.46 61.79
N ALA A 92 31.01 -26.46 61.56
CA ALA A 92 31.96 -26.47 60.45
C ALA A 92 33.27 -27.11 60.91
N MET A 93 33.47 -28.38 60.52
CA MET A 93 34.62 -29.22 60.85
C MET A 93 35.89 -28.78 60.12
N ILE A 94 37.05 -29.26 60.57
CA ILE A 94 38.35 -28.88 60.02
C ILE A 94 38.49 -28.87 58.47
N GLY A 95 37.81 -29.64 57.65
CA GLY A 95 38.05 -29.45 56.22
C GLY A 95 37.01 -28.60 55.51
N ALA A 96 35.99 -28.11 56.29
CA ALA A 96 34.85 -27.34 55.80
C ALA A 96 35.26 -26.12 55.01
N GLU A 97 34.54 -25.90 53.91
CA GLU A 97 34.72 -24.80 52.98
C GLU A 97 33.50 -23.90 53.11
N LEU A 98 33.69 -22.72 53.72
CA LEU A 98 32.63 -21.74 53.93
C LEU A 98 32.61 -20.71 52.80
N PRO A 99 31.56 -19.82 52.66
CA PRO A 99 31.57 -18.86 51.53
C PRO A 99 32.77 -17.90 51.50
N ASP A 100 33.06 -17.36 50.28
CA ASP A 100 34.18 -16.46 49.95
C ASP A 100 35.54 -17.13 50.28
N ASP A 101 35.67 -18.39 49.81
CA ASP A 101 36.83 -19.29 49.96
C ASP A 101 37.48 -19.27 51.37
N PHE A 102 36.64 -19.45 52.40
CA PHE A 102 37.05 -19.52 53.80
C PHE A 102 37.14 -20.99 54.23
N LYS A 103 38.37 -21.55 54.26
CA LYS A 103 38.65 -22.93 54.66
C LYS A 103 38.91 -23.03 56.16
N ILE A 104 38.21 -23.97 56.82
CA ILE A 104 38.36 -24.17 58.27
C ILE A 104 39.62 -25.00 58.51
N LYS A 105 40.50 -24.53 59.42
CA LYS A 105 41.77 -25.22 59.74
C LYS A 105 41.80 -25.51 61.22
N LYS A 106 42.83 -26.24 61.68
CA LYS A 106 43.05 -26.53 63.09
C LYS A 106 43.52 -25.22 63.71
N ALA A 107 43.20 -25.00 64.98
CA ALA A 107 43.59 -23.78 65.67
C ALA A 107 43.98 -24.04 67.14
N LYS A 108 44.86 -23.19 67.67
CA LYS A 108 45.28 -23.14 69.08
C LYS A 108 45.06 -21.68 69.50
N LEU A 109 43.80 -21.35 69.82
CA LEU A 109 43.39 -20.01 70.21
C LEU A 109 43.67 -19.78 71.70
N ARG A 110 44.64 -18.87 71.97
CA ARG A 110 45.13 -18.47 73.29
C ARG A 110 45.48 -19.69 74.16
N GLY A 111 46.27 -20.59 73.57
CA GLY A 111 46.74 -21.80 74.21
C GLY A 111 45.79 -22.98 74.22
N VAL A 112 44.56 -22.80 73.68
CA VAL A 112 43.55 -23.87 73.67
C VAL A 112 43.24 -24.36 72.24
N GLU A 113 43.27 -25.71 72.04
CA GLU A 113 43.01 -26.35 70.74
C GLU A 113 41.52 -26.30 70.35
N SER A 114 41.26 -26.05 69.05
CA SER A 114 39.92 -25.91 68.46
C SER A 114 39.88 -26.70 67.14
N PHE A 115 39.00 -27.73 67.08
CA PHE A 115 38.86 -28.65 65.94
C PHE A 115 37.59 -28.40 65.10
N GLY A 116 37.40 -27.14 64.75
CA GLY A 116 36.26 -26.71 63.98
C GLY A 116 35.80 -25.34 64.40
N MET A 117 34.59 -24.96 63.94
CA MET A 117 33.97 -23.67 64.19
C MET A 117 32.44 -23.83 64.17
N LEU A 118 31.76 -23.16 65.10
CA LEU A 118 30.29 -23.13 65.15
C LEU A 118 29.85 -21.87 64.40
N CYS A 119 28.78 -21.94 63.58
CA CYS A 119 28.43 -20.83 62.66
C CYS A 119 27.14 -20.08 62.93
N SER A 120 27.14 -18.84 62.45
CA SER A 120 26.04 -17.91 62.40
C SER A 120 25.46 -18.07 60.99
N ALA A 121 24.20 -17.60 60.83
CA ALA A 121 23.49 -17.61 59.54
C ALA A 121 24.29 -16.76 58.53
N LYS A 122 24.82 -15.60 58.97
CA LYS A 122 25.66 -14.66 58.22
C LYS A 122 26.89 -15.34 57.61
N GLU A 123 27.71 -16.05 58.47
CA GLU A 123 28.90 -16.81 58.10
C GLU A 123 28.60 -17.82 56.98
N LEU A 124 27.37 -18.35 56.93
CA LEU A 124 26.92 -19.35 55.95
C LEU A 124 26.12 -18.79 54.76
N GLN A 125 25.88 -17.46 54.76
CA GLN A 125 25.10 -16.73 53.74
C GLN A 125 23.65 -17.25 53.69
N ILE A 126 23.11 -17.55 54.88
CA ILE A 126 21.74 -18.03 55.12
C ILE A 126 20.84 -16.81 55.39
N SER A 127 21.24 -15.95 56.35
CA SER A 127 20.56 -14.70 56.76
C SER A 127 21.66 -13.65 57.04
N GLU A 128 21.29 -12.45 57.53
CA GLU A 128 22.26 -11.41 57.90
C GLU A 128 22.43 -11.40 59.44
N GLU A 129 21.91 -12.46 60.10
CA GLU A 129 22.00 -12.65 61.55
C GLU A 129 23.40 -13.13 61.96
N ASN A 130 24.25 -12.17 62.38
CA ASN A 130 25.59 -12.44 62.89
C ASN A 130 25.62 -12.27 64.42
N ALA A 131 24.46 -11.88 65.02
CA ALA A 131 24.22 -11.68 66.46
C ALA A 131 24.78 -12.83 67.33
N GLY A 132 24.83 -14.00 66.73
CA GLY A 132 25.34 -15.22 67.34
C GLY A 132 25.14 -16.41 66.42
N LEU A 133 25.35 -17.60 66.99
CA LEU A 133 25.22 -18.88 66.31
C LEU A 133 23.80 -19.14 65.86
N LEU A 134 23.65 -19.69 64.65
CA LEU A 134 22.36 -20.07 64.10
C LEU A 134 21.78 -21.24 64.93
N GLU A 135 20.93 -20.90 65.91
CA GLU A 135 20.27 -21.87 66.79
C GLU A 135 19.29 -22.72 65.99
N LEU A 136 19.49 -24.05 66.03
CA LEU A 136 18.68 -25.04 65.32
C LEU A 136 17.69 -25.74 66.25
N PRO A 137 16.56 -26.26 65.69
CA PRO A 137 15.57 -26.95 66.53
C PRO A 137 16.16 -27.99 67.46
N ALA A 138 15.59 -28.13 68.66
CA ALA A 138 16.06 -29.09 69.66
C ALA A 138 16.14 -30.52 69.14
N ASP A 139 15.30 -30.84 68.15
CA ASP A 139 15.19 -32.15 67.54
C ASP A 139 15.94 -32.29 66.21
N ALA A 140 16.90 -31.38 65.91
CA ALA A 140 17.68 -31.45 64.66
C ALA A 140 18.53 -32.76 64.56
N PRO A 141 18.64 -33.39 63.36
CA PRO A 141 19.43 -34.63 63.23
C PRO A 141 20.93 -34.36 63.26
N VAL A 142 21.57 -34.63 64.41
CA VAL A 142 22.98 -34.32 64.59
C VAL A 142 23.85 -35.26 63.73
N GLY A 143 24.68 -34.61 62.92
CA GLY A 143 25.58 -35.23 61.96
C GLY A 143 25.21 -34.98 60.51
N GLN A 144 23.88 -34.74 60.24
CA GLN A 144 23.33 -34.47 58.91
C GLN A 144 23.89 -33.16 58.32
N ASP A 145 24.15 -33.13 57.00
CA ASP A 145 24.62 -31.92 56.34
C ASP A 145 23.55 -30.82 56.51
N VAL A 146 23.99 -29.66 57.03
CA VAL A 146 23.19 -28.47 57.29
C VAL A 146 22.46 -27.98 56.03
N ARG A 147 23.06 -28.15 54.82
CA ARG A 147 22.41 -27.78 53.55
C ARG A 147 21.16 -28.64 53.32
N THR A 148 21.26 -29.95 53.65
CA THR A 148 20.19 -30.93 53.50
C THR A 148 19.07 -30.62 54.47
N TYR A 149 19.42 -30.50 55.76
CA TYR A 149 18.49 -30.19 56.84
C TYR A 149 17.75 -28.85 56.64
N LEU A 150 18.48 -27.79 56.27
CA LEU A 150 17.91 -26.47 56.08
C LEU A 150 17.38 -26.23 54.68
N GLU A 151 17.37 -27.29 53.83
CA GLU A 151 16.83 -27.29 52.46
C GLU A 151 17.36 -26.09 51.66
N LEU A 152 18.71 -25.94 51.65
CA LEU A 152 19.39 -24.82 50.98
C LEU A 152 19.64 -25.06 49.48
N ALA A 153 19.29 -26.24 48.98
CA ALA A 153 19.32 -26.56 47.56
C ALA A 153 17.86 -26.29 47.11
N ASP A 154 17.58 -25.01 46.87
CA ASP A 154 16.26 -24.52 46.54
C ASP A 154 16.42 -23.20 45.84
N TYR A 155 15.35 -22.78 45.16
CA TYR A 155 15.33 -21.52 44.44
C TYR A 155 14.16 -20.73 44.87
N THR A 156 14.33 -19.43 44.79
CA THR A 156 13.30 -18.43 45.05
C THR A 156 12.85 -17.97 43.65
N ILE A 157 11.56 -18.09 43.33
CA ILE A 157 11.04 -17.66 42.03
C ILE A 157 10.22 -16.39 42.25
N GLU A 158 10.57 -15.32 41.52
CA GLU A 158 9.85 -14.05 41.57
C GLU A 158 9.01 -13.90 40.31
N VAL A 159 7.73 -13.71 40.51
CA VAL A 159 6.72 -13.56 39.48
C VAL A 159 6.17 -12.13 39.53
N GLY A 160 6.08 -11.49 38.36
CA GLY A 160 5.51 -10.16 38.21
C GLY A 160 4.08 -10.34 37.77
N LEU A 161 3.17 -10.36 38.73
CA LEU A 161 1.75 -10.61 38.50
C LEU A 161 1.03 -9.46 37.84
N THR A 162 0.05 -9.82 36.98
CA THR A 162 -0.85 -8.91 36.28
C THR A 162 -1.96 -8.53 37.29
N PRO A 163 -2.49 -7.28 37.27
CA PRO A 163 -3.49 -6.86 38.27
C PRO A 163 -4.73 -7.73 38.44
N ASN A 164 -5.03 -8.60 37.49
CA ASN A 164 -6.18 -9.52 37.55
C ASN A 164 -5.88 -10.81 38.35
N ARG A 165 -4.57 -11.07 38.65
CA ARG A 165 -4.18 -12.30 39.33
C ARG A 165 -3.75 -12.11 40.78
N GLY A 166 -4.59 -11.41 41.52
CA GLY A 166 -4.42 -11.13 42.94
C GLY A 166 -4.49 -12.38 43.79
N ASP A 167 -5.11 -13.43 43.25
CA ASP A 167 -5.25 -14.73 43.90
C ASP A 167 -3.90 -15.47 44.00
N CYS A 168 -2.93 -15.10 43.12
CA CYS A 168 -1.58 -15.66 43.09
C CYS A 168 -0.60 -14.92 43.97
N LEU A 169 -1.12 -14.09 44.89
CA LEU A 169 -0.31 -13.35 45.86
C LEU A 169 -0.09 -14.18 47.12
N SER A 170 -0.03 -15.50 46.94
CA SER A 170 0.16 -16.48 48.01
C SER A 170 0.67 -17.78 47.44
N LEU A 171 1.21 -18.62 48.31
CA LEU A 171 1.66 -19.94 47.95
C LEU A 171 0.45 -20.80 47.61
N ALA A 172 -0.69 -20.61 48.31
CA ALA A 172 -1.94 -21.32 48.04
C ALA A 172 -2.46 -21.00 46.63
N GLY A 173 -2.33 -19.74 46.21
CA GLY A 173 -2.75 -19.25 44.91
C GLY A 173 -1.88 -19.80 43.81
N LEU A 174 -0.55 -19.64 43.94
CA LEU A 174 0.44 -20.16 42.98
C LEU A 174 0.42 -21.68 42.84
N ALA A 175 0.23 -22.41 43.95
CA ALA A 175 0.17 -23.88 43.92
C ALA A 175 -1.07 -24.39 43.22
N ARG A 176 -2.19 -23.65 43.30
CA ARG A 176 -3.44 -24.01 42.63
C ARG A 176 -3.25 -23.89 41.12
N GLU A 177 -2.49 -22.88 40.68
CA GLU A 177 -2.16 -22.64 39.29
C GLU A 177 -1.33 -23.77 38.75
N VAL A 178 -0.24 -24.13 39.47
CA VAL A 178 0.66 -25.21 39.10
C VAL A 178 -0.13 -26.52 38.90
N SER A 179 -0.98 -26.86 39.89
CA SER A 179 -1.85 -28.03 39.83
C SER A 179 -2.70 -28.04 38.58
N ALA A 180 -3.21 -26.86 38.14
CA ALA A 180 -4.02 -26.72 36.94
C ALA A 180 -3.13 -26.85 35.69
N ILE A 181 -2.01 -26.08 35.63
CA ILE A 181 -1.03 -26.07 34.52
C ILE A 181 -0.59 -27.47 34.19
N TYR A 182 -0.24 -28.22 35.20
CA TYR A 182 0.34 -29.55 35.10
C TYR A 182 -0.59 -30.70 35.36
N ASP A 183 -1.87 -30.42 35.70
CA ASP A 183 -2.83 -31.48 36.00
C ASP A 183 -2.24 -32.49 37.01
N VAL A 184 -1.80 -31.96 38.15
CA VAL A 184 -1.21 -32.75 39.23
C VAL A 184 -2.05 -32.55 40.51
N PRO A 185 -2.17 -33.54 41.44
CA PRO A 185 -2.94 -33.29 42.68
C PRO A 185 -2.42 -32.09 43.49
N LEU A 186 -3.34 -31.42 44.17
CA LEU A 186 -3.07 -30.25 45.01
C LEU A 186 -3.36 -30.65 46.45
N ALA A 187 -2.30 -30.66 47.30
CA ALA A 187 -2.35 -31.01 48.71
C ALA A 187 -2.25 -29.73 49.55
N PRO A 188 -3.37 -28.98 49.81
CA PRO A 188 -3.26 -27.76 50.61
C PRO A 188 -3.03 -28.13 52.07
N VAL A 189 -2.44 -27.19 52.84
CA VAL A 189 -2.22 -27.44 54.25
C VAL A 189 -3.62 -27.67 54.94
N ALA A 190 -3.73 -28.82 55.65
CA ALA A 190 -4.94 -29.19 56.39
C ALA A 190 -4.98 -28.25 57.59
N VAL A 191 -6.07 -27.46 57.68
CA VAL A 191 -6.19 -26.48 58.75
C VAL A 191 -7.33 -26.88 59.66
N ASP A 192 -6.98 -27.49 60.77
CA ASP A 192 -7.92 -27.91 61.78
C ASP A 192 -8.34 -26.71 62.60
N ALA A 193 -9.60 -26.66 62.97
CA ALA A 193 -10.13 -25.61 63.82
C ALA A 193 -9.49 -25.77 65.19
N VAL A 194 -9.03 -24.65 65.77
CA VAL A 194 -8.45 -24.65 67.10
C VAL A 194 -9.62 -24.44 68.06
N ALA A 195 -9.82 -25.38 68.96
CA ALA A 195 -10.88 -25.30 69.99
C ALA A 195 -10.57 -24.22 71.02
N ALA A 196 -11.58 -23.41 71.38
CA ALA A 196 -11.51 -22.38 72.41
C ALA A 196 -11.23 -23.05 73.77
N GLN A 197 -10.36 -22.45 74.57
CA GLN A 197 -9.98 -22.92 75.90
C GLN A 197 -10.68 -22.09 76.97
N HIS A 198 -11.33 -20.97 76.56
CA HIS A 198 -12.10 -20.04 77.40
C HIS A 198 -13.19 -19.35 76.55
N ASP A 199 -13.95 -18.43 77.14
CA ASP A 199 -15.07 -17.75 76.48
C ASP A 199 -14.87 -16.25 76.30
N GLU A 200 -13.66 -15.76 76.58
CA GLU A 200 -13.35 -14.34 76.42
C GLU A 200 -13.31 -13.95 74.95
N THR A 201 -14.10 -12.92 74.63
CA THR A 201 -14.25 -12.33 73.32
C THR A 201 -14.22 -10.82 73.48
N ARG A 202 -14.32 -10.11 72.38
CA ARG A 202 -14.48 -8.68 72.29
C ARG A 202 -15.56 -8.48 71.23
N PRO A 203 -16.57 -7.60 71.48
CA PRO A 203 -17.61 -7.33 70.45
C PRO A 203 -17.01 -6.66 69.21
N VAL A 204 -17.62 -6.92 68.04
CA VAL A 204 -17.19 -6.37 66.76
C VAL A 204 -18.41 -5.72 66.13
N GLU A 205 -18.25 -4.49 65.63
CA GLU A 205 -19.33 -3.77 64.98
C GLU A 205 -18.93 -3.38 63.59
N LEU A 206 -19.76 -3.71 62.59
CA LEU A 206 -19.51 -3.34 61.21
C LEU A 206 -20.34 -2.10 60.95
N ALA A 207 -19.77 -0.94 61.23
CA ALA A 207 -20.41 0.36 61.03
C ALA A 207 -20.41 0.78 59.55
N ALA A 208 -19.52 0.16 58.71
CA ALA A 208 -19.42 0.39 57.25
C ALA A 208 -19.34 -1.01 56.58
N PRO A 209 -20.50 -1.70 56.45
CA PRO A 209 -20.48 -3.09 55.96
C PRO A 209 -20.21 -3.25 54.47
N ALA A 210 -20.35 -2.16 53.70
CA ALA A 210 -20.06 -2.19 52.27
C ALA A 210 -18.54 -2.21 52.07
N ALA A 211 -17.77 -1.58 52.98
CA ALA A 211 -16.31 -1.58 52.87
C ALA A 211 -15.68 -2.82 53.55
N CYS A 212 -16.38 -3.37 54.55
CA CYS A 212 -15.97 -4.58 55.25
C CYS A 212 -17.20 -5.46 55.52
N PRO A 213 -17.55 -6.37 54.58
CA PRO A 213 -18.72 -7.25 54.82
C PRO A 213 -18.43 -8.43 55.73
N ARG A 214 -17.16 -8.67 56.09
CA ARG A 214 -16.76 -9.74 57.00
C ARG A 214 -15.56 -9.37 57.79
N TYR A 215 -15.65 -9.55 59.13
CA TYR A 215 -14.54 -9.31 60.08
C TYR A 215 -14.52 -10.40 61.13
N LEU A 216 -13.36 -11.03 61.33
CA LEU A 216 -13.13 -12.09 62.33
C LEU A 216 -12.13 -11.60 63.39
N GLY A 217 -12.51 -11.79 64.63
CA GLY A 217 -11.72 -11.37 65.79
C GLY A 217 -11.55 -12.49 66.80
N ARG A 218 -10.37 -12.56 67.42
CA ARG A 218 -10.12 -13.66 68.35
C ARG A 218 -9.18 -13.24 69.44
N VAL A 219 -9.54 -13.59 70.68
CA VAL A 219 -8.73 -13.31 71.87
C VAL A 219 -7.76 -14.47 72.09
N ILE A 220 -6.48 -14.14 72.27
CA ILE A 220 -5.44 -15.10 72.65
C ILE A 220 -4.78 -14.57 73.92
N ARG A 221 -5.03 -15.27 75.03
CA ARG A 221 -4.54 -14.88 76.34
C ARG A 221 -3.21 -15.49 76.66
N ASN A 222 -2.42 -14.76 77.47
CA ASN A 222 -1.16 -15.14 78.10
C ASN A 222 -0.14 -15.74 77.14
N VAL A 223 0.24 -14.93 76.16
CA VAL A 223 1.27 -15.22 75.15
C VAL A 223 2.65 -14.81 75.69
N ASP A 224 3.69 -15.61 75.42
CA ASP A 224 5.07 -15.30 75.82
C ASP A 224 5.84 -14.81 74.56
N LEU A 225 5.80 -13.49 74.36
CA LEU A 225 6.38 -12.82 73.21
C LEU A 225 7.92 -12.78 73.17
N SER A 226 8.55 -13.32 74.21
CA SER A 226 10.02 -13.40 74.29
C SER A 226 10.51 -14.62 73.50
N ARG A 227 9.60 -15.57 73.16
CA ARG A 227 9.94 -16.80 72.43
C ARG A 227 10.31 -16.53 70.97
N PRO A 228 11.24 -17.32 70.38
CA PRO A 228 11.67 -17.02 68.99
C PRO A 228 10.75 -17.53 67.90
N THR A 229 10.88 -16.93 66.72
CA THR A 229 10.18 -17.40 65.53
C THR A 229 10.93 -18.68 65.10
N PRO A 230 10.25 -19.83 64.85
CA PRO A 230 10.96 -21.04 64.42
C PRO A 230 11.67 -20.84 63.08
N LEU A 231 12.82 -21.52 62.90
CA LEU A 231 13.66 -21.40 61.70
C LEU A 231 12.91 -21.72 60.39
N TRP A 232 12.07 -22.77 60.36
CA TRP A 232 11.31 -23.10 59.17
C TRP A 232 10.47 -21.89 58.69
N MET A 233 9.89 -21.11 59.64
CA MET A 233 9.09 -19.95 59.30
C MET A 233 9.92 -18.77 58.84
N VAL A 234 11.09 -18.54 59.48
CA VAL A 234 12.02 -17.47 59.12
C VAL A 234 12.49 -17.67 57.68
N GLU A 235 12.84 -18.92 57.33
CA GLU A 235 13.31 -19.28 56.01
C GLU A 235 12.22 -19.13 54.93
N ARG A 236 10.99 -19.60 55.23
CA ARG A 236 9.85 -19.46 54.31
C ARG A 236 9.51 -18.00 54.04
N LEU A 237 9.54 -17.17 55.09
CA LEU A 237 9.33 -15.74 54.94
C LEU A 237 10.47 -15.09 54.15
N ARG A 238 11.74 -15.43 54.47
CA ARG A 238 12.95 -14.89 53.84
C ARG A 238 12.97 -15.18 52.32
N ARG A 239 12.59 -16.41 51.98
CA ARG A 239 12.51 -16.85 50.60
C ARG A 239 11.34 -16.14 49.83
N SER A 240 10.54 -15.31 50.52
CA SER A 240 9.45 -14.52 49.93
C SER A 240 9.72 -13.01 50.11
N ASP A 241 10.97 -12.69 50.49
CA ASP A 241 11.51 -11.34 50.75
C ASP A 241 10.93 -10.68 52.00
N ILE A 242 10.41 -11.48 52.94
CA ILE A 242 9.90 -10.95 54.20
C ILE A 242 10.91 -11.17 55.30
N ARG A 243 11.38 -10.06 55.89
CA ARG A 243 12.32 -10.01 57.00
C ARG A 243 11.54 -10.38 58.28
N SER A 244 12.10 -11.29 59.08
CA SER A 244 11.60 -11.71 60.39
C SER A 244 11.77 -10.52 61.35
N ILE A 245 10.70 -10.13 62.08
CA ILE A 245 10.79 -8.99 63.01
C ILE A 245 10.49 -9.43 64.46
N ASP A 246 9.34 -10.05 64.70
CA ASP A 246 8.86 -10.54 65.99
C ASP A 246 7.87 -11.70 65.79
N PRO A 247 7.77 -12.66 66.75
CA PRO A 247 6.92 -13.83 66.53
C PRO A 247 5.50 -13.58 65.97
N VAL A 248 4.75 -12.62 66.53
CA VAL A 248 3.37 -12.36 66.14
C VAL A 248 3.28 -11.77 64.75
N VAL A 249 4.09 -10.76 64.41
CA VAL A 249 4.10 -10.16 63.06
C VAL A 249 4.52 -11.21 62.03
N ASP A 250 5.50 -12.07 62.41
CA ASP A 250 6.03 -13.14 61.60
C ASP A 250 4.94 -14.11 61.24
N VAL A 251 4.12 -14.53 62.22
CA VAL A 251 2.98 -15.43 61.96
C VAL A 251 1.96 -14.77 61.00
N THR A 252 1.54 -13.52 61.26
CA THR A 252 0.52 -12.87 60.43
C THR A 252 1.03 -12.70 58.98
N ASN A 253 2.33 -12.34 58.83
CA ASN A 253 2.95 -12.21 57.52
C ASN A 253 3.02 -13.58 56.86
N TYR A 254 3.43 -14.61 57.61
CA TYR A 254 3.50 -15.97 57.11
C TYR A 254 2.16 -16.46 56.63
N VAL A 255 1.10 -16.31 57.42
CA VAL A 255 -0.27 -16.73 57.08
C VAL A 255 -0.72 -16.06 55.73
N MET A 256 -0.35 -14.78 55.54
CA MET A 256 -0.67 -13.97 54.36
C MET A 256 0.03 -14.49 53.11
N ILE A 257 1.31 -14.80 53.25
CA ILE A 257 2.12 -15.30 52.16
C ILE A 257 1.77 -16.77 51.86
N GLU A 258 1.36 -17.55 52.87
CA GLU A 258 0.96 -18.95 52.69
C GLU A 258 -0.43 -19.09 52.07
N LEU A 259 -1.43 -18.42 52.67
CA LEU A 259 -2.83 -18.55 52.25
C LEU A 259 -3.40 -17.40 51.42
N GLY A 260 -2.80 -16.22 51.53
CA GLY A 260 -3.23 -15.02 50.83
C GLY A 260 -4.03 -14.08 51.70
N GLN A 261 -4.21 -14.42 52.99
CA GLN A 261 -5.00 -13.59 53.89
C GLN A 261 -4.16 -12.64 54.75
N PRO A 262 -4.19 -11.30 54.48
CA PRO A 262 -3.50 -10.37 55.37
C PRO A 262 -4.20 -10.39 56.71
N MET A 263 -3.42 -10.38 57.79
CA MET A 263 -3.97 -10.41 59.14
C MET A 263 -3.25 -9.42 59.96
N HIS A 264 -3.81 -9.11 61.11
CA HIS A 264 -3.24 -8.15 62.04
C HIS A 264 -3.51 -8.55 63.49
N ALA A 265 -2.53 -8.32 64.37
CA ALA A 265 -2.66 -8.56 65.81
C ALA A 265 -2.51 -7.24 66.55
N PHE A 266 -3.45 -6.99 67.46
CA PHE A 266 -3.46 -5.84 68.34
C PHE A 266 -3.07 -6.34 69.74
N ASP A 267 -2.59 -5.42 70.60
CA ASP A 267 -2.38 -5.69 72.01
C ASP A 267 -3.81 -5.51 72.58
N LEU A 268 -4.41 -6.59 73.13
CA LEU A 268 -5.77 -6.60 73.66
C LEU A 268 -6.01 -5.49 74.69
N ALA A 269 -4.98 -5.16 75.49
CA ALA A 269 -5.00 -4.11 76.51
C ALA A 269 -5.20 -2.71 75.93
N GLU A 270 -4.93 -2.56 74.63
CA GLU A 270 -5.02 -1.28 73.94
C GLU A 270 -6.37 -1.08 73.24
N ILE A 271 -7.31 -2.03 73.46
CA ILE A 271 -8.66 -2.02 72.90
C ILE A 271 -9.67 -1.67 73.97
N ASN A 272 -10.25 -0.47 73.82
CA ASN A 272 -11.27 0.03 74.70
C ASN A 272 -12.65 -0.29 74.15
N GLY A 273 -13.25 -1.28 74.79
CA GLY A 273 -14.62 -1.74 74.61
C GLY A 273 -15.06 -2.21 73.26
N GLY A 274 -14.39 -3.20 72.71
CA GLY A 274 -14.81 -3.76 71.44
C GLY A 274 -14.42 -2.97 70.21
N VAL A 275 -14.36 -3.70 69.09
CA VAL A 275 -13.96 -3.23 67.77
C VAL A 275 -15.15 -2.64 67.04
N ARG A 276 -14.88 -1.53 66.33
CA ARG A 276 -15.81 -0.76 65.50
C ARG A 276 -15.11 -0.58 64.13
N VAL A 277 -15.65 -1.20 63.08
CA VAL A 277 -15.10 -1.10 61.72
C VAL A 277 -15.91 0.00 61.08
N ARG A 278 -15.28 1.17 60.94
CA ARG A 278 -15.97 2.37 60.45
C ARG A 278 -15.12 3.28 59.59
N MET A 279 -15.79 4.29 58.99
CA MET A 279 -15.10 5.30 58.23
C MET A 279 -14.45 6.26 59.23
N ALA A 280 -13.34 6.87 58.80
CA ALA A 280 -12.67 7.87 59.62
C ALA A 280 -13.54 9.13 59.64
N GLU A 281 -13.42 9.93 60.70
CA GLU A 281 -14.07 11.25 60.73
C GLU A 281 -13.05 12.11 59.95
N ASP A 282 -13.53 13.14 59.17
CA ASP A 282 -12.63 14.02 58.41
C ASP A 282 -11.67 14.77 59.38
N GLY A 283 -10.37 14.61 59.12
CA GLY A 283 -9.30 15.20 59.91
C GLY A 283 -8.86 14.37 61.12
N GLU A 284 -9.42 13.14 61.32
CA GLU A 284 -9.03 12.23 62.41
C GLU A 284 -7.57 11.85 62.21
N LYS A 285 -6.80 11.91 63.29
CA LYS A 285 -5.36 11.64 63.26
C LYS A 285 -4.98 10.30 63.82
N LEU A 286 -4.09 9.59 63.09
CA LEU A 286 -3.57 8.28 63.50
C LEU A 286 -2.07 8.17 63.26
N VAL A 287 -1.33 7.77 64.29
CA VAL A 287 0.10 7.51 64.19
C VAL A 287 0.26 6.02 63.90
N LEU A 288 0.88 5.71 62.77
CA LEU A 288 1.09 4.33 62.28
C LEU A 288 2.24 3.63 62.99
N LEU A 289 2.39 2.30 62.79
CA LEU A 289 3.45 1.59 63.50
C LEU A 289 4.84 2.07 63.10
N ASP A 290 4.97 2.68 61.91
CA ASP A 290 6.22 3.22 61.36
C ASP A 290 6.49 4.70 61.77
N GLY A 291 5.66 5.25 62.66
CA GLY A 291 5.77 6.62 63.16
C GLY A 291 5.10 7.71 62.36
N GLN A 292 4.64 7.39 61.12
CA GLN A 292 3.96 8.35 60.26
C GLN A 292 2.63 8.82 60.85
N GLU A 293 2.41 10.16 60.90
CA GLU A 293 1.17 10.71 61.43
C GLU A 293 0.28 11.08 60.27
N ILE A 294 -0.77 10.28 60.07
CA ILE A 294 -1.69 10.44 58.97
C ILE A 294 -2.94 11.22 59.41
N THR A 295 -3.37 12.15 58.55
CA THR A 295 -4.55 12.97 58.74
C THR A 295 -5.58 12.39 57.79
N LEU A 296 -6.55 11.68 58.37
CA LEU A 296 -7.52 10.90 57.61
C LEU A 296 -8.69 11.71 57.00
N ARG A 297 -9.29 11.09 55.97
CA ARG A 297 -10.42 11.53 55.19
C ARG A 297 -11.63 10.61 55.49
N ALA A 298 -12.85 11.13 55.39
CA ALA A 298 -14.09 10.38 55.63
C ALA A 298 -14.34 9.20 54.67
N ASP A 299 -13.55 9.08 53.61
CA ASP A 299 -13.68 8.00 52.62
C ASP A 299 -12.83 6.77 52.99
N THR A 300 -12.08 6.85 54.08
CA THR A 300 -11.14 5.82 54.49
C THR A 300 -11.67 4.99 55.62
N LEU A 301 -11.61 3.66 55.40
CA LEU A 301 -12.02 2.69 56.38
C LEU A 301 -10.89 2.46 57.39
N VAL A 302 -11.23 2.59 58.66
CA VAL A 302 -10.33 2.40 59.77
C VAL A 302 -10.87 1.27 60.68
N ILE A 303 -9.98 0.69 61.46
CA ILE A 303 -10.36 -0.23 62.50
C ILE A 303 -10.21 0.66 63.70
N ALA A 304 -11.31 0.85 64.40
CA ALA A 304 -11.39 1.69 65.56
C ALA A 304 -11.94 0.86 66.74
N ASP A 305 -11.78 1.38 67.96
CA ASP A 305 -12.38 0.81 69.15
C ASP A 305 -13.49 1.84 69.51
N HIS A 306 -13.95 1.90 70.76
CA HIS A 306 -15.01 2.85 71.11
C HIS A 306 -14.48 4.22 71.47
N GLN A 307 -13.15 4.32 71.63
CA GLN A 307 -12.43 5.55 71.97
C GLN A 307 -11.81 6.27 70.75
N ARG A 308 -11.01 5.53 69.92
CA ARG A 308 -10.23 6.07 68.81
C ARG A 308 -9.96 5.08 67.67
N ALA A 309 -9.36 5.57 66.58
CA ALA A 309 -8.94 4.75 65.44
C ALA A 309 -7.64 4.00 65.85
N LEU A 310 -7.58 2.69 65.56
CA LEU A 310 -6.48 1.80 65.90
C LEU A 310 -5.57 1.48 64.70
N ALA A 311 -6.15 1.41 63.49
CA ALA A 311 -5.40 1.05 62.28
C ALA A 311 -6.14 1.61 61.08
N ILE A 312 -5.43 1.79 59.94
CA ILE A 312 -6.11 2.15 58.69
C ILE A 312 -6.42 0.76 58.11
N ALA A 313 -7.73 0.40 58.05
CA ALA A 313 -8.18 -0.92 57.64
C ALA A 313 -7.58 -1.44 56.37
N GLY A 314 -6.98 -2.60 56.51
CA GLY A 314 -6.35 -3.34 55.42
C GLY A 314 -5.10 -2.74 54.84
N VAL A 315 -4.48 -1.77 55.53
CA VAL A 315 -3.27 -1.17 54.96
C VAL A 315 -2.18 -1.22 56.02
N MET A 316 -2.36 -0.54 57.16
CA MET A 316 -1.36 -0.53 58.23
C MET A 316 -1.97 -0.25 59.60
N GLY A 317 -1.39 -0.87 60.62
CA GLY A 317 -1.77 -0.70 62.01
C GLY A 317 -1.18 0.55 62.66
N GLY A 318 -1.81 0.97 63.76
CA GLY A 318 -1.34 2.10 64.54
C GLY A 318 -0.25 1.71 65.53
N GLU A 319 0.48 2.71 66.03
CA GLU A 319 1.58 2.48 66.96
C GLU A 319 1.06 2.02 68.32
N HIS A 320 0.13 2.77 68.88
CA HIS A 320 -0.49 2.56 70.17
C HIS A 320 -1.12 1.16 70.36
N SER A 321 -2.01 0.76 69.45
CA SER A 321 -2.75 -0.50 69.45
C SER A 321 -1.94 -1.76 69.16
N GLY A 322 -0.77 -1.58 68.57
CA GLY A 322 0.12 -2.67 68.19
C GLY A 322 0.81 -3.35 69.34
N VAL A 323 1.33 -4.55 69.05
CA VAL A 323 2.05 -5.39 70.00
C VAL A 323 3.41 -4.80 70.33
N SER A 324 3.80 -4.87 71.61
CA SER A 324 5.08 -4.42 72.13
C SER A 324 5.60 -5.54 73.03
N ASP A 325 6.72 -5.31 73.73
CA ASP A 325 7.29 -6.32 74.64
C ASP A 325 6.40 -6.56 75.87
N SER A 326 5.75 -5.49 76.37
CA SER A 326 4.82 -5.49 77.50
C SER A 326 3.49 -6.30 77.21
N THR A 327 3.20 -6.66 75.93
CA THR A 327 1.99 -7.39 75.54
C THR A 327 1.93 -8.79 76.16
N ARG A 328 0.76 -9.10 76.78
CA ARG A 328 0.52 -10.39 77.40
C ARG A 328 -0.62 -11.12 76.73
N ASP A 329 -1.52 -10.36 76.08
CA ASP A 329 -2.72 -10.86 75.41
C ASP A 329 -2.95 -10.17 74.07
N LEU A 330 -3.44 -10.98 73.09
CA LEU A 330 -3.68 -10.52 71.72
C LEU A 330 -5.11 -10.55 71.33
N PHE A 331 -5.43 -9.74 70.30
CA PHE A 331 -6.68 -9.72 69.59
C PHE A 331 -6.33 -9.85 68.14
N LEU A 332 -6.53 -11.06 67.59
CA LEU A 332 -6.25 -11.34 66.19
C LEU A 332 -7.37 -10.89 65.31
N GLU A 333 -7.02 -10.35 64.14
CA GLU A 333 -7.98 -9.91 63.13
C GLU A 333 -7.69 -10.54 61.75
N ALA A 334 -8.75 -11.04 61.09
CA ALA A 334 -8.76 -11.54 59.73
C ALA A 334 -10.09 -11.04 59.14
N ALA A 335 -10.03 -10.13 58.18
CA ALA A 335 -11.21 -9.53 57.56
C ALA A 335 -11.17 -9.55 56.04
N PHE A 336 -12.32 -9.31 55.41
CA PHE A 336 -12.42 -9.11 53.98
C PHE A 336 -12.81 -7.65 53.82
N PHE A 337 -12.01 -6.92 53.05
CA PHE A 337 -12.27 -5.53 52.71
C PHE A 337 -12.57 -5.48 51.24
N ASP A 338 -13.66 -4.79 50.86
CA ASP A 338 -14.09 -4.66 49.47
C ASP A 338 -12.97 -3.98 48.62
N THR A 339 -12.70 -4.51 47.42
CA THR A 339 -11.65 -3.98 46.54
C THR A 339 -11.87 -2.51 46.13
N ILE A 340 -13.11 -2.19 45.77
CA ILE A 340 -13.49 -0.89 45.30
C ILE A 340 -13.31 0.16 46.38
N ALA A 341 -13.76 -0.13 47.60
CA ALA A 341 -13.68 0.75 48.76
C ALA A 341 -12.23 1.05 49.20
N LEU A 342 -11.31 0.11 48.91
CA LEU A 342 -9.90 0.22 49.27
C LEU A 342 -9.00 0.77 48.16
N ALA A 343 -9.50 0.80 46.92
CA ALA A 343 -8.79 1.27 45.73
C ALA A 343 -8.15 2.66 45.86
N GLY A 344 -6.82 2.69 45.69
CA GLY A 344 -5.96 3.86 45.73
C GLY A 344 -5.82 4.57 47.06
N LYS A 345 -6.45 4.02 48.12
CA LYS A 345 -6.46 4.65 49.44
C LYS A 345 -5.08 4.68 50.09
N ALA A 346 -4.29 3.60 49.99
CA ALA A 346 -2.94 3.59 50.57
C ALA A 346 -2.08 4.64 49.84
N ARG A 347 -2.11 4.64 48.48
CA ARG A 347 -1.36 5.59 47.65
C ARG A 347 -1.62 7.06 47.98
N SER A 348 -2.88 7.39 48.33
CA SER A 348 -3.31 8.73 48.67
C SER A 348 -2.71 9.24 49.98
N TYR A 349 -2.20 8.33 50.82
CA TYR A 349 -1.55 8.69 52.07
C TYR A 349 -0.03 8.44 51.96
N GLY A 350 0.41 8.09 50.75
CA GLY A 350 1.79 7.75 50.40
C GLY A 350 2.26 6.41 50.92
N LEU A 351 1.31 5.47 51.14
CA LEU A 351 1.62 4.15 51.70
C LEU A 351 1.41 3.01 50.71
N HIS A 352 2.15 1.90 50.90
CA HIS A 352 2.01 0.69 50.12
C HIS A 352 2.49 -0.45 50.96
N THR A 353 1.59 -1.36 51.31
CA THR A 353 1.94 -2.53 52.13
C THR A 353 1.54 -3.79 51.40
N ASP A 354 2.02 -4.96 51.91
CA ASP A 354 1.67 -6.27 51.35
C ASP A 354 0.16 -6.50 51.53
N SER A 355 -0.40 -5.94 52.61
CA SER A 355 -1.82 -5.99 52.95
C SER A 355 -2.62 -5.13 52.00
N SER A 356 -2.23 -3.84 51.84
CA SER A 356 -2.97 -2.93 50.91
C SER A 356 -3.02 -3.51 49.49
N HIS A 357 -1.89 -4.05 49.02
CA HIS A 357 -1.78 -4.65 47.72
C HIS A 357 -2.76 -5.80 47.50
N ARG A 358 -2.77 -6.76 48.43
CA ARG A 358 -3.63 -7.93 48.42
C ARG A 358 -5.10 -7.58 48.47
N PHE A 359 -5.49 -6.69 49.39
CA PHE A 359 -6.88 -6.27 49.48
C PHE A 359 -7.37 -5.48 48.25
N GLU A 360 -6.49 -4.66 47.64
CA GLU A 360 -6.85 -3.88 46.43
C GLU A 360 -7.02 -4.79 45.25
N ARG A 361 -6.16 -5.77 45.13
CA ARG A 361 -6.20 -6.78 44.07
C ARG A 361 -7.34 -7.82 44.32
N GLY A 362 -7.76 -7.97 45.58
CA GLY A 362 -8.80 -8.92 45.96
C GLY A 362 -8.28 -10.10 46.77
N VAL A 363 -8.85 -10.30 47.93
CA VAL A 363 -8.53 -11.43 48.82
C VAL A 363 -9.81 -12.26 48.87
N ASP A 364 -9.69 -13.60 48.76
CA ASP A 364 -10.80 -14.54 48.82
C ASP A 364 -11.72 -14.15 49.99
N SER A 365 -12.99 -13.80 49.69
CA SER A 365 -13.98 -13.33 50.66
C SER A 365 -14.38 -14.39 51.70
N GLN A 366 -14.04 -15.67 51.45
CA GLN A 366 -14.38 -16.76 52.36
C GLN A 366 -13.20 -17.25 53.20
N LEU A 367 -12.02 -16.72 52.95
CA LEU A 367 -10.76 -17.16 53.51
C LEU A 367 -10.49 -16.86 54.95
N ALA A 368 -11.02 -15.72 55.48
CA ALA A 368 -10.80 -15.26 56.85
C ALA A 368 -10.80 -16.38 57.91
N ARG A 369 -11.80 -17.28 57.88
CA ARG A 369 -11.93 -18.34 58.87
C ARG A 369 -10.76 -19.37 58.89
N LYS A 370 -10.37 -19.90 57.71
CA LYS A 370 -9.28 -20.88 57.55
C LYS A 370 -8.00 -20.24 58.03
N ALA A 371 -7.75 -18.97 57.60
CA ALA A 371 -6.58 -18.17 57.98
C ALA A 371 -6.53 -17.90 59.49
N MET A 372 -7.70 -17.59 60.09
CA MET A 372 -7.79 -17.36 61.53
C MET A 372 -7.37 -18.59 62.31
N GLU A 373 -7.85 -19.79 61.90
CA GLU A 373 -7.52 -21.06 62.55
C GLU A 373 -6.03 -21.39 62.39
N ARG A 374 -5.49 -21.13 61.19
CA ARG A 374 -4.08 -21.34 60.88
C ARG A 374 -3.17 -20.46 61.77
N ALA A 375 -3.51 -19.15 61.88
CA ALA A 375 -2.74 -18.20 62.66
C ALA A 375 -2.83 -18.53 64.15
N THR A 376 -4.00 -19.01 64.61
CA THR A 376 -4.17 -19.39 66.01
C THR A 376 -3.23 -20.53 66.36
N ARG A 377 -3.23 -21.62 65.57
CA ARG A 377 -2.38 -22.79 65.79
C ARG A 377 -0.91 -22.38 65.84
N LEU A 378 -0.50 -21.50 64.93
CA LEU A 378 0.88 -21.02 64.85
C LEU A 378 1.24 -20.15 66.04
N ILE A 379 0.32 -19.28 66.49
CA ILE A 379 0.55 -18.43 67.66
C ILE A 379 0.73 -19.32 68.90
N LEU A 380 -0.17 -20.28 69.13
CA LEU A 380 -0.08 -21.19 70.26
C LEU A 380 1.17 -22.05 70.21
N ASP A 381 1.63 -22.38 69.01
CA ASP A 381 2.84 -23.19 68.83
C ASP A 381 4.09 -22.38 69.09
N ILE A 382 4.13 -21.11 68.63
CA ILE A 382 5.30 -20.24 68.72
C ILE A 382 5.40 -19.55 70.10
N VAL A 383 4.30 -18.91 70.57
CA VAL A 383 4.32 -18.10 71.80
C VAL A 383 3.38 -18.59 72.92
N GLY A 384 2.74 -19.74 72.72
CA GLY A 384 1.80 -20.28 73.69
C GLY A 384 0.54 -19.42 73.78
N GLY A 385 -0.18 -19.58 74.88
CA GLY A 385 -1.41 -18.84 75.09
C GLY A 385 -2.63 -19.72 75.11
N GLU A 386 -3.77 -19.12 75.34
CA GLU A 386 -5.05 -19.81 75.40
C GLU A 386 -6.03 -19.11 74.46
N PRO A 387 -6.60 -19.82 73.47
CA PRO A 387 -7.51 -19.16 72.53
C PRO A 387 -8.95 -19.12 73.00
N GLY A 388 -9.64 -18.02 72.70
CA GLY A 388 -11.05 -17.86 73.01
C GLY A 388 -11.82 -18.23 71.77
N PRO A 389 -13.16 -18.09 71.75
CA PRO A 389 -13.89 -18.41 70.52
C PRO A 389 -13.71 -17.31 69.46
N ILE A 390 -13.95 -17.66 68.19
CA ILE A 390 -13.86 -16.70 67.10
C ILE A 390 -15.17 -15.88 67.10
N VAL A 391 -15.03 -14.56 66.99
CA VAL A 391 -16.14 -13.63 66.81
C VAL A 391 -16.15 -13.31 65.33
N GLU A 392 -17.23 -13.70 64.65
CA GLU A 392 -17.42 -13.45 63.23
C GLU A 392 -18.62 -12.53 63.09
N GLN A 393 -18.36 -11.33 62.57
CA GLN A 393 -19.38 -10.34 62.29
C GLN A 393 -19.43 -10.28 60.77
N VAL A 394 -20.59 -10.57 60.19
CA VAL A 394 -20.75 -10.61 58.72
C VAL A 394 -22.03 -9.85 58.26
N SER A 395 -21.98 -9.27 57.08
CA SER A 395 -23.08 -8.55 56.45
C SER A 395 -23.36 -9.27 55.15
N GLU A 396 -24.28 -10.25 55.23
CA GLU A 396 -24.70 -11.10 54.12
C GLU A 396 -25.06 -10.33 52.86
N ALA A 397 -25.65 -9.12 53.03
CA ALA A 397 -26.08 -8.23 51.96
C ALA A 397 -24.93 -7.62 51.13
N HIS A 398 -23.75 -7.45 51.74
CA HIS A 398 -22.62 -6.82 51.07
C HIS A 398 -21.50 -7.75 50.67
N LEU A 399 -21.67 -9.07 50.89
CA LEU A 399 -20.69 -10.08 50.48
C LEU A 399 -20.60 -10.08 48.93
N PRO A 400 -19.39 -10.18 48.32
CA PRO A 400 -19.33 -10.22 46.84
C PRO A 400 -20.00 -11.48 46.28
N LYS A 401 -20.82 -11.35 45.20
CA LYS A 401 -21.54 -12.47 44.57
C LYS A 401 -21.43 -12.42 43.05
N VAL A 402 -20.92 -13.51 42.44
CA VAL A 402 -20.78 -13.62 40.98
C VAL A 402 -21.78 -14.67 40.50
N ALA A 403 -22.67 -14.27 39.57
CA ALA A 403 -23.67 -15.17 38.97
C ALA A 403 -22.98 -16.25 38.14
N PRO A 404 -23.54 -17.49 38.04
CA PRO A 404 -22.94 -18.48 37.12
C PRO A 404 -22.93 -17.98 35.67
N ILE A 405 -21.90 -18.39 34.94
CA ILE A 405 -21.66 -18.00 33.56
C ILE A 405 -21.96 -19.17 32.66
N THR A 406 -22.69 -18.91 31.55
CA THR A 406 -22.92 -19.97 30.59
C THR A 406 -21.81 -19.91 29.50
N LEU A 407 -21.08 -21.03 29.33
CA LEU A 407 -20.01 -21.23 28.37
C LEU A 407 -20.48 -22.16 27.28
N ARG A 408 -20.36 -21.72 26.03
CA ARG A 408 -20.75 -22.48 24.83
C ARG A 408 -19.49 -22.95 24.09
N ALA A 409 -19.42 -24.26 23.83
CA ALA A 409 -18.32 -24.92 23.09
C ALA A 409 -18.05 -24.29 21.71
N GLU A 410 -19.09 -23.80 21.03
CA GLU A 410 -18.98 -23.18 19.72
C GLU A 410 -18.27 -21.82 19.83
N ARG A 411 -18.45 -21.13 20.96
CA ARG A 411 -17.78 -19.86 21.23
C ARG A 411 -16.28 -20.09 21.53
N VAL A 412 -15.93 -21.25 22.11
CA VAL A 412 -14.52 -21.63 22.39
C VAL A 412 -13.83 -21.95 21.06
N THR A 413 -14.48 -22.80 20.21
CA THR A 413 -13.96 -23.22 18.89
C THR A 413 -13.74 -21.99 18.00
N GLN A 414 -14.74 -21.10 17.92
CA GLN A 414 -14.68 -19.87 17.14
C GLN A 414 -13.43 -19.02 17.52
N MET A 415 -13.27 -18.71 18.80
CA MET A 415 -12.21 -17.88 19.38
C MET A 415 -10.81 -18.48 19.27
N LEU A 416 -10.65 -19.75 19.65
CA LEU A 416 -9.37 -20.45 19.67
C LEU A 416 -8.91 -20.88 18.27
N GLY A 417 -9.86 -20.93 17.34
CA GLY A 417 -9.64 -21.35 15.97
C GLY A 417 -9.53 -22.86 15.85
N MET A 418 -9.96 -23.56 16.90
CA MET A 418 -9.93 -25.02 17.00
C MET A 418 -10.83 -25.52 18.12
N PRO A 419 -11.36 -26.74 18.01
CA PRO A 419 -12.20 -27.25 19.09
C PRO A 419 -11.40 -27.94 20.19
N LEU A 420 -11.87 -27.74 21.43
CA LEU A 420 -11.36 -28.40 22.63
C LEU A 420 -12.41 -29.44 23.04
N ASP A 421 -11.98 -30.62 23.52
CA ASP A 421 -12.94 -31.66 23.93
C ASP A 421 -13.62 -31.28 25.24
N ALA A 422 -14.88 -31.73 25.39
CA ALA A 422 -15.72 -31.48 26.57
C ALA A 422 -14.97 -31.87 27.83
N ALA A 423 -14.29 -33.04 27.81
CA ALA A 423 -13.49 -33.58 28.91
C ALA A 423 -12.30 -32.67 29.27
N GLU A 424 -11.64 -32.09 28.25
CA GLU A 424 -10.50 -31.19 28.41
C GLU A 424 -10.99 -29.87 29.01
N ILE A 425 -12.10 -29.33 28.47
CA ILE A 425 -12.73 -28.09 28.95
C ILE A 425 -13.09 -28.20 30.46
N VAL A 426 -13.82 -29.27 30.83
CA VAL A 426 -14.25 -29.57 32.20
C VAL A 426 -13.02 -29.72 33.13
N ARG A 427 -12.02 -30.54 32.70
CA ARG A 427 -10.84 -30.79 33.51
C ARG A 427 -10.11 -29.53 33.83
N LEU A 428 -9.84 -28.71 32.77
CA LEU A 428 -9.14 -27.45 32.91
C LEU A 428 -9.91 -26.49 33.82
N LEU A 429 -11.22 -26.31 33.59
CA LEU A 429 -11.98 -25.38 34.44
C LEU A 429 -12.13 -25.85 35.89
N GLN A 430 -12.29 -27.17 36.11
CA GLN A 430 -12.41 -27.71 37.47
C GLN A 430 -11.13 -27.56 38.26
N ALA A 431 -9.97 -27.63 37.58
CA ALA A 431 -8.63 -27.46 38.16
C ALA A 431 -8.43 -26.05 38.71
N LEU A 432 -9.08 -25.05 38.11
CA LEU A 432 -9.05 -23.64 38.53
C LEU A 432 -10.08 -23.38 39.61
N GLU A 433 -10.77 -24.46 40.06
CA GLU A 433 -11.78 -24.53 41.10
C GLU A 433 -13.12 -23.96 40.66
N LEU A 434 -13.33 -23.86 39.34
CA LEU A 434 -14.61 -23.44 38.79
C LEU A 434 -15.53 -24.66 38.83
N THR A 435 -16.82 -24.41 39.06
CA THR A 435 -17.90 -25.40 39.18
C THR A 435 -18.55 -25.55 37.82
N VAL A 436 -18.30 -26.67 37.15
CA VAL A 436 -18.78 -26.94 35.78
C VAL A 436 -19.94 -27.95 35.77
N VAL A 437 -21.10 -27.53 35.28
CA VAL A 437 -22.28 -28.39 35.17
C VAL A 437 -22.79 -28.31 33.74
N ALA A 438 -23.03 -29.47 33.11
CA ALA A 438 -23.52 -29.56 31.74
C ALA A 438 -24.92 -28.95 31.65
N ASP A 439 -25.13 -28.14 30.60
CA ASP A 439 -26.37 -27.41 30.32
C ASP A 439 -26.76 -27.71 28.86
N GLY A 440 -26.85 -29.00 28.57
CA GLY A 440 -27.18 -29.50 27.24
C GLY A 440 -25.95 -29.79 26.41
N GLU A 441 -26.14 -29.82 25.08
CA GLU A 441 -25.07 -30.10 24.13
C GLU A 441 -24.21 -28.87 23.91
N GLY A 442 -22.91 -29.04 24.08
CA GLY A 442 -21.90 -28.01 23.88
C GLY A 442 -22.12 -26.75 24.68
N GLN A 443 -22.70 -26.90 25.90
CA GLN A 443 -22.98 -25.82 26.82
C GLN A 443 -22.82 -26.27 28.25
N TRP A 444 -22.28 -25.37 29.10
CA TRP A 444 -22.10 -25.57 30.53
C TRP A 444 -22.51 -24.36 31.33
N SER A 445 -22.85 -24.57 32.59
CA SER A 445 -23.12 -23.53 33.58
C SER A 445 -21.88 -23.59 34.48
N VAL A 446 -21.14 -22.48 34.56
CA VAL A 446 -19.91 -22.48 35.30
C VAL A 446 -19.94 -21.44 36.43
N GLY A 447 -19.69 -21.92 37.66
CA GLY A 447 -19.64 -21.17 38.91
C GLY A 447 -18.23 -20.73 39.24
N VAL A 448 -18.08 -19.50 39.74
CA VAL A 448 -16.80 -18.87 40.00
C VAL A 448 -16.36 -19.03 41.46
N PRO A 449 -15.11 -19.48 41.74
CA PRO A 449 -14.68 -19.58 43.14
C PRO A 449 -14.41 -18.19 43.74
N SER A 450 -14.55 -18.07 45.08
CA SER A 450 -14.42 -16.83 45.87
C SER A 450 -13.04 -16.17 45.87
N HIS A 451 -12.01 -16.85 45.33
CA HIS A 451 -10.67 -16.27 45.25
C HIS A 451 -10.42 -15.53 43.93
N ARG A 452 -11.33 -15.73 42.96
CA ARG A 452 -11.24 -15.15 41.64
C ARG A 452 -12.12 -13.91 41.52
N PHE A 453 -11.49 -12.76 41.22
CA PHE A 453 -12.13 -11.46 41.08
C PHE A 453 -12.20 -11.00 39.60
N ASP A 454 -11.53 -11.76 38.71
CA ASP A 454 -11.42 -11.45 37.28
C ASP A 454 -12.34 -12.29 36.37
N ILE A 455 -13.18 -13.17 36.94
CA ILE A 455 -14.03 -14.05 36.13
C ILE A 455 -15.50 -13.75 36.33
N SER A 456 -16.16 -13.16 35.31
CA SER A 456 -17.58 -12.82 35.37
C SER A 456 -18.30 -13.10 34.06
N LEU A 457 -17.53 -13.21 32.95
CA LEU A 457 -18.05 -13.42 31.58
C LEU A 457 -17.51 -14.66 30.93
N GLU A 458 -18.21 -15.10 29.85
CA GLU A 458 -17.85 -16.27 29.02
C GLU A 458 -16.46 -16.14 28.42
N VAL A 459 -16.11 -14.93 27.99
CA VAL A 459 -14.81 -14.65 27.37
C VAL A 459 -13.65 -14.85 28.37
N ASP A 460 -13.89 -14.63 29.68
CA ASP A 460 -12.87 -14.81 30.72
C ASP A 460 -12.59 -16.31 30.85
N LEU A 461 -13.62 -17.16 30.65
CA LEU A 461 -13.48 -18.62 30.70
C LEU A 461 -12.69 -19.09 29.50
N ILE A 462 -12.96 -18.52 28.32
CA ILE A 462 -12.23 -18.85 27.09
C ILE A 462 -10.72 -18.48 27.26
N GLU A 463 -10.42 -17.32 27.92
CA GLU A 463 -9.05 -16.91 28.22
C GLU A 463 -8.36 -17.98 29.10
N GLU A 464 -9.07 -18.48 30.12
CA GLU A 464 -8.55 -19.50 31.02
C GLU A 464 -8.20 -20.78 30.29
N LEU A 465 -9.07 -21.20 29.35
CA LEU A 465 -8.84 -22.38 28.52
C LEU A 465 -7.65 -22.18 27.59
N ALA A 466 -7.56 -21.02 26.91
CA ALA A 466 -6.46 -20.67 25.99
C ALA A 466 -5.12 -20.66 26.71
N ARG A 467 -5.10 -19.99 27.88
CA ARG A 467 -3.98 -19.83 28.77
C ARG A 467 -3.38 -21.19 29.16
N LEU A 468 -4.21 -22.09 29.70
CA LEU A 468 -3.80 -23.41 30.16
C LEU A 468 -3.57 -24.42 29.04
N TYR A 469 -4.22 -24.23 27.87
CA TYR A 469 -3.97 -25.11 26.73
C TYR A 469 -2.59 -24.81 26.18
N GLY A 470 -2.26 -23.52 26.13
CA GLY A 470 -0.99 -22.98 25.65
C GLY A 470 -1.19 -22.11 24.42
N TYR A 471 -1.03 -20.78 24.56
CA TYR A 471 -1.16 -19.77 23.49
C TYR A 471 -0.41 -20.16 22.23
N ASN A 472 0.83 -20.62 22.39
CA ASN A 472 1.69 -21.01 21.28
C ASN A 472 1.31 -22.36 20.66
N ARG A 473 0.36 -23.10 21.27
CA ARG A 473 -0.13 -24.35 20.70
C ARG A 473 -1.34 -24.10 19.80
N LEU A 474 -1.92 -22.91 19.91
CA LEU A 474 -3.11 -22.53 19.15
C LEU A 474 -2.81 -22.30 17.68
N PRO A 475 -3.81 -22.47 16.78
CA PRO A 475 -3.55 -22.28 15.36
C PRO A 475 -3.19 -20.84 14.96
N VAL A 476 -2.65 -20.70 13.75
CA VAL A 476 -2.26 -19.43 13.16
C VAL A 476 -2.98 -19.36 11.82
N ARG A 477 -3.74 -18.27 11.64
CA ARG A 477 -4.54 -18.03 10.46
C ARG A 477 -4.31 -16.59 10.10
N TYR A 478 -4.62 -16.20 8.85
CA TYR A 478 -4.55 -14.81 8.37
C TYR A 478 -5.96 -14.40 8.06
N PRO A 479 -6.46 -13.26 8.59
CA PRO A 479 -7.86 -12.90 8.33
C PRO A 479 -8.19 -12.64 6.87
N GLN A 480 -9.34 -13.17 6.43
CA GLN A 480 -9.85 -12.99 5.07
C GLN A 480 -10.51 -11.64 4.96
N ALA A 481 -10.44 -11.03 3.75
CA ALA A 481 -11.02 -9.72 3.44
C ALA A 481 -11.45 -9.62 1.99
N ARG A 482 -12.68 -9.09 1.77
CA ARG A 482 -13.25 -8.82 0.44
C ARG A 482 -12.80 -7.39 0.15
N LEU A 483 -11.58 -7.26 -0.39
CA LEU A 483 -11.03 -5.96 -0.66
C LEU A 483 -11.24 -5.49 -2.10
N ALA A 484 -11.49 -4.17 -2.21
CA ALA A 484 -11.80 -3.47 -3.43
C ALA A 484 -10.74 -2.42 -3.77
N PRO A 485 -10.37 -2.23 -5.07
CA PRO A 485 -9.40 -1.20 -5.41
C PRO A 485 -9.91 0.19 -5.02
N ASN A 486 -9.03 1.03 -4.48
CA ASN A 486 -9.39 2.36 -4.01
C ASN A 486 -8.18 3.25 -3.99
N ASN A 487 -8.43 4.55 -3.97
CA ASN A 487 -7.40 5.57 -3.91
C ASN A 487 -8.01 6.92 -3.55
N LYS A 488 -7.15 7.77 -3.01
CA LYS A 488 -7.43 9.13 -2.64
C LYS A 488 -7.34 9.99 -3.91
N PRO A 489 -7.89 11.23 -3.96
CA PRO A 489 -7.73 12.06 -5.16
C PRO A 489 -6.25 12.34 -5.48
N GLU A 490 -5.98 12.51 -6.77
CA GLU A 490 -4.66 12.75 -7.33
C GLU A 490 -4.08 14.07 -6.89
N ALA A 491 -4.88 15.15 -7.04
CA ALA A 491 -4.55 16.54 -6.79
C ALA A 491 -4.63 16.96 -5.32
N ARG A 492 -3.77 16.36 -4.52
CA ARG A 492 -3.71 16.65 -3.11
C ARG A 492 -2.26 16.50 -2.61
N ALA A 493 -1.82 17.47 -1.79
CA ALA A 493 -0.50 17.51 -1.19
C ALA A 493 -0.64 16.98 0.25
N ALA A 494 -0.34 15.69 0.44
CA ALA A 494 -0.42 15.03 1.75
C ALA A 494 0.86 15.37 2.52
N LEU A 495 0.80 15.32 3.87
CA LEU A 495 1.94 15.60 4.73
C LEU A 495 3.16 14.69 4.45
N PRO A 496 3.05 13.35 4.17
CA PRO A 496 4.26 12.57 3.85
C PRO A 496 5.06 13.09 2.64
N LEU A 497 4.36 13.65 1.65
CA LEU A 497 4.85 14.24 0.41
C LEU A 497 5.61 15.56 0.74
N LEU A 498 4.99 16.37 1.60
CA LEU A 498 5.48 17.67 2.05
C LEU A 498 6.75 17.57 2.88
N ARG A 499 6.80 16.57 3.79
CA ARG A 499 7.98 16.28 4.63
C ARG A 499 9.18 16.00 3.76
N ARG A 500 8.99 15.12 2.76
CA ARG A 500 10.03 14.68 1.82
C ARG A 500 10.53 15.80 0.92
N LEU A 501 9.62 16.73 0.62
CA LEU A 501 9.97 17.90 -0.16
C LEU A 501 10.88 18.82 0.67
N LEU A 502 10.51 19.06 1.94
CA LEU A 502 11.31 19.85 2.87
C LEU A 502 12.66 19.19 3.13
N VAL A 503 12.68 17.85 3.20
CA VAL A 503 13.93 17.07 3.30
C VAL A 503 14.82 17.39 2.09
N ALA A 504 14.24 17.28 0.88
CA ALA A 504 14.96 17.59 -0.38
C ALA A 504 15.46 19.02 -0.44
N ARG A 505 14.72 19.94 0.23
CA ARG A 505 15.03 21.37 0.29
C ARG A 505 15.96 21.74 1.47
N GLY A 506 16.57 20.72 2.09
CA GLY A 506 17.57 20.85 3.14
C GLY A 506 17.08 21.11 4.54
N TYR A 507 15.98 20.46 4.93
CA TYR A 507 15.43 20.56 6.28
C TYR A 507 15.55 19.23 7.03
N GLN A 508 15.73 19.38 8.32
CA GLN A 508 15.83 18.27 9.25
C GLN A 508 14.51 18.28 10.03
N GLU A 509 13.90 17.10 10.21
CA GLU A 509 12.62 17.01 10.93
C GLU A 509 12.80 16.91 12.43
N ALA A 510 12.16 17.83 13.14
CA ALA A 510 12.12 17.93 14.60
C ALA A 510 10.77 17.46 15.15
N ILE A 511 10.76 16.93 16.37
CA ILE A 511 9.53 16.58 17.10
C ILE A 511 9.72 17.21 18.47
N THR A 512 8.85 18.17 18.81
CA THR A 512 8.92 18.93 20.08
C THR A 512 7.69 18.63 20.98
N PHE A 513 7.82 18.86 22.31
CA PHE A 513 6.72 18.68 23.26
C PHE A 513 5.56 19.61 22.98
N SER A 514 4.34 19.03 22.93
CA SER A 514 3.09 19.77 22.67
C SER A 514 2.74 20.77 23.76
N PHE A 515 3.26 20.54 24.99
CA PHE A 515 3.09 21.42 26.13
C PHE A 515 4.41 22.15 26.39
N ILE A 516 4.31 23.48 26.51
CA ILE A 516 5.42 24.41 26.66
C ILE A 516 5.30 25.28 27.90
N ASP A 517 6.32 26.12 28.13
CA ASP A 517 6.33 27.06 29.25
C ASP A 517 5.28 28.17 28.99
N PRO A 518 4.40 28.50 29.98
CA PRO A 518 3.40 29.56 29.75
C PRO A 518 4.03 30.91 29.38
N ALA A 519 5.24 31.14 29.93
CA ALA A 519 6.04 32.34 29.68
C ALA A 519 6.44 32.38 28.23
N LEU A 520 6.89 31.23 27.68
CA LEU A 520 7.28 31.13 26.28
C LEU A 520 6.07 31.27 25.39
N PHE A 521 4.93 30.64 25.77
CA PHE A 521 3.63 30.71 25.08
C PHE A 521 3.22 32.20 24.92
N GLU A 522 3.29 32.96 26.01
CA GLU A 522 2.92 34.37 26.05
C GLU A 522 3.78 35.26 25.16
N LEU A 523 5.06 34.88 24.91
CA LEU A 523 5.97 35.63 24.05
C LEU A 523 5.49 35.54 22.60
N PHE A 524 5.07 34.36 22.18
CA PHE A 524 4.64 34.09 20.81
C PHE A 524 3.15 34.39 20.59
N ASP A 525 2.32 34.26 21.65
CA ASP A 525 0.88 34.48 21.61
C ASP A 525 0.39 35.49 22.69
N PRO A 526 0.80 36.79 22.61
CA PRO A 526 0.38 37.76 23.64
C PRO A 526 -1.14 37.90 23.82
N GLY A 527 -1.56 37.98 25.06
CA GLY A 527 -2.99 38.15 25.37
C GLY A 527 -3.81 36.88 25.36
N THR A 528 -3.30 35.81 24.75
CA THR A 528 -4.11 34.60 24.76
C THR A 528 -3.84 33.80 26.03
N GLN A 529 -4.94 33.26 26.59
CA GLN A 529 -4.91 32.39 27.73
C GLN A 529 -4.64 30.97 27.19
N PRO A 530 -3.50 30.32 27.55
CA PRO A 530 -3.26 28.97 27.03
C PRO A 530 -4.19 27.95 27.66
N LEU A 531 -4.36 26.80 27.02
CA LEU A 531 -5.12 25.70 27.59
C LEU A 531 -4.07 25.07 28.52
N THR A 532 -4.21 25.33 29.84
CA THR A 532 -3.29 24.93 30.91
C THR A 532 -3.66 23.59 31.57
N LEU A 533 -2.64 22.74 31.82
CA LEU A 533 -2.78 21.45 32.47
C LEU A 533 -2.99 21.65 33.97
N ALA A 534 -3.75 20.74 34.63
CA ALA A 534 -4.03 20.81 36.06
C ALA A 534 -2.88 20.19 36.86
N ASN A 535 -2.32 19.10 36.32
CA ASN A 535 -1.21 18.35 36.91
C ASN A 535 -0.03 18.27 35.92
N PRO A 536 0.61 19.42 35.51
CA PRO A 536 1.76 19.31 34.58
C PRO A 536 2.96 18.59 35.19
N ILE A 537 3.80 17.96 34.35
CA ILE A 537 4.99 17.23 34.75
C ILE A 537 5.94 18.18 35.51
N SER A 538 6.10 19.41 34.98
CA SER A 538 6.82 20.52 35.60
C SER A 538 6.05 21.81 35.20
N ALA A 539 6.36 22.95 35.83
CA ALA A 539 5.69 24.22 35.52
C ALA A 539 6.01 24.74 34.10
N ASP A 540 7.18 24.35 33.55
CA ASP A 540 7.60 24.78 32.20
C ASP A 540 7.05 23.88 31.07
N MET A 541 6.07 23.03 31.39
CA MET A 541 5.39 22.11 30.48
C MET A 541 3.89 22.09 30.82
N ALA A 542 3.37 23.28 31.17
CA ALA A 542 2.00 23.53 31.62
C ALA A 542 1.02 23.98 30.55
N ALA A 543 1.52 24.66 29.52
CA ALA A 543 0.71 25.24 28.44
C ALA A 543 0.68 24.45 27.14
N MET A 544 -0.54 24.12 26.65
CA MET A 544 -0.71 23.49 25.33
C MET A 544 -0.39 24.56 24.29
N ARG A 545 0.53 24.22 23.38
CA ARG A 545 0.98 25.08 22.29
C ARG A 545 -0.14 25.54 21.36
N SER A 546 -0.09 26.80 20.96
CA SER A 546 -1.03 27.41 19.99
C SER A 546 -0.26 27.60 18.65
N SER A 547 1.06 27.35 18.65
CA SER A 547 2.00 27.40 17.52
C SER A 547 3.14 26.35 17.72
N LEU A 548 3.75 25.88 16.61
CA LEU A 548 4.85 24.94 16.66
C LEU A 548 6.19 25.71 16.79
N TRP A 549 6.12 27.04 16.65
CA TRP A 549 7.22 27.99 16.70
C TRP A 549 7.98 28.06 18.01
N PRO A 550 7.36 28.22 19.20
CA PRO A 550 8.16 28.24 20.44
C PRO A 550 9.06 26.99 20.58
N GLY A 551 8.49 25.80 20.32
CA GLY A 551 9.21 24.52 20.30
C GLY A 551 10.29 24.48 19.24
N LEU A 552 9.96 24.93 18.02
CA LEU A 552 10.94 25.01 16.93
C LEU A 552 12.10 25.96 17.22
N VAL A 553 11.80 27.16 17.76
CA VAL A 553 12.80 28.16 18.11
C VAL A 553 13.69 27.63 19.26
N LYS A 554 13.07 27.00 20.26
CA LYS A 554 13.81 26.45 21.38
C LYS A 554 14.80 25.34 20.94
N ALA A 555 14.36 24.40 20.05
CA ALA A 555 15.20 23.35 19.46
C ALA A 555 16.31 23.96 18.61
N LEU A 556 15.99 25.09 17.96
CA LEU A 556 16.94 25.81 17.12
C LEU A 556 18.03 26.33 18.00
N GLN A 557 17.67 27.07 19.09
CA GLN A 557 18.67 27.64 19.98
C GLN A 557 19.38 26.58 20.83
N HIS A 558 18.77 25.40 21.04
CA HIS A 558 19.42 24.27 21.70
C HIS A 558 20.68 23.88 20.90
N ASN A 559 20.54 23.84 19.57
CA ASN A 559 21.59 23.53 18.62
C ASN A 559 22.62 24.64 18.50
N LEU A 560 22.17 25.90 18.47
CA LEU A 560 23.01 27.10 18.40
C LEU A 560 24.00 27.13 19.59
N ASN A 561 23.53 26.66 20.77
CA ASN A 561 24.31 26.53 22.01
C ASN A 561 25.22 25.29 21.99
N ARG A 562 25.06 24.42 20.97
CA ARG A 562 25.85 23.20 20.83
C ARG A 562 26.73 23.25 19.58
N GLN A 563 27.32 24.44 19.31
CA GLN A 563 28.24 24.72 18.21
C GLN A 563 27.67 24.45 16.83
N GLN A 564 26.35 24.69 16.65
CA GLN A 564 25.69 24.58 15.33
C GLN A 564 25.44 26.00 14.82
N SER A 565 25.69 26.24 13.54
CA SER A 565 25.51 27.57 12.95
C SER A 565 24.31 27.61 12.01
N ARG A 566 24.17 26.57 11.17
CA ARG A 566 23.09 26.41 10.20
C ARG A 566 22.11 25.38 10.75
N VAL A 567 20.94 25.87 11.20
CA VAL A 567 19.88 25.05 11.77
C VAL A 567 18.64 25.27 10.90
N ARG A 568 18.16 24.20 10.25
CA ARG A 568 17.02 24.20 9.35
C ARG A 568 16.12 23.07 9.81
N LEU A 569 15.04 23.42 10.50
CA LEU A 569 14.13 22.45 11.08
C LEU A 569 12.69 22.63 10.64
N PHE A 570 11.96 21.51 10.58
CA PHE A 570 10.53 21.55 10.32
C PHE A 570 9.83 20.61 11.26
N GLU A 571 8.57 20.91 11.55
CA GLU A 571 7.76 20.08 12.40
C GLU A 571 6.30 20.15 11.94
N SER A 572 5.61 19.03 12.10
CA SER A 572 4.19 18.90 11.85
C SER A 572 3.55 18.43 13.16
N GLY A 573 2.32 18.85 13.38
CA GLY A 573 1.61 18.47 14.59
C GLY A 573 0.46 19.38 14.89
N LEU A 574 -0.26 19.03 15.95
CA LEU A 574 -1.42 19.83 16.36
C LEU A 574 -1.11 21.11 17.10
N ARG A 575 -2.03 22.06 16.93
CA ARG A 575 -2.06 23.28 17.68
C ARG A 575 -3.35 23.25 18.51
N PHE A 576 -3.30 23.92 19.65
CA PHE A 576 -4.42 23.91 20.56
C PHE A 576 -4.88 25.34 20.76
N VAL A 577 -5.99 25.70 20.07
CA VAL A 577 -6.54 27.07 20.08
C VAL A 577 -7.92 27.15 20.79
N GLY A 578 -7.95 27.89 21.87
CA GLY A 578 -9.13 28.11 22.70
C GLY A 578 -9.11 27.38 24.01
N GLN A 579 -10.19 27.51 24.77
CA GLN A 579 -10.33 26.80 26.04
C GLN A 579 -11.14 25.55 25.73
N LEU A 580 -11.30 24.63 26.68
CA LEU A 580 -11.98 23.35 26.48
C LEU A 580 -13.27 23.46 25.66
N GLU A 581 -14.14 24.40 26.06
CA GLU A 581 -15.38 24.67 25.34
C GLU A 581 -14.98 25.47 24.10
N GLY A 582 -15.06 24.81 22.94
CA GLY A 582 -14.70 25.44 21.68
C GLY A 582 -13.27 25.24 21.19
N LEU A 583 -12.51 24.33 21.87
CA LEU A 583 -11.12 23.99 21.55
C LEU A 583 -10.95 23.54 20.10
N LYS A 584 -9.92 24.05 19.43
CA LYS A 584 -9.58 23.71 18.05
C LYS A 584 -8.24 23.00 18.06
N GLN A 585 -8.19 21.82 17.48
CA GLN A 585 -6.96 21.01 17.40
C GLN A 585 -6.66 20.78 15.91
N GLU A 586 -5.89 21.71 15.35
CA GLU A 586 -5.55 21.77 13.93
C GLU A 586 -4.12 21.35 13.65
N ALA A 587 -3.94 20.52 12.60
CA ALA A 587 -2.61 20.05 12.19
C ALA A 587 -1.89 21.17 11.40
N MET A 588 -0.63 21.41 11.80
CA MET A 588 0.23 22.46 11.24
C MET A 588 1.50 21.90 10.68
N LEU A 589 2.07 22.63 9.72
CA LEU A 589 3.39 22.39 9.20
C LEU A 589 4.12 23.70 9.41
N ALA A 590 5.14 23.67 10.24
CA ALA A 590 5.93 24.84 10.58
C ALA A 590 7.42 24.58 10.36
N GLY A 591 8.13 25.62 9.98
CA GLY A 591 9.58 25.57 9.72
C GLY A 591 10.33 26.73 10.32
N ALA A 592 11.59 26.51 10.67
CA ALA A 592 12.49 27.52 11.28
C ALA A 592 13.91 27.37 10.75
N ILE A 593 14.49 28.48 10.23
CA ILE A 593 15.84 28.46 9.67
C ILE A 593 16.72 29.61 10.18
N CYS A 594 18.06 29.36 10.16
CA CYS A 594 19.09 30.32 10.55
C CYS A 594 20.43 29.91 9.98
N GLY A 595 21.36 30.87 10.02
CA GLY A 595 22.72 30.70 9.56
C GLY A 595 22.89 30.95 8.08
N LYS A 596 24.00 30.44 7.53
CA LYS A 596 24.30 30.62 6.12
C LYS A 596 23.23 30.05 5.21
N ARG A 597 22.94 30.75 4.11
CA ARG A 597 21.96 30.32 3.11
C ARG A 597 22.29 28.88 2.63
N LEU A 598 23.58 28.63 2.34
CA LEU A 598 24.08 27.34 1.86
C LEU A 598 25.04 26.71 2.84
N PRO A 599 25.17 25.36 2.85
CA PRO A 599 26.18 24.76 3.75
C PRO A 599 27.60 25.17 3.31
N GLU A 600 28.55 25.23 4.25
CA GLU A 600 29.94 25.61 3.98
C GLU A 600 30.55 24.66 2.93
N GLY A 601 31.05 25.23 1.84
CA GLY A 601 31.66 24.51 0.74
C GLY A 601 32.39 25.42 -0.23
N TRP A 602 33.42 24.87 -0.91
CA TRP A 602 34.30 25.55 -1.86
C TRP A 602 33.56 26.30 -2.97
N ALA A 603 32.40 25.77 -3.39
CA ALA A 603 31.61 26.30 -4.50
C ALA A 603 30.44 27.20 -4.09
N ASN A 604 30.20 27.31 -2.79
CA ASN A 604 29.08 28.02 -2.19
C ASN A 604 29.36 29.40 -1.62
N GLY A 605 28.46 30.35 -1.95
CA GLY A 605 28.49 31.71 -1.44
C GLY A 605 28.31 31.73 0.07
N ARG A 606 28.91 32.71 0.74
CA ARG A 606 28.89 32.80 2.21
C ARG A 606 27.83 33.79 2.76
N ASP A 607 26.71 33.93 2.04
CA ASP A 607 25.60 34.80 2.45
C ASP A 607 24.76 34.13 3.51
N GLY A 608 24.22 34.94 4.41
CA GLY A 608 23.29 34.48 5.43
C GLY A 608 21.89 34.33 4.88
N VAL A 609 21.13 33.35 5.40
CA VAL A 609 19.75 33.10 5.02
C VAL A 609 18.88 34.33 5.29
N ASP A 610 17.87 34.56 4.46
CA ASP A 610 16.93 35.66 4.65
C ASP A 610 15.52 35.21 4.31
N PHE A 611 14.57 36.15 4.40
CA PHE A 611 13.16 35.99 4.17
C PHE A 611 12.85 35.24 2.88
N PHE A 612 13.56 35.59 1.78
CA PHE A 612 13.31 35.05 0.44
C PHE A 612 13.74 33.60 0.26
N ASP A 613 14.58 33.10 1.17
CA ASP A 613 15.02 31.70 1.16
C ASP A 613 13.91 30.85 1.77
N ALA A 614 13.33 31.36 2.87
CA ALA A 614 12.19 30.77 3.55
C ALA A 614 10.96 30.88 2.65
N LYS A 615 10.83 32.00 1.89
CA LYS A 615 9.73 32.22 0.97
C LYS A 615 9.70 31.14 -0.11
N ALA A 616 10.89 30.78 -0.65
CA ALA A 616 11.00 29.77 -1.70
C ALA A 616 10.54 28.41 -1.20
N ASP A 617 10.86 28.10 0.08
CA ASP A 617 10.49 26.84 0.73
C ASP A 617 8.96 26.76 0.87
N VAL A 618 8.32 27.86 1.28
CA VAL A 618 6.87 27.98 1.42
C VAL A 618 6.22 27.84 0.02
N GLU A 619 6.76 28.57 -1.00
CA GLU A 619 6.28 28.52 -2.39
C GLU A 619 6.28 27.08 -2.90
N ALA A 620 7.38 26.34 -2.68
CA ALA A 620 7.54 24.94 -3.11
C ALA A 620 6.50 24.03 -2.47
N VAL A 621 6.15 24.27 -1.20
CA VAL A 621 5.14 23.51 -0.47
C VAL A 621 3.80 23.87 -1.06
N LEU A 622 3.52 25.17 -1.17
CA LEU A 622 2.24 25.67 -1.69
C LEU A 622 1.94 25.25 -3.12
N ALA A 623 2.98 24.86 -3.90
CA ALA A 623 2.81 24.45 -5.30
C ALA A 623 2.76 22.92 -5.46
N SER A 624 2.87 22.18 -4.38
CA SER A 624 2.91 20.71 -4.37
C SER A 624 1.71 19.98 -4.97
N ALA A 625 0.55 20.62 -5.03
CA ALA A 625 -0.64 19.97 -5.58
C ALA A 625 -1.22 20.79 -6.78
N GLY A 626 -0.33 21.52 -7.46
CA GLY A 626 -0.64 22.35 -8.62
C GLY A 626 -1.66 23.45 -8.38
N ALA A 627 -1.64 24.06 -7.17
CA ALA A 627 -2.58 25.12 -6.79
C ALA A 627 -1.86 26.40 -6.25
N LEU A 628 -0.59 26.63 -6.68
CA LEU A 628 0.19 27.78 -6.22
C LEU A 628 -0.52 29.11 -6.39
N GLY A 629 -1.19 29.27 -7.54
CA GLY A 629 -1.94 30.49 -7.87
C GLY A 629 -3.11 30.81 -6.97
N ASP A 630 -3.62 29.79 -6.21
CA ASP A 630 -4.72 29.92 -5.25
C ASP A 630 -4.28 30.67 -4.00
N PHE A 631 -2.96 30.77 -3.76
CA PHE A 631 -2.35 31.43 -2.59
C PHE A 631 -1.79 32.79 -2.92
N SER A 632 -1.73 33.65 -1.89
CA SER A 632 -1.21 35.01 -1.98
C SER A 632 -0.49 35.38 -0.68
N PHE A 633 0.66 36.02 -0.83
CA PHE A 633 1.49 36.50 0.25
C PHE A 633 1.20 37.99 0.37
N VAL A 634 0.47 38.38 1.41
CA VAL A 634 0.10 39.77 1.64
C VAL A 634 0.91 40.38 2.82
N PRO A 635 1.42 41.65 2.71
CA PRO A 635 2.12 42.23 3.88
C PRO A 635 1.21 42.20 5.10
N GLY A 636 1.65 41.51 6.14
CA GLY A 636 0.90 41.34 7.38
C GLY A 636 1.71 41.57 8.63
N GLU A 637 1.13 41.23 9.77
CA GLU A 637 1.75 41.40 11.08
C GLU A 637 1.39 40.28 12.04
N HIS A 638 2.40 39.80 12.75
CA HIS A 638 2.26 38.76 13.76
C HIS A 638 3.10 39.20 14.96
N PRO A 639 2.59 39.06 16.20
CA PRO A 639 3.36 39.52 17.38
C PRO A 639 4.73 38.87 17.58
N ALA A 640 4.94 37.66 17.03
CA ALA A 640 6.21 36.93 17.15
C ALA A 640 7.16 37.31 16.03
N LEU A 641 6.67 38.05 15.03
CA LEU A 641 7.47 38.39 13.87
C LEU A 641 7.76 39.87 13.67
N HIS A 642 8.86 40.16 12.93
CA HIS A 642 9.34 41.47 12.55
C HIS A 642 8.27 42.11 11.63
N PRO A 643 7.67 43.27 12.06
CA PRO A 643 6.59 43.88 11.25
C PRO A 643 7.02 44.41 9.86
N GLY A 644 8.31 44.48 9.61
CA GLY A 644 8.82 44.92 8.32
C GLY A 644 9.16 43.76 7.41
N GLN A 645 9.23 42.54 7.98
CA GLN A 645 9.56 41.31 7.23
C GLN A 645 8.54 40.19 7.54
N THR A 646 7.23 40.50 7.43
CA THR A 646 6.13 39.53 7.66
C THR A 646 5.10 39.45 6.50
N ALA A 647 4.87 38.23 6.00
CA ALA A 647 3.86 37.94 4.99
C ALA A 647 2.77 37.04 5.60
N ARG A 648 1.51 37.48 5.46
CA ARG A 648 0.28 36.76 5.84
C ARG A 648 -0.10 35.97 4.58
N ILE A 649 -0.22 34.63 4.68
CA ILE A 649 -0.55 33.73 3.55
C ILE A 649 -2.04 33.36 3.54
N GLU A 650 -2.69 33.68 2.42
CA GLU A 650 -4.13 33.44 2.28
C GLU A 650 -4.50 32.64 1.04
N ARG A 651 -5.69 32.03 1.07
CA ARG A 651 -6.31 31.25 0.01
C ARG A 651 -7.82 31.58 0.08
N GLU A 652 -8.34 32.29 -0.94
CA GLU A 652 -9.74 32.76 -1.02
C GLU A 652 -10.10 33.62 0.21
N GLY A 653 -9.15 34.49 0.61
CA GLY A 653 -9.28 35.34 1.79
C GLY A 653 -9.09 34.61 3.10
N ARG A 654 -9.16 33.26 3.11
CA ARG A 654 -8.98 32.46 4.33
C ARG A 654 -7.50 32.39 4.72
N LEU A 655 -7.20 32.53 6.03
CA LEU A 655 -5.84 32.49 6.54
C LEU A 655 -5.21 31.08 6.54
N VAL A 656 -4.10 30.92 5.80
CA VAL A 656 -3.32 29.67 5.68
C VAL A 656 -2.25 29.68 6.76
N GLY A 657 -1.61 30.83 6.92
CA GLY A 657 -0.59 31.02 7.93
C GLY A 657 0.21 32.27 7.74
N TYR A 658 1.40 32.27 8.30
CA TYR A 658 2.34 33.39 8.27
C TYR A 658 3.73 32.90 7.92
N LEU A 659 4.54 33.83 7.42
CA LEU A 659 5.95 33.64 7.07
C LEU A 659 6.64 34.96 7.42
N GLY A 660 7.74 34.88 8.14
CA GLY A 660 8.49 36.07 8.50
C GLY A 660 9.71 35.86 9.37
N ALA A 661 10.44 36.95 9.58
CA ALA A 661 11.62 36.94 10.45
C ALA A 661 11.12 37.04 11.89
N LEU A 662 11.72 36.22 12.77
CA LEU A 662 11.39 36.26 14.20
C LEU A 662 11.69 37.69 14.66
N HIS A 663 10.72 38.31 15.36
CA HIS A 663 10.81 39.66 15.89
C HIS A 663 12.12 39.86 16.66
N PRO A 664 12.88 40.93 16.35
CA PRO A 664 14.15 41.16 17.09
C PRO A 664 13.98 41.32 18.60
N GLU A 665 12.82 41.82 19.06
CA GLU A 665 12.56 41.94 20.50
C GLU A 665 12.36 40.57 21.17
N LEU A 666 11.77 39.58 20.45
CA LEU A 666 11.59 38.21 20.93
C LEU A 666 12.96 37.56 21.03
N ALA A 667 13.79 37.74 19.99
CA ALA A 667 15.18 37.29 19.94
C ALA A 667 15.98 37.78 21.15
N LYS A 668 15.92 39.11 21.47
CA LYS A 668 16.61 39.66 22.64
C LYS A 668 16.25 38.88 23.88
N LYS A 669 14.94 38.73 24.15
CA LYS A 669 14.32 38.04 25.29
C LYS A 669 14.72 36.57 25.44
N LEU A 670 15.12 35.92 24.34
CA LEU A 670 15.51 34.52 24.29
C LEU A 670 17.01 34.38 24.23
N ASP A 671 17.73 35.51 24.09
CA ASP A 671 19.18 35.60 23.94
C ASP A 671 19.60 34.81 22.68
N LEU A 672 19.01 35.23 21.57
CA LEU A 672 19.28 34.71 20.25
C LEU A 672 19.89 35.85 19.46
N GLU A 673 21.20 35.72 19.12
CA GLU A 673 22.00 36.72 18.41
C GLU A 673 22.00 36.58 16.89
N GLN A 674 21.18 35.66 16.36
CA GLN A 674 21.11 35.39 14.92
C GLN A 674 19.74 35.66 14.33
N PRO A 675 19.63 36.19 13.08
CA PRO A 675 18.29 36.30 12.44
C PRO A 675 17.72 34.90 12.17
N VAL A 676 16.42 34.71 12.48
CA VAL A 676 15.68 33.44 12.34
C VAL A 676 14.40 33.66 11.50
N PHE A 677 14.16 32.75 10.52
CA PHE A 677 13.02 32.79 9.62
C PHE A 677 12.08 31.66 9.89
N LEU A 678 10.82 32.04 10.10
CA LEU A 678 9.75 31.15 10.49
C LEU A 678 8.61 31.15 9.53
N PHE A 679 7.97 29.99 9.38
CA PHE A 679 6.71 29.85 8.66
C PHE A 679 5.87 28.84 9.37
N GLU A 680 4.54 28.98 9.24
CA GLU A 680 3.57 28.06 9.82
C GLU A 680 2.36 28.07 8.91
N LEU A 681 1.98 26.87 8.43
CA LEU A 681 0.88 26.67 7.51
C LEU A 681 -0.13 25.70 8.09
N LEU A 682 -1.43 26.02 7.94
CA LEU A 682 -2.57 25.19 8.35
C LEU A 682 -2.70 24.16 7.23
N LEU A 683 -2.34 22.88 7.51
CA LEU A 683 -2.37 21.81 6.52
C LEU A 683 -3.73 21.61 5.82
N ALA A 684 -4.85 21.80 6.54
CA ALA A 684 -6.19 21.66 5.94
C ALA A 684 -6.41 22.59 4.75
N GLU A 685 -5.66 23.72 4.71
CA GLU A 685 -5.70 24.76 3.66
C GLU A 685 -4.68 24.58 2.55
N VAL A 686 -3.75 23.64 2.73
CA VAL A 686 -2.67 23.40 1.79
C VAL A 686 -2.92 22.13 0.96
N VAL A 687 -3.54 21.09 1.56
CA VAL A 687 -3.76 19.77 0.97
C VAL A 687 -4.48 19.77 -0.37
N ASP A 688 -5.52 20.60 -0.57
CA ASP A 688 -6.21 20.52 -1.87
C ASP A 688 -5.54 21.33 -2.98
N GLY A 689 -5.50 20.71 -4.13
CA GLY A 689 -4.96 21.29 -5.35
C GLY A 689 -5.89 21.10 -6.53
N HIS A 690 -5.33 21.15 -7.73
CA HIS A 690 -6.13 20.93 -8.93
C HIS A 690 -5.43 19.99 -9.86
N LEU A 691 -6.23 19.24 -10.56
CA LEU A 691 -5.79 18.27 -11.54
C LEU A 691 -5.44 19.01 -12.83
N PRO A 692 -4.30 18.65 -13.48
CA PRO A 692 -3.97 19.24 -14.79
C PRO A 692 -5.10 19.17 -15.83
N LYS A 693 -5.34 20.30 -16.53
CA LYS A 693 -6.29 20.41 -17.63
C LYS A 693 -5.46 20.95 -18.79
N PHE A 694 -5.18 20.09 -19.78
CA PHE A 694 -4.36 20.45 -20.93
C PHE A 694 -4.97 21.59 -21.75
N ARG A 695 -4.11 22.57 -22.01
CA ARG A 695 -4.29 23.81 -22.76
C ARG A 695 -3.43 23.67 -24.02
N GLU A 696 -4.05 23.71 -25.20
CA GLU A 696 -3.41 23.57 -26.52
C GLU A 696 -2.22 24.52 -26.74
N LEU A 697 -1.19 23.99 -27.42
CA LEU A 697 0.04 24.70 -27.72
C LEU A 697 -0.02 25.46 -29.05
N SER A 698 0.47 26.72 -29.06
CA SER A 698 0.56 27.51 -30.29
C SER A 698 1.72 27.00 -31.14
N ARG A 699 1.49 26.94 -32.48
CA ARG A 699 2.52 26.50 -33.46
C ARG A 699 3.43 27.69 -33.77
N PHE A 700 3.23 28.83 -33.08
CA PHE A 700 3.90 30.08 -33.39
C PHE A 700 4.86 30.58 -32.32
N PRO A 701 5.90 31.35 -32.74
CA PRO A 701 6.87 31.88 -31.77
C PRO A 701 6.27 32.91 -30.81
N GLU A 702 6.92 33.03 -29.66
CA GLU A 702 6.59 33.97 -28.60
C GLU A 702 7.49 35.19 -28.68
N VAL A 703 6.97 36.33 -28.23
CA VAL A 703 7.65 37.61 -28.27
C VAL A 703 7.82 38.09 -26.86
N ARG A 704 9.04 38.58 -26.57
CA ARG A 704 9.41 39.11 -25.26
C ARG A 704 9.84 40.56 -25.37
N ARG A 705 9.45 41.33 -24.37
CA ARG A 705 9.80 42.74 -24.20
C ARG A 705 10.15 42.93 -22.74
N ASP A 706 11.18 43.72 -22.50
CA ASP A 706 11.65 44.03 -21.15
C ASP A 706 11.33 45.46 -20.78
N LEU A 707 10.75 45.68 -19.61
CA LEU A 707 10.42 47.01 -19.10
C LEU A 707 11.16 47.29 -17.81
N ALA A 708 11.80 48.48 -17.71
CA ALA A 708 12.50 48.94 -16.51
C ALA A 708 11.60 50.03 -15.88
N LEU A 709 10.98 49.74 -14.74
CA LEU A 709 10.00 50.62 -14.12
C LEU A 709 10.42 51.30 -12.80
N LEU A 710 10.39 52.64 -12.79
CA LEU A 710 10.68 53.48 -11.63
C LEU A 710 9.37 53.67 -10.86
N VAL A 711 9.30 53.18 -9.63
CA VAL A 711 8.11 53.24 -8.75
C VAL A 711 8.55 53.69 -7.37
N ASP A 712 7.60 54.13 -6.51
CA ASP A 712 7.93 54.51 -5.14
C ASP A 712 8.48 53.28 -4.43
N GLN A 713 9.54 53.46 -3.64
CA GLN A 713 10.23 52.40 -2.90
C GLN A 713 9.26 51.49 -2.08
N ASP A 714 8.12 52.04 -1.62
CA ASP A 714 7.17 51.33 -0.79
C ASP A 714 6.03 50.61 -1.50
N VAL A 715 5.77 50.92 -2.79
CA VAL A 715 4.67 50.25 -3.49
C VAL A 715 5.03 48.77 -3.73
N PRO A 716 4.15 47.84 -3.28
CA PRO A 716 4.47 46.39 -3.40
C PRO A 716 4.57 45.86 -4.83
N ALA A 717 5.64 45.09 -5.09
CA ALA A 717 5.94 44.51 -6.40
C ALA A 717 4.81 43.68 -7.01
N GLN A 718 4.06 42.93 -6.20
CA GLN A 718 2.94 42.13 -6.71
C GLN A 718 1.76 43.00 -7.16
N ASP A 719 1.62 44.22 -6.62
CA ASP A 719 0.59 45.16 -7.04
C ASP A 719 0.91 45.66 -8.45
N ILE A 720 2.22 45.84 -8.76
CA ILE A 720 2.65 46.28 -10.08
C ILE A 720 2.51 45.12 -11.05
N LEU A 721 2.97 43.91 -10.67
CA LEU A 721 2.87 42.71 -11.52
C LEU A 721 1.43 42.36 -11.89
N THR A 722 0.49 42.50 -10.91
CA THR A 722 -0.95 42.29 -11.09
C THR A 722 -1.51 43.28 -12.12
N GLN A 723 -1.16 44.57 -11.99
CA GLN A 723 -1.61 45.62 -12.90
C GLN A 723 -1.12 45.37 -14.33
N ILE A 724 0.12 44.86 -14.48
CA ILE A 724 0.73 44.53 -15.76
C ILE A 724 -0.13 43.45 -16.46
N ARG A 725 -0.44 42.32 -15.78
CA ARG A 725 -1.26 41.23 -16.35
C ARG A 725 -2.61 41.77 -16.83
N ALA A 726 -3.25 42.63 -16.01
CA ALA A 726 -4.53 43.29 -16.30
C ALA A 726 -4.49 44.16 -17.57
N ALA A 727 -3.35 44.81 -17.85
CA ALA A 727 -3.16 45.72 -18.99
C ALA A 727 -2.41 45.09 -20.20
N ALA A 728 -1.93 43.83 -20.09
CA ALA A 728 -1.17 43.15 -21.14
C ALA A 728 -2.00 42.46 -22.24
N GLY A 729 -3.32 42.56 -22.16
CA GLY A 729 -4.15 41.92 -23.16
C GLY A 729 -4.27 40.40 -23.01
N GLU A 730 -4.85 39.80 -24.04
CA GLU A 730 -5.19 38.37 -24.09
C GLU A 730 -4.03 37.42 -24.39
N TRP A 731 -2.88 37.93 -24.89
CA TRP A 731 -1.82 37.02 -25.33
C TRP A 731 -0.60 36.87 -24.40
N LEU A 732 -0.61 37.46 -23.19
CA LEU A 732 0.52 37.32 -22.27
C LEU A 732 0.62 35.90 -21.73
N THR A 733 1.79 35.26 -21.88
CA THR A 733 1.99 33.87 -21.44
C THR A 733 2.89 33.77 -20.22
N ASP A 734 3.73 34.80 -20.00
CA ASP A 734 4.68 34.84 -18.90
C ASP A 734 5.04 36.26 -18.52
N LEU A 735 5.21 36.50 -17.21
CA LEU A 735 5.63 37.76 -16.62
C LEU A 735 6.67 37.43 -15.54
N ARG A 736 7.86 38.00 -15.65
CA ARG A 736 8.98 37.70 -14.76
C ARG A 736 9.64 38.98 -14.27
N LEU A 737 9.87 39.07 -12.95
CA LEU A 737 10.59 40.19 -12.37
C LEU A 737 12.02 39.65 -12.23
N PHE A 738 12.91 40.10 -13.11
CA PHE A 738 14.28 39.62 -13.14
C PHE A 738 15.30 40.47 -12.36
N ASP A 739 14.88 41.66 -11.86
CA ASP A 739 15.75 42.56 -11.10
C ASP A 739 14.99 43.70 -10.40
N VAL A 740 15.49 44.11 -9.22
CA VAL A 740 15.01 45.23 -8.39
C VAL A 740 16.24 46.10 -8.07
N TYR A 741 16.19 47.40 -8.36
CA TYR A 741 17.32 48.30 -8.15
C TYR A 741 16.94 49.47 -7.26
N HIS A 742 17.57 49.57 -6.09
CA HIS A 742 17.35 50.65 -5.14
C HIS A 742 18.71 51.29 -4.85
N GLY A 743 19.35 51.77 -5.91
CA GLY A 743 20.69 52.35 -5.83
C GLY A 743 20.76 53.84 -6.00
N LYS A 744 21.97 54.31 -6.33
CA LYS A 744 22.31 55.72 -6.52
C LYS A 744 21.87 56.27 -7.90
N GLY A 745 21.82 55.40 -8.91
CA GLY A 745 21.43 55.73 -10.28
C GLY A 745 20.05 56.34 -10.43
N ILE A 746 19.23 56.31 -9.35
CA ILE A 746 17.87 56.84 -9.27
C ILE A 746 17.58 57.51 -7.92
N ASP A 747 16.39 58.17 -7.77
CA ASP A 747 15.93 58.84 -6.55
C ASP A 747 16.02 57.91 -5.31
N PRO A 748 16.39 58.41 -4.10
CA PRO A 748 16.52 57.50 -2.94
C PRO A 748 15.22 56.91 -2.40
N HIS A 749 14.06 57.47 -2.82
CA HIS A 749 12.72 57.04 -2.41
C HIS A 749 12.02 56.27 -3.54
N ARG A 750 12.75 55.91 -4.59
CA ARG A 750 12.23 55.13 -5.71
C ARG A 750 13.03 53.84 -5.90
N LYS A 751 12.49 52.93 -6.73
CA LYS A 751 13.11 51.64 -7.08
C LYS A 751 12.83 51.27 -8.56
N SER A 752 13.79 50.60 -9.21
CA SER A 752 13.66 50.17 -10.60
C SER A 752 13.29 48.70 -10.62
N LEU A 753 12.15 48.37 -11.26
CA LEU A 753 11.66 47.00 -11.41
C LEU A 753 11.85 46.55 -12.83
N ALA A 754 12.83 45.66 -13.04
CA ALA A 754 13.09 45.12 -14.38
C ALA A 754 12.19 43.89 -14.60
N VAL A 755 11.24 44.01 -15.53
CA VAL A 755 10.26 42.97 -15.83
C VAL A 755 10.36 42.48 -17.26
N GLY A 756 10.23 41.18 -17.44
CA GLY A 756 10.23 40.50 -18.73
C GLY A 756 8.82 40.06 -19.04
N LEU A 757 8.31 40.48 -20.19
CA LEU A 757 6.96 40.15 -20.61
C LEU A 757 6.99 39.30 -21.84
N THR A 758 6.29 38.15 -21.80
CA THR A 758 6.21 37.22 -22.92
C THR A 758 4.77 37.08 -23.41
N TRP A 759 4.58 37.19 -24.73
CA TRP A 759 3.29 37.01 -25.39
C TRP A 759 3.38 35.93 -26.46
N GLN A 760 2.31 35.16 -26.62
CA GLN A 760 2.21 34.14 -27.67
C GLN A 760 0.79 34.06 -28.15
N HIS A 761 0.56 34.31 -29.44
CA HIS A 761 -0.77 34.22 -30.05
C HIS A 761 -1.03 32.74 -30.41
N PRO A 762 -2.24 32.18 -30.20
CA PRO A 762 -2.46 30.76 -30.53
C PRO A 762 -2.55 30.41 -32.01
N SER A 763 -2.81 31.42 -32.89
CA SER A 763 -3.06 31.22 -34.32
C SER A 763 -2.15 32.00 -35.30
N ARG A 764 -1.17 32.77 -34.81
CA ARG A 764 -0.27 33.54 -35.68
C ARG A 764 0.96 34.07 -34.94
N THR A 765 1.86 34.74 -35.68
CA THR A 765 3.04 35.41 -35.14
C THR A 765 2.53 36.80 -34.72
N LEU A 766 3.20 37.40 -33.77
CA LEU A 766 2.83 38.72 -33.32
C LEU A 766 3.78 39.70 -33.93
N ASN A 767 3.23 40.80 -34.46
CA ASN A 767 4.01 41.87 -35.09
C ASN A 767 4.44 42.86 -34.03
N ASP A 768 5.51 43.58 -34.30
CA ASP A 768 6.11 44.57 -33.42
C ASP A 768 5.20 45.72 -33.07
N ASP A 769 4.38 46.17 -34.01
CA ASP A 769 3.45 47.29 -33.84
C ASP A 769 2.47 47.04 -32.70
N GLU A 770 1.78 45.86 -32.71
CA GLU A 770 0.80 45.50 -31.70
C GLU A 770 1.44 45.25 -30.34
N VAL A 771 2.62 44.63 -30.33
CA VAL A 771 3.34 44.37 -29.08
C VAL A 771 3.79 45.71 -28.45
N ASN A 772 4.26 46.68 -29.27
CA ASN A 772 4.65 48.02 -28.79
C ASN A 772 3.42 48.80 -28.31
N SER A 773 2.25 48.56 -28.96
CA SER A 773 0.97 49.16 -28.60
C SER A 773 0.55 48.64 -27.20
N THR A 774 0.54 47.29 -27.02
CA THR A 774 0.23 46.61 -25.75
C THR A 774 1.16 47.10 -24.62
N THR A 775 2.48 47.25 -24.93
CA THR A 775 3.50 47.70 -24.00
C THR A 775 3.19 49.12 -23.53
N GLN A 776 2.82 50.03 -24.46
CA GLN A 776 2.43 51.41 -24.11
C GLN A 776 1.17 51.46 -23.22
N ASN A 777 0.18 50.57 -23.44
CA ASN A 777 -1.01 50.56 -22.57
C ASN A 777 -0.65 50.09 -21.15
N ILE A 778 0.39 49.20 -21.00
CA ILE A 778 0.85 48.75 -19.67
C ILE A 778 1.40 49.95 -18.93
N VAL A 779 2.37 50.65 -19.56
CA VAL A 779 3.05 51.83 -19.06
C VAL A 779 2.06 52.92 -18.61
N THR A 780 1.12 53.29 -19.52
CA THR A 780 0.08 54.29 -19.26
C THR A 780 -0.74 53.92 -18.01
N SER A 781 -1.10 52.63 -17.90
CA SER A 781 -1.86 52.12 -16.75
C SER A 781 -1.07 52.25 -15.44
N LEU A 782 0.26 52.02 -15.50
CA LEU A 782 1.15 52.11 -14.35
C LEU A 782 1.45 53.57 -13.97
N GLU A 783 1.34 54.49 -14.94
CA GLU A 783 1.51 55.91 -14.70
C GLU A 783 0.27 56.39 -13.93
N GLU A 784 -0.92 56.01 -14.41
CA GLU A 784 -2.18 56.42 -13.80
C GLU A 784 -2.51 55.71 -12.48
N ARG A 785 -1.81 54.61 -12.14
CA ARG A 785 -2.07 53.88 -10.90
C ARG A 785 -1.00 53.99 -9.83
N PHE A 786 0.27 54.16 -10.22
CA PHE A 786 1.40 54.23 -9.26
C PHE A 786 2.39 55.37 -9.53
N ASN A 787 2.10 56.21 -10.54
CA ASN A 787 2.95 57.31 -11.00
C ASN A 787 4.34 56.79 -11.40
N ALA A 788 4.32 55.66 -12.12
CA ALA A 788 5.49 54.97 -12.64
C ALA A 788 6.12 55.72 -13.82
N THR A 789 7.40 55.44 -14.07
CA THR A 789 8.25 56.08 -15.08
C THR A 789 9.16 55.01 -15.69
N LEU A 790 9.50 55.13 -16.98
CA LEU A 790 10.42 54.20 -17.61
C LEU A 790 11.84 54.65 -17.32
N ARG A 791 12.75 53.69 -17.09
CA ARG A 791 14.15 54.02 -16.78
C ARG A 791 14.92 54.44 -18.05
N MET B 1 -18.51 -7.70 -40.74
CA MET B 1 -19.62 -8.38 -41.41
C MET B 1 -20.81 -7.40 -41.49
N LYS B 2 -21.16 -7.02 -42.73
CA LYS B 2 -22.26 -6.09 -43.02
C LYS B 2 -23.46 -6.88 -43.54
N PHE B 3 -24.69 -6.38 -43.31
CA PHE B 3 -25.92 -7.07 -43.74
C PHE B 3 -27.15 -6.17 -43.72
N SER B 4 -28.14 -6.53 -44.53
CA SER B 4 -29.44 -5.85 -44.54
C SER B 4 -30.29 -6.39 -43.36
N GLU B 5 -30.85 -5.49 -42.56
CA GLU B 5 -31.71 -5.84 -41.43
C GLU B 5 -33.03 -6.49 -41.91
N LYS B 6 -33.58 -6.01 -43.02
CA LYS B 6 -34.82 -6.52 -43.61
C LYS B 6 -34.62 -8.00 -43.94
N TRP B 7 -33.48 -8.30 -44.58
CA TRP B 7 -33.10 -9.66 -44.94
C TRP B 7 -32.90 -10.52 -43.66
N LEU B 8 -32.20 -9.99 -42.66
CA LEU B 8 -32.04 -10.73 -41.40
C LEU B 8 -33.39 -11.04 -40.74
N ARG B 9 -34.29 -10.03 -40.66
CA ARG B 9 -35.63 -10.14 -40.05
C ARG B 9 -36.54 -11.08 -40.80
N SER B 10 -36.23 -11.36 -42.08
CA SER B 10 -36.97 -12.32 -42.89
C SER B 10 -36.71 -13.76 -42.40
N TRP B 11 -35.59 -13.99 -41.65
CA TRP B 11 -35.21 -15.29 -41.04
C TRP B 11 -35.61 -15.36 -39.56
N ALA B 12 -35.20 -14.34 -38.78
CA ALA B 12 -35.48 -14.21 -37.33
C ALA B 12 -35.86 -12.75 -37.05
N ASN B 13 -37.13 -12.50 -36.68
CA ASN B 13 -37.59 -11.15 -36.39
C ASN B 13 -37.71 -10.93 -34.89
N PRO B 14 -36.81 -10.08 -34.35
CA PRO B 14 -36.86 -9.82 -32.92
C PRO B 14 -38.03 -8.97 -32.38
N GLN B 15 -39.00 -8.41 -33.14
CA GLN B 15 -40.16 -7.66 -32.59
C GLN B 15 -39.79 -6.48 -31.66
N VAL B 16 -38.61 -5.91 -31.91
CA VAL B 16 -38.05 -4.74 -31.20
C VAL B 16 -37.66 -3.78 -32.32
N SER B 17 -37.35 -2.51 -32.04
CA SER B 17 -37.02 -1.57 -33.10
C SER B 17 -35.57 -1.73 -33.56
N HIS B 18 -35.19 -0.97 -34.60
CA HIS B 18 -33.83 -0.97 -35.12
C HIS B 18 -32.85 -0.58 -33.99
N ASP B 19 -33.15 0.53 -33.30
CA ASP B 19 -32.32 1.07 -32.23
C ASP B 19 -32.11 0.05 -31.12
N GLU B 20 -33.20 -0.65 -30.71
CA GLU B 20 -33.16 -1.70 -29.68
C GLU B 20 -32.31 -2.88 -30.10
N LEU B 21 -32.41 -3.28 -31.40
CA LEU B 21 -31.65 -4.38 -31.98
C LEU B 21 -30.16 -4.04 -32.00
N VAL B 22 -29.78 -2.83 -32.50
CA VAL B 22 -28.37 -2.38 -32.60
C VAL B 22 -27.75 -2.27 -31.20
N ALA B 23 -28.54 -1.90 -30.20
CA ALA B 23 -28.11 -1.74 -28.80
C ALA B 23 -27.76 -3.10 -28.19
N ARG B 24 -28.70 -4.05 -28.30
CA ARG B 24 -28.55 -5.41 -27.83
C ARG B 24 -27.42 -6.18 -28.50
N LEU B 25 -27.18 -5.97 -29.80
CA LEU B 25 -26.14 -6.72 -30.50
C LEU B 25 -24.76 -6.55 -29.88
N SER B 26 -24.38 -5.30 -29.58
CA SER B 26 -23.10 -5.00 -28.94
C SER B 26 -23.04 -5.57 -27.52
N MET B 27 -24.20 -5.57 -26.83
CA MET B 27 -24.37 -6.06 -25.47
C MET B 27 -24.30 -7.59 -25.33
N VAL B 28 -24.42 -8.31 -26.45
CA VAL B 28 -24.33 -9.78 -26.45
C VAL B 28 -23.08 -10.28 -27.18
N GLY B 29 -22.14 -9.40 -27.51
CA GLY B 29 -20.89 -9.81 -28.15
C GLY B 29 -20.75 -9.61 -29.64
N LEU B 30 -21.71 -8.91 -30.26
CA LEU B 30 -21.63 -8.60 -31.70
C LEU B 30 -21.55 -7.08 -31.79
N GLU B 31 -20.33 -6.53 -31.65
CA GLU B 31 -20.19 -5.08 -31.64
C GLU B 31 -20.49 -4.42 -32.99
N VAL B 32 -21.56 -3.60 -32.97
CA VAL B 32 -22.04 -2.84 -34.10
C VAL B 32 -21.09 -1.69 -34.33
N ASP B 33 -20.51 -1.64 -35.51
CA ASP B 33 -19.57 -0.61 -35.91
C ASP B 33 -20.28 0.48 -36.68
N ALA B 34 -21.41 0.15 -37.35
CA ALA B 34 -22.23 1.09 -38.13
C ALA B 34 -23.63 0.59 -38.40
N ASP B 35 -24.62 1.49 -38.39
CA ASP B 35 -26.01 1.23 -38.72
C ASP B 35 -26.42 2.39 -39.58
N LEU B 36 -26.67 2.13 -40.88
CA LEU B 36 -26.99 3.19 -41.85
C LEU B 36 -28.22 2.93 -42.66
N PRO B 37 -28.99 3.99 -42.99
CA PRO B 37 -30.13 3.82 -43.91
C PRO B 37 -29.61 3.44 -45.28
N VAL B 38 -30.36 2.58 -46.01
CA VAL B 38 -29.96 2.13 -47.36
C VAL B 38 -30.17 3.26 -48.42
N ALA B 39 -31.12 4.19 -48.16
CA ALA B 39 -31.42 5.29 -49.05
C ALA B 39 -31.97 6.55 -48.34
N GLY B 40 -32.08 7.62 -49.11
CA GLY B 40 -32.68 8.88 -48.68
C GLY B 40 -34.17 8.77 -48.58
N ALA B 41 -34.79 9.71 -47.89
CA ALA B 41 -36.23 9.72 -47.69
C ALA B 41 -36.96 10.45 -48.82
N PHE B 42 -38.13 9.93 -49.21
CA PHE B 42 -38.99 10.49 -50.25
C PHE B 42 -40.36 9.78 -50.26
N SER B 43 -41.36 10.36 -50.97
CA SER B 43 -42.74 9.85 -51.04
C SER B 43 -43.35 10.24 -52.36
N GLY B 44 -44.38 9.49 -52.76
CA GLY B 44 -45.11 9.74 -54.01
C GLY B 44 -44.48 9.19 -55.25
N VAL B 45 -43.46 8.32 -55.11
CA VAL B 45 -42.72 7.71 -56.22
C VAL B 45 -43.14 6.25 -56.39
N VAL B 46 -43.68 5.92 -57.56
CA VAL B 46 -44.20 4.59 -57.87
C VAL B 46 -43.52 3.97 -59.07
N VAL B 47 -43.77 2.67 -59.31
CA VAL B 47 -43.24 2.03 -60.49
C VAL B 47 -44.06 2.49 -61.70
N GLY B 48 -43.38 3.07 -62.68
CA GLY B 48 -43.99 3.54 -63.92
C GLY B 48 -43.52 2.79 -65.15
N GLU B 49 -44.36 2.73 -66.20
CA GLU B 49 -44.00 2.09 -67.47
C GLU B 49 -44.12 3.06 -68.63
N VAL B 50 -43.01 3.24 -69.39
CA VAL B 50 -43.02 4.11 -70.56
C VAL B 50 -43.71 3.37 -71.67
N LEU B 51 -44.83 3.91 -72.14
CA LEU B 51 -45.61 3.29 -73.21
C LEU B 51 -45.10 3.73 -74.58
N SER B 52 -44.72 5.01 -74.69
CA SER B 52 -44.23 5.63 -75.91
C SER B 52 -43.44 6.88 -75.60
N THR B 53 -42.50 7.21 -76.51
CA THR B 53 -41.69 8.45 -76.47
C THR B 53 -41.78 9.11 -77.84
N GLU B 54 -41.82 10.43 -77.85
CA GLU B 54 -41.84 11.20 -79.09
C GLU B 54 -40.84 12.33 -78.96
N GLN B 55 -40.38 12.89 -80.08
CA GLN B 55 -39.40 13.97 -80.01
C GLN B 55 -40.13 15.27 -79.69
N HIS B 56 -39.64 15.99 -78.66
CA HIS B 56 -40.16 17.30 -78.24
C HIS B 56 -40.03 18.25 -79.46
N PRO B 57 -41.16 18.82 -79.95
CA PRO B 57 -41.09 19.63 -81.17
C PRO B 57 -40.32 20.97 -81.05
N ASP B 58 -39.85 21.35 -79.84
CA ASP B 58 -39.17 22.62 -79.60
C ASP B 58 -37.91 22.52 -78.68
N ALA B 59 -37.33 21.30 -78.55
CA ALA B 59 -36.13 21.04 -77.75
C ALA B 59 -35.60 19.66 -78.09
N ASP B 60 -34.45 19.60 -78.78
CA ASP B 60 -33.87 18.34 -79.25
C ASP B 60 -33.38 17.41 -78.14
N LYS B 61 -32.90 17.98 -77.01
CA LYS B 61 -32.40 17.20 -75.87
C LYS B 61 -33.52 16.51 -75.03
N LEU B 62 -34.79 16.86 -75.33
CA LEU B 62 -35.99 16.41 -74.63
C LEU B 62 -36.88 15.49 -75.44
N ARG B 63 -37.60 14.63 -74.72
CA ARG B 63 -38.54 13.66 -75.26
C ARG B 63 -39.87 13.87 -74.58
N VAL B 64 -40.96 13.66 -75.31
CA VAL B 64 -42.32 13.73 -74.77
C VAL B 64 -42.85 12.26 -74.63
N CYS B 65 -42.92 11.78 -73.37
CA CYS B 65 -43.32 10.41 -73.01
C CYS B 65 -44.75 10.28 -72.51
N GLN B 66 -45.34 9.12 -72.76
CA GLN B 66 -46.63 8.67 -72.26
C GLN B 66 -46.28 7.55 -71.25
N VAL B 67 -46.48 7.83 -69.96
CA VAL B 67 -46.12 6.94 -68.86
C VAL B 67 -47.36 6.49 -68.07
N SER B 68 -47.44 5.19 -67.78
CA SER B 68 -48.55 4.59 -67.02
C SER B 68 -48.12 4.30 -65.57
N ASN B 69 -49.03 4.50 -64.60
CA ASN B 69 -48.78 4.16 -63.18
C ASN B 69 -49.66 2.90 -62.81
N GLY B 70 -50.20 2.21 -63.85
CA GLY B 70 -51.08 1.07 -63.70
C GLY B 70 -52.55 1.44 -63.60
N SER B 71 -52.84 2.72 -63.27
CA SER B 71 -54.20 3.24 -63.13
C SER B 71 -54.57 4.23 -64.22
N GLU B 72 -53.60 5.07 -64.60
CA GLU B 72 -53.76 6.23 -65.49
C GLU B 72 -52.49 6.47 -66.33
N THR B 73 -52.66 7.09 -67.52
CA THR B 73 -51.54 7.45 -68.41
C THR B 73 -51.30 8.95 -68.33
N PHE B 74 -50.05 9.33 -68.01
CA PHE B 74 -49.60 10.69 -67.83
C PHE B 74 -48.58 11.07 -68.87
N GLN B 75 -48.63 12.33 -69.31
CA GLN B 75 -47.63 12.84 -70.23
C GLN B 75 -46.49 13.42 -69.41
N VAL B 76 -45.28 12.91 -69.62
CA VAL B 76 -44.14 13.46 -68.90
C VAL B 76 -43.02 13.75 -69.90
N VAL B 77 -42.42 14.93 -69.78
CA VAL B 77 -41.31 15.38 -70.61
C VAL B 77 -40.00 14.88 -69.95
N CYS B 78 -39.19 14.10 -70.68
CA CYS B 78 -37.94 13.61 -70.12
C CYS B 78 -36.71 13.99 -70.96
N GLY B 79 -35.65 14.40 -70.29
CA GLY B 79 -34.37 14.75 -70.92
C GLY B 79 -33.30 13.68 -70.86
N ALA B 80 -33.51 12.61 -70.06
CA ALA B 80 -32.55 11.51 -69.89
C ALA B 80 -32.27 10.74 -71.21
N PRO B 81 -30.98 10.49 -71.53
CA PRO B 81 -30.66 9.81 -72.81
C PRO B 81 -31.16 8.36 -72.94
N ASN B 82 -31.38 7.66 -71.81
CA ASN B 82 -31.86 6.28 -71.80
C ASN B 82 -33.40 6.12 -71.87
N VAL B 83 -34.19 7.23 -71.89
CA VAL B 83 -35.66 7.16 -71.88
C VAL B 83 -36.16 6.55 -73.20
N ARG B 84 -36.94 5.44 -73.07
CA ARG B 84 -37.47 4.70 -74.22
C ARG B 84 -38.71 3.89 -73.86
N ALA B 85 -39.54 3.55 -74.86
CA ALA B 85 -40.73 2.72 -74.67
C ALA B 85 -40.35 1.36 -74.05
N GLY B 86 -41.21 0.90 -73.13
CA GLY B 86 -41.09 -0.38 -72.43
C GLY B 86 -40.35 -0.33 -71.12
N LEU B 87 -39.61 0.76 -70.88
CA LEU B 87 -38.82 0.96 -69.67
C LEU B 87 -39.69 1.08 -68.42
N LYS B 88 -39.31 0.32 -67.36
CA LYS B 88 -39.91 0.35 -66.01
C LYS B 88 -38.98 1.27 -65.24
N ILE B 89 -39.55 2.37 -64.74
CA ILE B 89 -38.81 3.44 -64.11
C ILE B 89 -39.50 4.04 -62.88
N PRO B 90 -38.77 4.73 -61.96
CA PRO B 90 -39.48 5.38 -60.83
C PRO B 90 -40.24 6.61 -61.35
N PHE B 91 -41.54 6.63 -61.17
CA PHE B 91 -42.38 7.74 -61.60
C PHE B 91 -42.82 8.61 -60.42
N ALA B 92 -42.26 9.82 -60.36
CA ALA B 92 -42.59 10.82 -59.33
C ALA B 92 -43.73 11.71 -59.84
N MET B 93 -44.94 11.44 -59.35
CA MET B 93 -46.16 12.13 -59.72
C MET B 93 -46.24 13.55 -59.13
N ILE B 94 -47.14 14.41 -59.66
CA ILE B 94 -47.33 15.78 -59.17
C ILE B 94 -47.74 15.56 -57.70
N GLY B 95 -47.03 16.10 -56.75
CA GLY B 95 -47.42 15.85 -55.37
C GLY B 95 -46.26 15.18 -54.64
N ALA B 96 -45.47 14.35 -55.39
CA ALA B 96 -44.30 13.65 -54.89
C ALA B 96 -43.29 14.58 -54.26
N GLU B 97 -42.73 14.13 -53.13
CA GLU B 97 -41.74 14.83 -52.33
C GLU B 97 -40.44 14.06 -52.45
N LEU B 98 -39.48 14.63 -53.18
CA LEU B 98 -38.16 14.04 -53.39
C LEU B 98 -37.15 14.56 -52.37
N PRO B 99 -35.93 13.97 -52.21
CA PRO B 99 -34.99 14.48 -51.18
C PRO B 99 -34.59 15.96 -51.35
N ASP B 100 -34.12 16.60 -50.25
CA ASP B 100 -33.70 18.01 -50.17
C ASP B 100 -34.87 18.94 -50.56
N ASP B 101 -36.05 18.67 -49.95
CA ASP B 101 -37.34 19.37 -50.09
C ASP B 101 -37.68 19.77 -51.55
N PHE B 102 -37.57 18.79 -52.47
CA PHE B 102 -37.88 18.95 -53.87
C PHE B 102 -39.29 18.41 -54.15
N LYS B 103 -40.29 19.32 -54.23
CA LYS B 103 -41.69 18.97 -54.47
C LYS B 103 -41.97 19.00 -55.96
N ILE B 104 -42.58 17.92 -56.47
CA ILE B 104 -42.91 17.82 -57.91
C ILE B 104 -44.20 18.64 -58.15
N LYS B 105 -44.15 19.55 -59.14
CA LYS B 105 -45.29 20.39 -59.49
C LYS B 105 -45.61 20.15 -60.97
N LYS B 106 -46.70 20.78 -61.46
CA LYS B 106 -47.09 20.70 -62.85
C LYS B 106 -46.08 21.53 -63.62
N ALA B 107 -45.82 21.14 -64.88
CA ALA B 107 -44.87 21.87 -65.71
C ALA B 107 -45.29 21.97 -67.15
N LYS B 108 -44.86 23.05 -67.81
CA LYS B 108 -45.05 23.31 -69.24
C LYS B 108 -43.65 23.61 -69.78
N LEU B 109 -42.89 22.54 -70.03
CA LEU B 109 -41.52 22.60 -70.54
C LEU B 109 -41.49 22.80 -72.06
N ARG B 110 -41.04 23.97 -72.49
CA ARG B 110 -40.94 24.45 -73.87
C ARG B 110 -42.25 24.25 -74.63
N GLY B 111 -43.34 24.72 -74.02
CA GLY B 111 -44.68 24.64 -74.56
C GLY B 111 -45.40 23.32 -74.40
N VAL B 112 -44.75 22.29 -73.80
CA VAL B 112 -45.35 20.97 -73.61
C VAL B 112 -45.60 20.65 -72.12
N GLU B 113 -46.83 20.19 -71.81
CA GLU B 113 -47.26 19.84 -70.45
C GLU B 113 -46.64 18.53 -69.96
N SER B 114 -46.23 18.51 -68.68
CA SER B 114 -45.58 17.39 -68.00
C SER B 114 -46.23 17.20 -66.61
N PHE B 115 -46.82 16.02 -66.39
CA PHE B 115 -47.57 15.65 -65.18
C PHE B 115 -46.81 14.66 -64.27
N GLY B 116 -45.58 15.02 -64.01
CA GLY B 116 -44.69 14.23 -63.18
C GLY B 116 -43.27 14.32 -63.67
N MET B 117 -42.43 13.42 -63.14
CA MET B 117 -41.02 13.34 -63.44
C MET B 117 -40.54 11.91 -63.29
N LEU B 118 -39.70 11.44 -64.24
CA LEU B 118 -39.09 10.10 -64.17
C LEU B 118 -37.72 10.31 -63.52
N CYS B 119 -37.31 9.39 -62.59
CA CYS B 119 -36.12 9.62 -61.77
C CYS B 119 -34.92 8.74 -62.01
N SER B 120 -33.78 9.30 -61.65
CA SER B 120 -32.48 8.66 -61.59
C SER B 120 -32.34 8.21 -60.13
N ALA B 121 -31.40 7.29 -59.91
CA ALA B 121 -31.06 6.78 -58.60
C ALA B 121 -30.55 7.93 -57.74
N LYS B 122 -29.72 8.81 -58.33
CA LYS B 122 -29.14 10.02 -57.72
C LYS B 122 -30.23 10.97 -57.17
N GLU B 123 -31.24 11.34 -58.01
CA GLU B 123 -32.38 12.19 -57.66
C GLU B 123 -33.11 11.64 -56.43
N LEU B 124 -33.13 10.30 -56.23
CA LEU B 124 -33.82 9.60 -55.14
C LEU B 124 -32.93 9.21 -53.97
N GLN B 125 -31.61 9.49 -54.07
CA GLN B 125 -30.59 9.16 -53.07
C GLN B 125 -30.49 7.63 -52.89
N ILE B 126 -30.63 6.90 -54.00
CA ILE B 126 -30.54 5.45 -54.10
C ILE B 126 -29.09 5.04 -54.41
N SER B 127 -28.51 5.65 -55.44
CA SER B 127 -27.12 5.45 -55.88
C SER B 127 -26.58 6.84 -56.33
N GLU B 128 -25.35 6.91 -56.88
CA GLU B 128 -24.81 8.17 -57.39
C GLU B 128 -24.93 8.17 -58.94
N GLU B 129 -25.75 7.21 -59.46
CA GLU B 129 -26.03 7.07 -60.88
C GLU B 129 -27.02 8.12 -61.36
N ASN B 130 -26.49 9.23 -61.93
CA ASN B 130 -27.28 10.30 -62.52
C ASN B 130 -27.20 10.22 -64.04
N ALA B 131 -26.40 9.23 -64.56
CA ALA B 131 -26.18 8.94 -65.99
C ALA B 131 -27.48 8.91 -66.79
N GLY B 132 -28.57 8.56 -66.09
CA GLY B 132 -29.92 8.50 -66.62
C GLY B 132 -30.89 7.94 -65.61
N LEU B 133 -32.09 7.63 -66.09
CA LEU B 133 -33.19 7.09 -65.31
C LEU B 133 -32.84 5.74 -64.73
N LEU B 134 -33.26 5.52 -63.47
CA LEU B 134 -33.06 4.25 -62.78
C LEU B 134 -33.92 3.16 -63.45
N GLU B 135 -33.31 2.43 -64.39
CA GLU B 135 -33.93 1.31 -65.10
C GLU B 135 -34.24 0.16 -64.11
N LEU B 136 -35.54 -0.19 -64.01
CA LEU B 136 -36.06 -1.23 -63.13
C LEU B 136 -36.33 -2.53 -63.93
N PRO B 137 -36.34 -3.70 -63.24
CA PRO B 137 -36.59 -4.97 -63.93
C PRO B 137 -37.81 -4.94 -64.83
N ALA B 138 -37.75 -5.66 -65.95
CA ALA B 138 -38.83 -5.71 -66.93
C ALA B 138 -40.15 -6.17 -66.31
N ASP B 139 -40.06 -6.96 -65.24
CA ASP B 139 -41.20 -7.51 -64.51
C ASP B 139 -41.58 -6.74 -63.22
N ALA B 140 -41.14 -5.47 -63.09
CA ALA B 140 -41.48 -4.64 -61.92
C ALA B 140 -43.02 -4.40 -61.80
N PRO B 141 -43.60 -4.42 -60.56
CA PRO B 141 -45.05 -4.19 -60.42
C PRO B 141 -45.43 -2.71 -60.59
N VAL B 142 -45.98 -2.36 -61.76
CA VAL B 142 -46.27 -0.97 -62.07
C VAL B 142 -47.45 -0.48 -61.21
N GLY B 143 -47.17 0.63 -60.53
CA GLY B 143 -48.05 1.31 -59.60
C GLY B 143 -47.61 1.23 -58.15
N GLN B 144 -46.87 0.16 -57.80
CA GLN B 144 -46.34 -0.09 -56.44
C GLN B 144 -45.34 1.01 -55.99
N ASP B 145 -45.39 1.43 -54.71
CA ASP B 145 -44.44 2.40 -54.20
C ASP B 145 -43.00 1.85 -54.36
N VAL B 146 -42.14 2.66 -55.00
CA VAL B 146 -40.74 2.36 -55.31
C VAL B 146 -39.95 2.02 -54.03
N ARG B 147 -40.30 2.64 -52.89
CA ARG B 147 -39.65 2.35 -51.60
C ARG B 147 -39.95 0.90 -51.18
N THR B 148 -41.21 0.43 -51.40
CA THR B 148 -41.68 -0.91 -51.08
C THR B 148 -41.00 -1.92 -51.98
N TYR B 149 -41.06 -1.71 -53.30
CA TYR B 149 -40.44 -2.58 -54.30
C TYR B 149 -38.91 -2.73 -54.11
N LEU B 150 -38.22 -1.62 -53.90
CA LEU B 150 -36.78 -1.61 -53.77
C LEU B 150 -36.30 -1.84 -52.34
N GLU B 151 -37.25 -2.09 -51.41
CA GLU B 151 -37.03 -2.36 -49.98
C GLU B 151 -36.10 -1.32 -49.37
N LEU B 152 -36.41 -0.03 -49.56
CA LEU B 152 -35.61 1.10 -49.13
C LEU B 152 -35.83 1.50 -47.66
N ALA B 153 -36.81 0.88 -46.98
CA ALA B 153 -37.05 1.15 -45.57
C ALA B 153 -36.26 0.04 -44.91
N ASP B 154 -34.94 0.29 -44.81
CA ASP B 154 -33.99 -0.69 -44.36
C ASP B 154 -32.71 -0.03 -43.94
N TYR B 155 -31.96 -0.76 -43.14
CA TYR B 155 -30.68 -0.35 -42.67
C TYR B 155 -29.71 -1.44 -42.92
N THR B 156 -28.45 -1.05 -43.13
CA THR B 156 -27.34 -1.99 -43.23
C THR B 156 -26.66 -1.96 -41.84
N ILE B 157 -26.49 -3.13 -41.20
CA ILE B 157 -25.82 -3.18 -39.88
C ILE B 157 -24.45 -3.85 -40.07
N GLU B 158 -23.39 -3.16 -39.64
CA GLU B 158 -22.02 -3.68 -39.72
C GLU B 158 -21.57 -4.07 -38.33
N VAL B 159 -21.18 -5.31 -38.19
CA VAL B 159 -20.75 -5.93 -36.95
C VAL B 159 -19.26 -6.26 -37.09
N GLY B 160 -18.49 -5.90 -36.07
CA GLY B 160 -17.06 -6.21 -36.00
C GLY B 160 -16.93 -7.48 -35.20
N LEU B 161 -16.86 -8.60 -35.92
CA LEU B 161 -16.82 -9.94 -35.32
C LEU B 161 -15.52 -10.27 -34.71
N THR B 162 -15.59 -11.02 -33.60
CA THR B 162 -14.42 -11.54 -32.87
C THR B 162 -14.03 -12.84 -33.60
N PRO B 163 -12.70 -13.16 -33.68
CA PRO B 163 -12.26 -14.38 -34.40
C PRO B 163 -12.93 -15.71 -34.03
N ASN B 164 -13.57 -15.79 -32.87
CA ASN B 164 -14.26 -17.01 -32.44
C ASN B 164 -15.70 -17.14 -33.05
N ARG B 165 -16.22 -16.05 -33.68
CA ARG B 165 -17.58 -16.06 -34.21
C ARG B 165 -17.64 -16.07 -35.72
N GLY B 166 -16.92 -17.03 -36.29
CA GLY B 166 -16.84 -17.30 -37.73
C GLY B 166 -18.15 -17.76 -38.29
N ASP B 167 -19.00 -18.30 -37.42
CA ASP B 167 -20.34 -18.78 -37.76
C ASP B 167 -21.28 -17.62 -38.13
N CYS B 168 -20.96 -16.39 -37.66
CA CYS B 168 -21.73 -15.18 -37.90
C CYS B 168 -21.27 -14.42 -39.14
N LEU B 169 -20.48 -15.09 -40.01
CA LEU B 169 -20.00 -14.54 -41.27
C LEU B 169 -21.02 -14.80 -42.39
N SER B 170 -22.30 -14.86 -42.02
CA SER B 170 -23.41 -15.13 -42.92
C SER B 170 -24.69 -14.66 -42.31
N LEU B 171 -25.72 -14.50 -43.14
CA LEU B 171 -27.04 -14.13 -42.69
C LEU B 171 -27.63 -15.28 -41.88
N ALA B 172 -27.33 -16.52 -42.26
CA ALA B 172 -27.78 -17.73 -41.55
C ALA B 172 -27.24 -17.76 -40.11
N GLY B 173 -25.97 -17.37 -39.97
CA GLY B 173 -25.25 -17.30 -38.71
C GLY B 173 -25.81 -16.24 -37.79
N LEU B 174 -25.90 -14.99 -38.30
CA LEU B 174 -26.45 -13.84 -37.60
C LEU B 174 -27.91 -14.01 -37.18
N ALA B 175 -28.73 -14.62 -38.05
CA ALA B 175 -30.14 -14.86 -37.75
C ALA B 175 -30.33 -15.89 -36.64
N ARG B 176 -29.41 -16.87 -36.54
CA ARG B 176 -29.47 -17.90 -35.49
C ARG B 176 -29.19 -17.25 -34.14
N GLU B 177 -28.28 -16.26 -34.12
CA GLU B 177 -27.93 -15.49 -32.93
C GLU B 177 -29.12 -14.70 -32.47
N VAL B 178 -29.77 -13.96 -33.38
CA VAL B 178 -30.94 -13.14 -33.08
C VAL B 178 -32.03 -14.00 -32.45
N SER B 179 -32.32 -15.16 -33.08
CA SER B 179 -33.30 -16.13 -32.58
C SER B 179 -32.98 -16.56 -31.15
N ALA B 180 -31.67 -16.71 -30.80
CA ALA B 180 -31.22 -17.08 -29.45
C ALA B 180 -31.37 -15.89 -28.51
N ILE B 181 -30.83 -14.70 -28.90
CA ILE B 181 -30.88 -13.46 -28.13
C ILE B 181 -32.31 -13.16 -27.68
N TYR B 182 -33.24 -13.25 -28.62
CA TYR B 182 -34.63 -12.87 -28.46
C TYR B 182 -35.59 -14.02 -28.24
N ASP B 183 -35.09 -15.28 -28.24
CA ASP B 183 -35.93 -16.47 -28.05
C ASP B 183 -37.16 -16.39 -29.00
N VAL B 184 -36.89 -16.23 -30.30
CA VAL B 184 -37.91 -16.10 -31.35
C VAL B 184 -37.75 -17.23 -32.38
N PRO B 185 -38.82 -17.64 -33.14
CA PRO B 185 -38.62 -18.67 -34.18
C PRO B 185 -37.62 -18.26 -35.27
N LEU B 186 -36.90 -19.25 -35.81
CA LEU B 186 -35.92 -19.09 -36.87
C LEU B 186 -36.44 -19.84 -38.10
N ALA B 187 -36.72 -19.09 -39.17
CA ALA B 187 -37.23 -19.60 -40.45
C ALA B 187 -36.11 -19.57 -41.50
N PRO B 188 -35.22 -20.59 -41.58
CA PRO B 188 -34.16 -20.54 -42.59
C PRO B 188 -34.74 -20.79 -43.97
N VAL B 189 -34.02 -20.33 -45.03
CA VAL B 189 -34.47 -20.50 -46.40
C VAL B 189 -34.66 -22.00 -46.69
N ALA B 190 -35.86 -22.37 -47.17
CA ALA B 190 -36.15 -23.78 -47.51
C ALA B 190 -35.43 -24.03 -48.84
N VAL B 191 -34.53 -25.00 -48.81
CA VAL B 191 -33.70 -25.30 -49.95
C VAL B 191 -34.06 -26.67 -50.46
N ASP B 192 -34.85 -26.68 -51.51
CA ASP B 192 -35.27 -27.92 -52.15
C ASP B 192 -34.13 -28.42 -53.02
N ALA B 193 -33.95 -29.72 -53.03
CA ALA B 193 -32.94 -30.36 -53.88
C ALA B 193 -33.35 -30.10 -55.32
N VAL B 194 -32.39 -29.73 -56.16
CA VAL B 194 -32.64 -29.54 -57.58
C VAL B 194 -32.41 -30.89 -58.24
N ALA B 195 -33.45 -31.43 -58.89
CA ALA B 195 -33.35 -32.72 -59.60
C ALA B 195 -32.47 -32.61 -60.84
N ALA B 196 -31.57 -33.63 -61.00
CA ALA B 196 -30.68 -33.78 -62.14
C ALA B 196 -31.54 -33.96 -63.41
N GLN B 197 -31.14 -33.31 -64.50
CA GLN B 197 -31.81 -33.37 -65.79
C GLN B 197 -31.05 -34.32 -66.72
N HIS B 198 -29.82 -34.73 -66.31
CA HIS B 198 -28.92 -35.64 -67.04
C HIS B 198 -28.00 -36.38 -66.04
N ASP B 199 -27.07 -37.20 -66.52
CA ASP B 199 -26.21 -38.02 -65.67
C ASP B 199 -24.72 -37.66 -65.78
N GLU B 200 -24.40 -36.57 -66.49
CA GLU B 200 -23.03 -36.11 -66.62
C GLU B 200 -22.49 -35.61 -65.29
N THR B 201 -21.33 -36.19 -64.93
CA THR B 201 -20.59 -35.93 -63.71
C THR B 201 -19.13 -35.83 -64.10
N ARG B 202 -18.30 -35.55 -63.11
CA ARG B 202 -16.85 -35.54 -63.18
C ARG B 202 -16.41 -36.25 -61.89
N PRO B 203 -15.43 -37.17 -61.96
CA PRO B 203 -14.94 -37.82 -60.72
C PRO B 203 -14.24 -36.83 -59.81
N VAL B 204 -14.28 -37.10 -58.48
CA VAL B 204 -13.65 -36.28 -57.45
C VAL B 204 -12.80 -37.21 -56.60
N GLU B 205 -11.56 -36.81 -56.32
CA GLU B 205 -10.63 -37.61 -55.51
C GLU B 205 -10.13 -36.77 -54.35
N LEU B 206 -10.22 -37.30 -53.12
CA LEU B 206 -9.72 -36.65 -51.93
C LEU B 206 -8.38 -37.27 -51.64
N ALA B 207 -7.32 -36.71 -52.24
CA ALA B 207 -5.94 -37.16 -52.06
C ALA B 207 -5.35 -36.70 -50.70
N ALA B 208 -5.97 -35.67 -50.06
CA ALA B 208 -5.57 -35.14 -48.73
C ALA B 208 -6.89 -34.99 -47.91
N PRO B 209 -7.43 -36.12 -47.37
CA PRO B 209 -8.73 -36.08 -46.70
C PRO B 209 -8.76 -35.40 -45.34
N ALA B 210 -7.59 -35.23 -44.71
CA ALA B 210 -7.50 -34.54 -43.43
C ALA B 210 -7.64 -33.01 -43.68
N ALA B 211 -7.19 -32.51 -44.85
CA ALA B 211 -7.33 -31.08 -45.17
C ALA B 211 -8.71 -30.75 -45.82
N CYS B 212 -9.30 -31.75 -46.48
CA CYS B 212 -10.61 -31.65 -47.09
C CYS B 212 -11.38 -32.97 -46.88
N PRO B 213 -12.14 -33.10 -45.78
CA PRO B 213 -12.90 -34.35 -45.55
C PRO B 213 -14.22 -34.42 -46.33
N ARG B 214 -14.62 -33.34 -46.99
CA ARG B 214 -15.83 -33.31 -47.81
C ARG B 214 -15.70 -32.35 -48.96
N TYR B 215 -16.04 -32.84 -50.17
CA TYR B 215 -16.02 -32.08 -51.41
C TYR B 215 -17.22 -32.44 -52.28
N LEU B 216 -17.99 -31.43 -52.69
CA LEU B 216 -19.16 -31.59 -53.55
C LEU B 216 -18.93 -30.91 -54.90
N GLY B 217 -19.19 -31.66 -55.98
CA GLY B 217 -19.02 -31.23 -57.35
C GLY B 217 -20.27 -31.42 -58.18
N ARG B 218 -20.55 -30.50 -59.11
CA ARG B 218 -21.77 -30.61 -59.91
C ARG B 218 -21.58 -30.01 -61.26
N VAL B 219 -22.02 -30.74 -62.30
CA VAL B 219 -21.98 -30.30 -63.70
C VAL B 219 -23.27 -29.53 -64.03
N ILE B 220 -23.10 -28.32 -64.57
CA ILE B 220 -24.20 -27.48 -65.06
C ILE B 220 -23.91 -27.17 -66.54
N ARG B 221 -24.70 -27.78 -67.43
CA ARG B 221 -24.51 -27.62 -68.86
C ARG B 221 -25.31 -26.48 -69.43
N ASN B 222 -24.77 -25.90 -70.51
CA ASN B 222 -25.37 -24.89 -71.38
C ASN B 222 -25.98 -23.69 -70.64
N VAL B 223 -25.10 -22.99 -69.91
CA VAL B 223 -25.39 -21.76 -69.18
C VAL B 223 -25.19 -20.55 -70.12
N ASP B 224 -26.08 -19.54 -70.05
CA ASP B 224 -25.99 -18.32 -70.85
C ASP B 224 -25.45 -17.19 -69.96
N LEU B 225 -24.12 -17.07 -69.96
CA LEU B 225 -23.40 -16.13 -69.11
C LEU B 225 -23.55 -14.65 -69.49
N SER B 226 -24.27 -14.36 -70.57
CA SER B 226 -24.55 -13.02 -71.04
C SER B 226 -25.72 -12.42 -70.24
N ARG B 227 -26.50 -13.26 -69.53
CA ARG B 227 -27.67 -12.83 -68.76
C ARG B 227 -27.30 -12.05 -67.50
N PRO B 228 -28.12 -11.06 -67.07
CA PRO B 228 -27.71 -10.24 -65.89
C PRO B 228 -28.04 -10.84 -64.54
N THR B 229 -27.36 -10.34 -63.51
CA THR B 229 -27.64 -10.71 -62.14
C THR B 229 -28.95 -9.97 -61.76
N PRO B 230 -29.99 -10.66 -61.23
CA PRO B 230 -31.23 -9.97 -60.83
C PRO B 230 -30.98 -8.91 -59.74
N LEU B 231 -31.80 -7.85 -59.74
CA LEU B 231 -31.70 -6.73 -58.80
C LEU B 231 -31.77 -7.14 -57.34
N TRP B 232 -32.69 -8.05 -56.97
CA TRP B 232 -32.79 -8.49 -55.59
C TRP B 232 -31.45 -9.02 -55.05
N MET B 233 -30.69 -9.74 -55.92
CA MET B 233 -29.39 -10.28 -55.54
C MET B 233 -28.29 -9.22 -55.47
N VAL B 234 -28.30 -8.27 -56.41
CA VAL B 234 -27.36 -7.14 -56.44
C VAL B 234 -27.51 -6.33 -55.16
N GLU B 235 -28.76 -6.03 -54.75
CA GLU B 235 -29.05 -5.25 -53.55
C GLU B 235 -28.65 -5.98 -52.27
N ARG B 236 -28.94 -7.29 -52.16
CA ARG B 236 -28.55 -8.11 -51.00
C ARG B 236 -27.04 -8.21 -50.88
N LEU B 237 -26.32 -8.39 -51.99
CA LEU B 237 -24.87 -8.39 -51.98
C LEU B 237 -24.32 -7.00 -51.62
N ARG B 238 -24.89 -5.92 -52.22
CA ARG B 238 -24.47 -4.51 -52.03
C ARG B 238 -24.62 -4.11 -50.57
N ARG B 239 -25.75 -4.52 -49.95
CA ARG B 239 -26.03 -4.26 -48.55
C ARG B 239 -25.12 -5.06 -47.63
N SER B 240 -24.24 -5.92 -48.17
CA SER B 240 -23.22 -6.69 -47.41
C SER B 240 -21.79 -6.29 -47.86
N ASP B 241 -21.70 -5.19 -48.62
CA ASP B 241 -20.50 -4.57 -49.20
C ASP B 241 -19.86 -5.41 -50.30
N ILE B 242 -20.66 -6.29 -50.96
CA ILE B 242 -20.19 -7.07 -52.09
C ILE B 242 -20.65 -6.45 -53.38
N ARG B 243 -19.66 -6.05 -54.21
CA ARG B 243 -19.85 -5.49 -55.53
C ARG B 243 -20.20 -6.62 -56.52
N SER B 244 -21.24 -6.40 -57.31
CA SER B 244 -21.72 -7.30 -58.37
C SER B 244 -20.65 -7.30 -59.49
N ILE B 245 -20.18 -8.50 -59.93
CA ILE B 245 -19.17 -8.53 -60.99
C ILE B 245 -19.70 -9.28 -62.24
N ASP B 246 -20.19 -10.52 -62.09
CA ASP B 246 -20.72 -11.38 -63.14
C ASP B 246 -21.73 -12.39 -62.54
N PRO B 247 -22.74 -12.87 -63.31
CA PRO B 247 -23.76 -13.75 -62.71
C PRO B 247 -23.26 -14.91 -61.84
N VAL B 248 -22.29 -15.70 -62.33
CA VAL B 248 -21.80 -16.89 -61.62
C VAL B 248 -21.08 -16.51 -60.34
N VAL B 249 -20.15 -15.55 -60.37
CA VAL B 249 -19.44 -15.10 -59.15
C VAL B 249 -20.44 -14.51 -58.16
N ASP B 250 -21.44 -13.76 -58.67
CA ASP B 250 -22.50 -13.13 -57.87
C ASP B 250 -23.28 -14.17 -57.11
N VAL B 251 -23.67 -15.28 -57.77
CA VAL B 251 -24.37 -16.38 -57.09
C VAL B 251 -23.50 -17.02 -56.00
N THR B 252 -22.24 -17.38 -56.32
CA THR B 252 -21.37 -18.06 -55.33
C THR B 252 -21.10 -17.15 -54.14
N ASN B 253 -20.91 -15.82 -54.38
CA ASN B 253 -20.74 -14.82 -53.33
C ASN B 253 -22.03 -14.70 -52.51
N TYR B 254 -23.19 -14.63 -53.19
CA TYR B 254 -24.48 -14.56 -52.55
C TYR B 254 -24.71 -15.75 -51.65
N VAL B 255 -24.51 -16.97 -52.15
CA VAL B 255 -24.68 -18.22 -51.38
C VAL B 255 -23.81 -18.21 -50.08
N MET B 256 -22.58 -17.67 -50.19
CA MET B 256 -21.61 -17.55 -49.10
C MET B 256 -22.06 -16.56 -48.04
N ILE B 257 -22.57 -15.43 -48.46
CA ILE B 257 -23.05 -14.38 -47.59
C ILE B 257 -24.40 -14.78 -46.98
N GLU B 258 -25.23 -15.55 -47.71
CA GLU B 258 -26.52 -16.02 -47.21
C GLU B 258 -26.39 -17.17 -46.20
N LEU B 259 -25.65 -18.22 -46.60
CA LEU B 259 -25.53 -19.45 -45.81
C LEU B 259 -24.22 -19.62 -45.04
N GLY B 260 -23.15 -18.96 -45.49
CA GLY B 260 -21.83 -19.05 -44.90
C GLY B 260 -20.90 -19.98 -45.64
N GLN B 261 -21.38 -20.57 -46.77
CA GLN B 261 -20.60 -21.51 -47.55
C GLN B 261 -19.88 -20.87 -48.72
N PRO B 262 -18.52 -20.69 -48.66
CA PRO B 262 -17.80 -20.20 -49.84
C PRO B 262 -17.91 -21.27 -50.92
N MET B 263 -18.10 -20.84 -52.16
CA MET B 263 -18.23 -21.76 -53.28
C MET B 263 -17.44 -21.23 -54.41
N HIS B 264 -17.20 -22.09 -55.40
CA HIS B 264 -16.44 -21.74 -56.58
C HIS B 264 -16.96 -22.46 -57.82
N ALA B 265 -16.96 -21.77 -58.97
CA ALA B 265 -17.35 -22.34 -60.25
C ALA B 265 -16.17 -22.31 -61.19
N PHE B 266 -15.90 -23.45 -61.82
CA PHE B 266 -14.86 -23.63 -62.83
C PHE B 266 -15.56 -23.71 -64.20
N ASP B 267 -14.82 -23.43 -65.29
CA ASP B 267 -15.25 -23.65 -66.66
C ASP B 267 -14.99 -25.16 -66.82
N LEU B 268 -16.06 -25.96 -67.02
CA LEU B 268 -15.98 -27.42 -67.16
C LEU B 268 -15.00 -27.86 -68.22
N ALA B 269 -14.90 -27.08 -69.32
CA ALA B 269 -13.98 -27.33 -70.45
C ALA B 269 -12.50 -27.28 -70.04
N GLU B 270 -12.22 -26.61 -68.90
CA GLU B 270 -10.86 -26.42 -68.41
C GLU B 270 -10.43 -27.47 -67.37
N ILE B 271 -11.29 -28.51 -67.20
CA ILE B 271 -11.07 -29.63 -66.29
C ILE B 271 -10.71 -30.87 -67.09
N ASN B 272 -9.44 -31.28 -66.95
CA ASN B 272 -8.91 -32.48 -67.57
C ASN B 272 -9.02 -33.67 -66.62
N GLY B 273 -10.01 -34.51 -66.93
CA GLY B 273 -10.32 -35.77 -66.30
C GLY B 273 -10.55 -35.81 -64.81
N GLY B 274 -11.54 -35.10 -64.35
CA GLY B 274 -11.88 -35.15 -62.93
C GLY B 274 -11.01 -34.35 -61.99
N VAL B 275 -11.59 -34.04 -60.82
CA VAL B 275 -11.01 -33.24 -59.74
C VAL B 275 -10.23 -34.12 -58.79
N ARG B 276 -9.08 -33.58 -58.35
CA ARG B 276 -8.13 -34.17 -57.43
C ARG B 276 -7.86 -33.09 -56.34
N VAL B 277 -8.28 -33.35 -55.10
CA VAL B 277 -8.08 -32.41 -53.98
C VAL B 277 -6.82 -32.92 -53.30
N ARG B 278 -5.71 -32.19 -53.52
CA ARG B 278 -4.39 -32.61 -53.05
C ARG B 278 -3.49 -31.47 -52.61
N MET B 279 -2.33 -31.84 -52.03
CA MET B 279 -1.32 -30.87 -51.65
C MET B 279 -0.58 -30.47 -52.93
N ALA B 280 -0.05 -29.24 -52.94
CA ALA B 280 0.74 -28.73 -54.05
C ALA B 280 2.08 -29.47 -54.03
N GLU B 281 2.72 -29.59 -55.20
CA GLU B 281 4.09 -30.10 -55.25
C GLU B 281 4.92 -28.85 -54.92
N ASP B 282 6.08 -28.98 -54.22
CA ASP B 282 6.94 -27.84 -53.90
C ASP B 282 7.43 -27.14 -55.20
N GLY B 283 7.14 -25.84 -55.30
CA GLY B 283 7.48 -25.01 -56.43
C GLY B 283 6.48 -25.01 -57.57
N GLU B 284 5.32 -25.71 -57.40
CA GLU B 284 4.22 -25.73 -58.40
C GLU B 284 3.70 -24.31 -58.59
N LYS B 285 3.52 -23.90 -59.84
CA LYS B 285 3.10 -22.55 -60.16
C LYS B 285 1.64 -22.46 -60.59
N LEU B 286 0.96 -21.43 -60.07
CA LEU B 286 -0.44 -21.16 -60.41
C LEU B 286 -0.70 -19.65 -60.56
N VAL B 287 -1.31 -19.28 -61.68
CA VAL B 287 -1.72 -17.90 -61.96
C VAL B 287 -3.18 -17.79 -61.48
N LEU B 288 -3.42 -16.89 -60.53
CA LEU B 288 -4.75 -16.66 -59.93
C LEU B 288 -5.67 -15.84 -60.80
N LEU B 289 -6.97 -15.76 -60.45
CA LEU B 289 -7.90 -15.02 -61.31
C LEU B 289 -7.56 -13.52 -61.38
N ASP B 290 -6.82 -13.01 -60.38
CA ASP B 290 -6.39 -11.61 -60.27
C ASP B 290 -5.01 -11.33 -60.95
N GLY B 291 -4.47 -12.33 -61.65
CA GLY B 291 -3.19 -12.25 -62.37
C GLY B 291 -1.93 -12.57 -61.59
N GLN B 292 -2.03 -12.68 -60.26
CA GLN B 292 -0.89 -12.99 -59.39
C GLN B 292 -0.34 -14.41 -59.67
N GLU B 293 1.00 -14.51 -59.86
CA GLU B 293 1.64 -15.81 -60.11
C GLU B 293 2.24 -16.30 -58.83
N ILE B 294 1.61 -17.32 -58.25
CA ILE B 294 2.01 -17.87 -56.96
C ILE B 294 2.88 -19.12 -57.16
N THR B 295 3.96 -19.19 -56.36
CA THR B 295 4.89 -20.33 -56.32
C THR B 295 4.52 -21.07 -55.05
N LEU B 296 3.87 -22.22 -55.22
CA LEU B 296 3.32 -22.99 -54.09
C LEU B 296 4.34 -23.86 -53.30
N ARG B 297 3.94 -24.19 -52.07
CA ARG B 297 4.63 -25.01 -51.08
C ARG B 297 3.83 -26.30 -50.88
N ALA B 298 4.53 -27.41 -50.51
CA ALA B 298 3.90 -28.72 -50.28
C ALA B 298 2.87 -28.77 -49.13
N ASP B 299 2.81 -27.72 -48.32
CA ASP B 299 1.89 -27.64 -47.17
C ASP B 299 0.53 -27.05 -47.56
N THR B 300 0.38 -26.64 -48.83
CA THR B 300 -0.79 -25.95 -49.31
C THR B 300 -1.72 -26.87 -50.08
N LEU B 301 -3.00 -26.86 -49.69
CA LEU B 301 -4.03 -27.61 -50.36
C LEU B 301 -4.51 -26.86 -51.60
N VAL B 302 -4.50 -27.54 -52.73
CA VAL B 302 -4.93 -27.03 -54.02
C VAL B 302 -6.09 -27.89 -54.55
N ILE B 303 -6.86 -27.31 -55.46
CA ILE B 303 -7.85 -28.06 -56.20
C ILE B 303 -7.14 -28.20 -57.50
N ALA B 304 -6.91 -29.43 -57.88
CA ALA B 304 -6.20 -29.79 -59.10
C ALA B 304 -7.12 -30.71 -59.95
N ASP B 305 -6.76 -30.88 -61.21
CA ASP B 305 -7.40 -31.86 -62.10
C ASP B 305 -6.29 -32.93 -62.27
N HIS B 306 -6.33 -33.73 -63.32
CA HIS B 306 -5.32 -34.76 -63.49
C HIS B 306 -4.04 -34.25 -64.18
N GLN B 307 -4.11 -33.02 -64.73
CA GLN B 307 -3.03 -32.35 -65.44
C GLN B 307 -2.25 -31.33 -64.54
N ARG B 308 -2.97 -30.39 -63.90
CA ARG B 308 -2.39 -29.28 -63.15
C ARG B 308 -3.29 -28.78 -61.99
N ALA B 309 -2.77 -27.82 -61.19
CA ALA B 309 -3.49 -27.15 -60.12
C ALA B 309 -4.41 -26.11 -60.75
N LEU B 310 -5.67 -26.08 -60.31
CA LEU B 310 -6.73 -25.20 -60.80
C LEU B 310 -6.99 -24.00 -59.89
N ALA B 311 -6.86 -24.20 -58.57
CA ALA B 311 -7.16 -23.17 -57.57
C ALA B 311 -6.39 -23.48 -56.31
N ILE B 312 -6.15 -22.45 -55.46
CA ILE B 312 -5.57 -22.69 -54.15
C ILE B 312 -6.80 -22.92 -53.29
N ALA B 313 -7.00 -24.18 -52.83
CA ALA B 313 -8.19 -24.62 -52.09
C ALA B 313 -8.59 -23.71 -50.97
N GLY B 314 -9.84 -23.27 -51.09
CA GLY B 314 -10.51 -22.40 -50.13
C GLY B 314 -10.02 -20.99 -50.06
N VAL B 315 -9.23 -20.52 -51.04
CA VAL B 315 -8.73 -19.15 -50.94
C VAL B 315 -9.05 -18.45 -52.24
N MET B 316 -8.47 -18.91 -53.38
CA MET B 316 -8.71 -18.26 -54.66
C MET B 316 -8.50 -19.20 -55.82
N GLY B 317 -9.32 -18.99 -56.86
CA GLY B 317 -9.27 -19.76 -58.10
C GLY B 317 -8.21 -19.29 -59.06
N GLY B 318 -7.84 -20.17 -59.99
CA GLY B 318 -6.88 -19.87 -61.04
C GLY B 318 -7.52 -19.15 -62.20
N GLU B 319 -6.72 -18.49 -63.04
CA GLU B 319 -7.20 -17.73 -64.20
C GLU B 319 -7.73 -18.69 -65.29
N HIS B 320 -6.92 -19.69 -65.64
CA HIS B 320 -7.19 -20.66 -66.68
C HIS B 320 -8.52 -21.43 -66.47
N SER B 321 -8.70 -22.04 -65.29
CA SER B 321 -9.84 -22.88 -64.89
C SER B 321 -11.12 -22.13 -64.65
N GLY B 322 -11.03 -20.82 -64.44
CA GLY B 322 -12.18 -19.97 -64.12
C GLY B 322 -13.06 -19.67 -65.30
N VAL B 323 -14.24 -19.18 -65.01
CA VAL B 323 -15.24 -18.82 -66.01
C VAL B 323 -14.80 -17.55 -66.75
N SER B 324 -15.07 -17.52 -68.05
CA SER B 324 -14.81 -16.42 -68.96
C SER B 324 -16.08 -16.24 -69.79
N ASP B 325 -16.04 -15.37 -70.82
CA ASP B 325 -17.21 -15.16 -71.69
C ASP B 325 -17.49 -16.39 -72.57
N SER B 326 -16.39 -17.07 -73.02
CA SER B 326 -16.43 -18.29 -73.82
C SER B 326 -17.04 -19.53 -73.10
N THR B 327 -17.25 -19.45 -71.74
CA THR B 327 -17.81 -20.56 -70.94
C THR B 327 -19.24 -20.88 -71.31
N ARG B 328 -19.50 -22.17 -71.51
CA ARG B 328 -20.82 -22.68 -71.85
C ARG B 328 -21.33 -23.64 -70.79
N ASP B 329 -20.38 -24.26 -70.03
CA ASP B 329 -20.68 -25.26 -69.01
C ASP B 329 -19.83 -25.06 -67.76
N LEU B 330 -20.45 -25.32 -66.60
CA LEU B 330 -19.82 -25.14 -65.30
C LEU B 330 -19.64 -26.43 -64.52
N PHE B 331 -18.70 -26.37 -63.58
CA PHE B 331 -18.46 -27.38 -62.57
C PHE B 331 -18.45 -26.64 -61.27
N LEU B 332 -19.53 -26.75 -60.52
CA LEU B 332 -19.68 -26.10 -59.23
C LEU B 332 -18.98 -26.88 -58.15
N GLU B 333 -18.37 -26.17 -57.21
CA GLU B 333 -17.72 -26.72 -56.04
C GLU B 333 -18.20 -26.11 -54.72
N ALA B 334 -18.48 -26.97 -53.73
CA ALA B 334 -18.82 -26.62 -52.34
C ALA B 334 -18.11 -27.67 -51.49
N ALA B 335 -17.10 -27.25 -50.74
CA ALA B 335 -16.30 -28.15 -49.93
C ALA B 335 -16.14 -27.65 -48.48
N PHE B 336 -15.67 -28.55 -47.60
CA PHE B 336 -15.28 -28.23 -46.24
C PHE B 336 -13.79 -28.44 -46.20
N PHE B 337 -13.07 -27.40 -45.81
CA PHE B 337 -11.62 -27.43 -45.62
C PHE B 337 -11.37 -27.26 -44.14
N ASP B 338 -10.50 -28.13 -43.58
CA ASP B 338 -10.14 -28.11 -42.15
C ASP B 338 -9.49 -26.75 -41.79
N THR B 339 -9.90 -26.17 -40.66
CA THR B 339 -9.40 -24.85 -40.22
C THR B 339 -7.91 -24.84 -39.97
N ILE B 340 -7.39 -25.92 -39.32
CA ILE B 340 -6.00 -26.03 -38.92
C ILE B 340 -5.11 -26.09 -40.13
N ALA B 341 -5.47 -26.92 -41.12
CA ALA B 341 -4.75 -27.11 -42.39
C ALA B 341 -4.69 -25.83 -43.24
N LEU B 342 -5.68 -24.94 -43.11
CA LEU B 342 -5.80 -23.71 -43.87
C LEU B 342 -5.24 -22.48 -43.18
N ALA B 343 -5.03 -22.57 -41.85
CA ALA B 343 -4.53 -21.49 -40.99
C ALA B 343 -3.23 -20.82 -41.49
N GLY B 344 -3.35 -19.50 -41.72
CA GLY B 344 -2.30 -18.61 -42.18
C GLY B 344 -1.75 -18.86 -43.58
N LYS B 345 -2.36 -19.80 -44.33
CA LYS B 345 -1.89 -20.14 -45.67
C LYS B 345 -2.13 -19.04 -46.69
N ALA B 346 -3.27 -18.35 -46.65
CA ALA B 346 -3.51 -17.24 -47.58
C ALA B 346 -2.49 -16.12 -47.29
N ARG B 347 -2.30 -15.76 -45.98
CA ARG B 347 -1.37 -14.72 -45.54
C ARG B 347 0.06 -14.95 -46.02
N SER B 348 0.49 -16.22 -46.04
CA SER B 348 1.83 -16.62 -46.45
C SER B 348 2.10 -16.38 -47.93
N TYR B 349 1.04 -16.21 -48.73
CA TYR B 349 1.16 -15.91 -50.16
C TYR B 349 0.76 -14.44 -50.43
N GLY B 350 0.51 -13.70 -49.35
CA GLY B 350 0.07 -12.33 -49.34
C GLY B 350 -1.38 -12.13 -49.75
N LEU B 351 -2.23 -13.17 -49.57
CA LEU B 351 -3.64 -13.16 -49.99
C LEU B 351 -4.62 -13.19 -48.84
N HIS B 352 -5.82 -12.64 -49.10
CA HIS B 352 -6.93 -12.59 -48.15
C HIS B 352 -8.19 -12.45 -48.95
N THR B 353 -9.05 -13.46 -48.90
CA THR B 353 -10.34 -13.44 -49.57
C THR B 353 -11.46 -13.68 -48.57
N ASP B 354 -12.74 -13.49 -48.99
CA ASP B 354 -13.93 -13.75 -48.19
C ASP B 354 -14.00 -15.25 -47.88
N SER B 355 -13.49 -16.08 -48.82
CA SER B 355 -13.43 -17.54 -48.72
C SER B 355 -12.36 -17.94 -47.73
N SER B 356 -11.11 -17.42 -47.89
CA SER B 356 -10.02 -17.78 -46.95
C SER B 356 -10.40 -17.45 -45.51
N HIS B 357 -10.99 -16.27 -45.31
CA HIS B 357 -11.46 -15.82 -44.01
C HIS B 357 -12.45 -16.77 -43.36
N ARG B 358 -13.50 -17.13 -44.08
CA ARG B 358 -14.55 -18.03 -43.64
C ARG B 358 -14.04 -19.43 -43.35
N PHE B 359 -13.22 -20.03 -44.24
CA PHE B 359 -12.65 -21.34 -43.98
C PHE B 359 -11.66 -21.37 -42.81
N GLU B 360 -10.87 -20.28 -42.60
CA GLU B 360 -9.90 -20.22 -41.50
C GLU B 360 -10.63 -20.08 -40.17
N ARG B 361 -11.70 -19.27 -40.17
CA ARG B 361 -12.56 -19.05 -39.00
C ARG B 361 -13.46 -20.28 -38.76
N GLY B 362 -13.73 -21.06 -39.80
CA GLY B 362 -14.57 -22.26 -39.72
C GLY B 362 -15.88 -22.14 -40.44
N VAL B 363 -16.13 -23.09 -41.36
CA VAL B 363 -17.38 -23.18 -42.12
C VAL B 363 -18.02 -24.48 -41.66
N ASP B 364 -19.33 -24.44 -41.37
CA ASP B 364 -20.13 -25.58 -40.96
C ASP B 364 -19.79 -26.76 -41.90
N SER B 365 -19.27 -27.85 -41.33
CA SER B 365 -18.84 -29.04 -42.05
C SER B 365 -19.96 -29.81 -42.73
N GLN B 366 -21.23 -29.50 -42.36
CA GLN B 366 -22.40 -30.18 -42.92
C GLN B 366 -23.13 -29.38 -43.99
N LEU B 367 -22.69 -28.16 -44.20
CA LEU B 367 -23.35 -27.18 -45.02
C LEU B 367 -23.27 -27.35 -46.53
N ALA B 368 -22.18 -27.92 -47.05
CA ALA B 368 -21.91 -28.05 -48.50
C ALA B 368 -23.11 -28.46 -49.33
N ARG B 369 -23.86 -29.48 -48.92
CA ARG B 369 -25.01 -29.99 -49.71
C ARG B 369 -26.15 -28.96 -49.89
N LYS B 370 -26.59 -28.31 -48.78
CA LYS B 370 -27.67 -27.31 -48.79
C LYS B 370 -27.24 -26.19 -49.70
N ALA B 371 -25.99 -25.69 -49.53
CA ALA B 371 -25.39 -24.64 -50.34
C ALA B 371 -25.32 -25.00 -51.82
N MET B 372 -24.94 -26.26 -52.12
CA MET B 372 -24.86 -26.74 -53.51
C MET B 372 -26.22 -26.68 -54.17
N GLU B 373 -27.28 -27.14 -53.51
CA GLU B 373 -28.65 -27.11 -54.02
C GLU B 373 -29.13 -25.67 -54.23
N ARG B 374 -28.82 -24.80 -53.28
CA ARG B 374 -29.15 -23.39 -53.34
C ARG B 374 -28.51 -22.70 -54.55
N ALA B 375 -27.19 -22.92 -54.74
CA ALA B 375 -26.44 -22.32 -55.83
C ALA B 375 -26.91 -22.86 -57.18
N THR B 376 -27.29 -24.14 -57.24
CA THR B 376 -27.81 -24.74 -58.47
C THR B 376 -29.08 -24.02 -58.90
N ARG B 377 -30.08 -23.90 -57.99
CA ARG B 377 -31.37 -23.25 -58.26
C ARG B 377 -31.15 -21.83 -58.76
N LEU B 378 -30.21 -21.12 -58.15
CA LEU B 378 -29.90 -19.74 -58.49
C LEU B 378 -29.24 -19.64 -59.85
N ILE B 379 -28.29 -20.55 -60.15
CA ILE B 379 -27.63 -20.58 -61.45
C ILE B 379 -28.68 -20.83 -62.56
N LEU B 380 -29.53 -21.85 -62.38
CA LEU B 380 -30.58 -22.15 -63.36
C LEU B 380 -31.57 -21.02 -63.52
N ASP B 381 -31.82 -20.27 -62.46
CA ASP B 381 -32.73 -19.13 -62.50
C ASP B 381 -32.11 -17.93 -63.20
N ILE B 382 -30.82 -17.66 -62.94
CA ILE B 382 -30.12 -16.50 -63.46
C ILE B 382 -29.59 -16.74 -64.90
N VAL B 383 -28.88 -17.87 -65.14
CA VAL B 383 -28.22 -18.12 -66.43
C VAL B 383 -28.71 -19.37 -67.18
N GLY B 384 -29.75 -20.03 -66.66
CA GLY B 384 -30.27 -21.25 -67.25
C GLY B 384 -29.30 -22.41 -67.11
N GLY B 385 -29.49 -23.42 -67.94
CA GLY B 385 -28.63 -24.60 -67.92
C GLY B 385 -29.35 -25.82 -67.47
N GLU B 386 -28.64 -26.94 -67.49
CA GLU B 386 -29.19 -28.25 -67.12
C GLU B 386 -28.29 -28.89 -66.07
N PRO B 387 -28.82 -29.19 -64.88
CA PRO B 387 -27.96 -29.76 -63.82
C PRO B 387 -27.82 -31.27 -63.89
N GLY B 388 -26.62 -31.77 -63.59
CA GLY B 388 -26.36 -33.19 -63.51
C GLY B 388 -26.47 -33.58 -62.06
N PRO B 389 -26.19 -34.84 -61.68
CA PRO B 389 -26.28 -35.20 -60.26
C PRO B 389 -25.08 -34.65 -59.47
N ILE B 390 -25.25 -34.52 -58.14
CA ILE B 390 -24.19 -34.05 -57.27
C ILE B 390 -23.26 -35.23 -57.01
N VAL B 391 -21.94 -34.97 -57.12
CA VAL B 391 -20.89 -35.90 -56.77
C VAL B 391 -20.40 -35.44 -55.42
N GLU B 392 -20.59 -36.29 -54.41
CA GLU B 392 -20.16 -36.07 -53.04
C GLU B 392 -19.11 -37.09 -52.70
N GLN B 393 -17.90 -36.60 -52.44
CA GLN B 393 -16.78 -37.42 -52.03
C GLN B 393 -16.54 -37.01 -50.55
N VAL B 394 -16.65 -37.96 -49.63
CA VAL B 394 -16.50 -37.68 -48.20
C VAL B 394 -15.59 -38.71 -47.49
N SER B 395 -14.87 -38.26 -46.47
CA SER B 395 -13.96 -39.06 -45.66
C SER B 395 -14.52 -38.98 -44.24
N GLU B 396 -15.41 -39.92 -43.91
CA GLU B 396 -16.08 -40.02 -42.60
C GLU B 396 -15.10 -39.95 -41.42
N ALA B 397 -13.89 -40.53 -41.58
CA ALA B 397 -12.84 -40.57 -40.58
C ALA B 397 -12.24 -39.19 -40.22
N HIS B 398 -12.26 -38.23 -41.17
CA HIS B 398 -11.65 -36.92 -40.95
C HIS B 398 -12.61 -35.80 -40.77
N LEU B 399 -13.91 -36.08 -40.71
CA LEU B 399 -14.95 -35.07 -40.45
C LEU B 399 -14.73 -34.51 -39.03
N PRO B 400 -14.84 -33.19 -38.79
CA PRO B 400 -14.65 -32.69 -37.41
C PRO B 400 -15.68 -33.22 -36.44
N LYS B 401 -15.19 -33.71 -35.28
CA LYS B 401 -15.97 -34.30 -34.20
C LYS B 401 -15.44 -33.78 -32.87
N VAL B 402 -16.32 -33.07 -32.16
CA VAL B 402 -16.10 -32.47 -30.84
C VAL B 402 -16.86 -33.38 -29.86
N ALA B 403 -16.13 -33.95 -28.89
CA ALA B 403 -16.70 -34.83 -27.86
C ALA B 403 -17.70 -34.04 -27.03
N PRO B 404 -18.82 -34.66 -26.57
CA PRO B 404 -19.76 -33.93 -25.71
C PRO B 404 -19.05 -33.39 -24.46
N ILE B 405 -19.51 -32.24 -24.01
CA ILE B 405 -18.94 -31.55 -22.86
C ILE B 405 -19.91 -31.73 -21.71
N THR B 406 -19.38 -32.08 -20.53
CA THR B 406 -20.23 -32.16 -19.36
C THR B 406 -20.20 -30.77 -18.67
N LEU B 407 -21.41 -30.20 -18.50
CA LEU B 407 -21.64 -28.91 -17.84
C LEU B 407 -22.30 -29.18 -16.49
N ARG B 408 -21.69 -28.65 -15.42
CA ARG B 408 -22.17 -28.77 -14.05
C ARG B 408 -22.75 -27.44 -13.62
N ALA B 409 -23.99 -27.46 -13.11
CA ALA B 409 -24.72 -26.29 -12.60
C ALA B 409 -23.92 -25.53 -11.54
N GLU B 410 -23.15 -26.26 -10.69
CA GLU B 410 -22.36 -25.67 -9.61
C GLU B 410 -21.20 -24.86 -10.18
N ARG B 411 -20.67 -25.28 -11.34
CA ARG B 411 -19.60 -24.56 -12.02
C ARG B 411 -20.13 -23.26 -12.69
N VAL B 412 -21.42 -23.25 -13.11
CA VAL B 412 -22.09 -22.06 -13.64
C VAL B 412 -22.34 -21.06 -12.52
N THR B 413 -22.91 -21.53 -11.39
CA THR B 413 -23.19 -20.72 -10.19
C THR B 413 -21.90 -20.09 -9.64
N GLN B 414 -20.82 -20.88 -9.52
CA GLN B 414 -19.51 -20.42 -9.05
C GLN B 414 -19.00 -19.23 -9.88
N MET B 415 -18.96 -19.41 -11.23
CA MET B 415 -18.44 -18.47 -12.20
C MET B 415 -19.29 -17.19 -12.34
N LEU B 416 -20.61 -17.34 -12.48
CA LEU B 416 -21.52 -16.23 -12.68
C LEU B 416 -21.80 -15.46 -11.39
N GLY B 417 -21.48 -16.09 -10.25
CA GLY B 417 -21.72 -15.53 -8.92
C GLY B 417 -23.17 -15.62 -8.51
N MET B 418 -23.96 -16.43 -9.22
CA MET B 418 -25.40 -16.63 -9.00
C MET B 418 -25.88 -17.86 -9.74
N PRO B 419 -26.95 -18.51 -9.24
CA PRO B 419 -27.47 -19.67 -9.96
C PRO B 419 -28.49 -19.30 -11.03
N LEU B 420 -28.43 -20.03 -12.15
CA LEU B 420 -29.36 -19.96 -13.28
C LEU B 420 -30.24 -21.21 -13.18
N ASP B 421 -31.53 -21.10 -13.55
CA ASP B 421 -32.43 -22.26 -13.47
C ASP B 421 -32.12 -23.26 -14.59
N ALA B 422 -32.33 -24.55 -14.29
CA ALA B 422 -32.09 -25.66 -15.21
C ALA B 422 -32.81 -25.40 -16.54
N ALA B 423 -34.08 -24.94 -16.46
CA ALA B 423 -34.90 -24.59 -17.63
C ALA B 423 -34.30 -23.44 -18.47
N GLU B 424 -33.71 -22.42 -17.81
CA GLU B 424 -33.10 -21.25 -18.47
C GLU B 424 -31.80 -21.72 -19.14
N ILE B 425 -30.98 -22.54 -18.43
CA ILE B 425 -29.73 -23.11 -18.95
C ILE B 425 -29.99 -23.90 -20.25
N VAL B 426 -30.94 -24.84 -20.20
CA VAL B 426 -31.34 -25.70 -21.32
C VAL B 426 -31.87 -24.85 -22.49
N ARG B 427 -32.78 -23.89 -22.20
CA ARG B 427 -33.37 -23.06 -23.23
C ARG B 427 -32.34 -22.28 -23.98
N LEU B 428 -31.46 -21.60 -23.23
CA LEU B 428 -30.38 -20.82 -23.80
C LEU B 428 -29.43 -21.66 -24.64
N LEU B 429 -28.98 -22.81 -24.11
CA LEU B 429 -28.07 -23.66 -24.88
C LEU B 429 -28.73 -24.28 -26.12
N GLN B 430 -30.02 -24.68 -26.02
CA GLN B 430 -30.74 -25.25 -27.15
C GLN B 430 -30.96 -24.27 -28.27
N ALA B 431 -31.12 -22.96 -27.93
CA ALA B 431 -31.30 -21.85 -28.87
C ALA B 431 -30.07 -21.64 -29.76
N LEU B 432 -28.88 -21.93 -29.20
CA LEU B 432 -27.59 -21.84 -29.90
C LEU B 432 -27.31 -23.11 -30.69
N GLU B 433 -28.29 -24.04 -30.69
CA GLU B 433 -28.33 -25.33 -31.38
C GLU B 433 -27.47 -26.38 -30.72
N LEU B 434 -27.10 -26.16 -29.44
CA LEU B 434 -26.36 -27.15 -28.67
C LEU B 434 -27.38 -28.20 -28.21
N THR B 435 -26.93 -29.47 -28.13
CA THR B 435 -27.69 -30.65 -27.76
C THR B 435 -27.50 -30.87 -26.26
N VAL B 436 -28.54 -30.60 -25.47
CA VAL B 436 -28.51 -30.71 -24.01
C VAL B 436 -29.29 -31.93 -23.50
N VAL B 437 -28.59 -32.82 -22.81
CA VAL B 437 -29.21 -34.01 -22.21
C VAL B 437 -28.83 -34.07 -20.73
N ALA B 438 -29.82 -34.26 -19.85
CA ALA B 438 -29.61 -34.36 -18.42
C ALA B 438 -28.72 -35.58 -18.08
N ASP B 439 -27.74 -35.37 -17.20
CA ASP B 439 -26.76 -36.35 -16.75
C ASP B 439 -26.77 -36.35 -15.20
N GLY B 440 -27.96 -36.50 -14.65
CA GLY B 440 -28.18 -36.51 -13.21
C GLY B 440 -28.57 -35.14 -12.68
N GLU B 441 -28.36 -34.94 -11.36
CA GLU B 441 -28.68 -33.68 -10.70
C GLU B 441 -27.62 -32.64 -10.96
N GLY B 442 -28.06 -31.47 -11.44
CA GLY B 442 -27.21 -30.31 -11.74
C GLY B 442 -26.06 -30.60 -12.68
N GLN B 443 -26.30 -31.51 -13.63
CA GLN B 443 -25.33 -31.91 -14.64
C GLN B 443 -26.01 -32.23 -15.96
N TRP B 444 -25.36 -31.86 -17.07
CA TRP B 444 -25.81 -32.12 -18.45
C TRP B 444 -24.67 -32.57 -19.32
N SER B 445 -25.01 -33.29 -20.38
CA SER B 445 -24.09 -33.68 -21.43
C SER B 445 -24.50 -32.79 -22.62
N VAL B 446 -23.57 -31.93 -23.08
CA VAL B 446 -23.90 -30.98 -24.13
C VAL B 446 -23.04 -31.23 -25.36
N GLY B 447 -23.74 -31.39 -26.48
CA GLY B 447 -23.21 -31.62 -27.82
C GLY B 447 -23.11 -30.32 -28.61
N VAL B 448 -22.03 -30.18 -29.37
CA VAL B 448 -21.72 -28.97 -30.12
C VAL B 448 -22.22 -29.05 -31.58
N PRO B 449 -22.95 -28.03 -32.08
CA PRO B 449 -23.37 -28.08 -33.49
C PRO B 449 -22.19 -27.83 -34.45
N SER B 450 -22.32 -28.34 -35.70
CA SER B 450 -21.32 -28.33 -36.76
C SER B 450 -20.89 -26.94 -37.23
N HIS B 451 -21.61 -25.87 -36.87
CA HIS B 451 -21.25 -24.51 -37.29
C HIS B 451 -20.39 -23.79 -36.22
N ARG B 452 -20.29 -24.37 -35.03
CA ARG B 452 -19.52 -23.80 -33.92
C ARG B 452 -18.16 -24.40 -33.78
N PHE B 453 -17.10 -23.57 -33.90
CA PHE B 453 -15.71 -24.01 -33.82
C PHE B 453 -14.99 -23.50 -32.58
N ASP B 454 -15.68 -22.69 -31.78
CA ASP B 454 -15.14 -22.12 -30.54
C ASP B 454 -15.60 -22.83 -29.24
N ILE B 455 -16.40 -23.90 -29.34
CA ILE B 455 -16.95 -24.57 -28.16
C ILE B 455 -16.38 -25.99 -28.01
N SER B 456 -15.56 -26.20 -26.98
CA SER B 456 -14.93 -27.50 -26.72
C SER B 456 -14.86 -27.81 -25.23
N LEU B 457 -14.95 -26.77 -24.39
CA LEU B 457 -14.85 -26.88 -22.92
C LEU B 457 -16.08 -26.35 -22.21
N GLU B 458 -16.22 -26.75 -20.93
CA GLU B 458 -17.31 -26.34 -20.02
C GLU B 458 -17.35 -24.82 -19.85
N VAL B 459 -16.18 -24.19 -19.78
CA VAL B 459 -16.05 -22.73 -19.61
C VAL B 459 -16.62 -21.96 -20.83
N ASP B 460 -16.55 -22.54 -22.05
CA ASP B 460 -17.09 -21.93 -23.26
C ASP B 460 -18.61 -21.91 -23.17
N LEU B 461 -19.21 -22.95 -22.54
CA LEU B 461 -20.66 -23.05 -22.32
C LEU B 461 -21.10 -22.01 -21.32
N ILE B 462 -20.31 -21.82 -20.24
CA ILE B 462 -20.58 -20.80 -19.23
C ILE B 462 -20.55 -19.39 -19.86
N GLU B 463 -19.59 -19.15 -20.80
CA GLU B 463 -19.50 -17.88 -21.54
C GLU B 463 -20.80 -17.63 -22.33
N GLU B 464 -21.31 -18.67 -23.00
CA GLU B 464 -22.54 -18.60 -23.80
C GLU B 464 -23.74 -18.21 -22.94
N LEU B 465 -23.84 -18.82 -21.73
CA LEU B 465 -24.89 -18.53 -20.78
C LEU B 465 -24.79 -17.11 -20.26
N ALA B 466 -23.59 -16.67 -19.86
CA ALA B 466 -23.34 -15.32 -19.34
C ALA B 466 -23.68 -14.25 -20.40
N ARG B 467 -23.20 -14.48 -21.62
CA ARG B 467 -23.41 -13.66 -22.80
C ARG B 467 -24.87 -13.40 -23.06
N LEU B 468 -25.69 -14.46 -23.16
CA LEU B 468 -27.11 -14.38 -23.45
C LEU B 468 -27.95 -13.96 -22.25
N TYR B 469 -27.47 -14.21 -21.01
CA TYR B 469 -28.21 -13.79 -19.82
C TYR B 469 -28.10 -12.29 -19.69
N GLY B 470 -26.91 -11.77 -20.02
CA GLY B 470 -26.53 -10.37 -19.96
C GLY B 470 -25.48 -10.10 -18.91
N TYR B 471 -24.24 -9.80 -19.37
CA TYR B 471 -23.07 -9.48 -18.52
C TYR B 471 -23.40 -8.47 -17.43
N ASN B 472 -24.12 -7.40 -17.77
CA ASN B 472 -24.46 -6.33 -16.86
C ASN B 472 -25.57 -6.71 -15.87
N ARG B 473 -26.20 -7.87 -16.07
CA ARG B 473 -27.26 -8.35 -15.15
C ARG B 473 -26.63 -9.21 -14.06
N LEU B 474 -25.37 -9.63 -14.26
CA LEU B 474 -24.65 -10.47 -13.31
C LEU B 474 -24.22 -9.73 -12.04
N PRO B 475 -24.07 -10.46 -10.92
CA PRO B 475 -23.67 -9.80 -9.67
C PRO B 475 -22.24 -9.26 -9.67
N VAL B 476 -21.93 -8.45 -8.66
CA VAL B 476 -20.64 -7.82 -8.45
C VAL B 476 -20.19 -8.21 -7.04
N ARG B 477 -18.99 -8.76 -6.95
CA ARG B 477 -18.39 -9.24 -5.72
C ARG B 477 -16.94 -8.73 -5.74
N TYR B 478 -16.28 -8.70 -4.56
CA TYR B 478 -14.87 -8.32 -4.45
C TYR B 478 -14.12 -9.57 -4.00
N PRO B 479 -13.03 -9.94 -4.69
CA PRO B 479 -12.34 -11.18 -4.35
C PRO B 479 -11.82 -11.25 -2.92
N GLN B 480 -11.98 -12.44 -2.28
CA GLN B 480 -11.48 -12.72 -0.94
C GLN B 480 -9.97 -12.93 -0.97
N ALA B 481 -9.29 -12.56 0.13
CA ALA B 481 -7.84 -12.67 0.29
C ALA B 481 -7.44 -12.81 1.75
N ARG B 482 -6.58 -13.80 2.03
CA ARG B 482 -5.98 -14.07 3.33
C ARG B 482 -4.69 -13.24 3.29
N LEU B 483 -4.81 -11.97 3.66
CA LEU B 483 -3.67 -11.08 3.59
C LEU B 483 -2.93 -10.93 4.94
N ALA B 484 -1.62 -10.91 4.85
CA ALA B 484 -0.65 -10.83 5.92
C ALA B 484 0.17 -9.54 5.84
N PRO B 485 0.51 -8.91 6.99
CA PRO B 485 1.35 -7.71 6.93
C PRO B 485 2.71 -7.99 6.29
N ASN B 486 3.17 -7.07 5.43
CA ASN B 486 4.42 -7.19 4.72
C ASN B 486 4.98 -5.83 4.34
N ASN B 487 6.28 -5.78 4.11
CA ASN B 487 6.98 -4.58 3.67
C ASN B 487 8.33 -4.91 3.08
N LYS B 488 8.81 -3.99 2.24
CA LYS B 488 10.12 -4.00 1.59
C LYS B 488 11.13 -3.48 2.62
N PRO B 489 12.46 -3.75 2.46
CA PRO B 489 13.43 -3.18 3.41
C PRO B 489 13.40 -1.65 3.46
N GLU B 490 13.74 -1.12 4.62
CA GLU B 490 13.73 0.32 4.92
C GLU B 490 14.79 1.06 4.14
N ALA B 491 16.03 0.53 4.16
CA ALA B 491 17.23 1.12 3.60
C ALA B 491 17.39 0.86 2.08
N ARG B 492 16.47 1.40 1.32
CA ARG B 492 16.47 1.26 -0.13
C ARG B 492 15.88 2.51 -0.79
N ALA B 493 16.56 2.98 -1.85
CA ALA B 493 16.16 4.13 -2.65
C ALA B 493 15.47 3.59 -3.92
N ALA B 494 14.13 3.56 -3.89
CA ALA B 494 13.33 3.09 -5.00
C ALA B 494 13.21 4.21 -6.02
N LEU B 495 12.94 3.85 -7.31
CA LEU B 495 12.80 4.82 -8.39
C LEU B 495 11.68 5.86 -8.13
N PRO B 496 10.49 5.53 -7.56
CA PRO B 496 9.47 6.59 -7.30
C PRO B 496 9.95 7.71 -6.38
N LEU B 497 10.82 7.36 -5.43
CA LEU B 497 11.45 8.22 -4.44
C LEU B 497 12.45 9.15 -5.15
N LEU B 498 13.26 8.56 -6.05
CA LEU B 498 14.31 9.22 -6.82
C LEU B 498 13.77 10.24 -7.82
N ARG B 499 12.67 9.88 -8.49
CA ARG B 499 11.99 10.76 -9.43
C ARG B 499 11.54 12.05 -8.74
N ARG B 500 10.90 11.88 -7.57
CA ARG B 500 10.36 12.98 -6.74
C ARG B 500 11.45 13.86 -6.19
N LEU B 501 12.61 13.26 -5.92
CA LEU B 501 13.77 14.00 -5.46
C LEU B 501 14.28 14.89 -6.60
N LEU B 502 14.41 14.34 -7.81
CA LEU B 502 14.83 15.09 -9.00
C LEU B 502 13.81 16.19 -9.34
N VAL B 503 12.51 15.90 -9.17
CA VAL B 503 11.45 16.90 -9.30
C VAL B 503 11.72 18.06 -8.32
N ALA B 504 11.95 17.74 -7.04
CA ALA B 504 12.24 18.73 -6.00
C ALA B 504 13.50 19.55 -6.31
N ARG B 505 14.45 18.92 -7.02
CA ARG B 505 15.73 19.50 -7.39
C ARG B 505 15.68 20.23 -8.75
N GLY B 506 14.47 20.45 -9.26
CA GLY B 506 14.20 21.23 -10.46
C GLY B 506 14.33 20.54 -11.78
N TYR B 507 13.91 19.26 -11.87
CA TYR B 507 13.95 18.47 -13.10
C TYR B 507 12.55 18.15 -13.59
N GLN B 508 12.44 18.08 -14.90
CA GLN B 508 11.22 17.75 -15.60
C GLN B 508 11.44 16.33 -16.15
N GLU B 509 10.44 15.46 -16.01
CA GLU B 509 10.58 14.07 -16.48
C GLU B 509 10.22 13.92 -17.93
N ALA B 510 11.15 13.35 -18.69
CA ALA B 510 11.02 13.02 -20.11
C ALA B 510 10.83 11.51 -20.32
N ILE B 511 10.13 11.16 -21.39
CA ILE B 511 9.99 9.76 -21.85
C ILE B 511 10.34 9.78 -23.33
N THR B 512 11.43 9.07 -23.71
CA THR B 512 11.94 9.00 -25.08
C THR B 512 11.84 7.56 -25.66
N PHE B 513 11.80 7.42 -27.01
CA PHE B 513 11.77 6.10 -27.68
C PHE B 513 13.01 5.29 -27.39
N SER B 514 12.81 4.01 -27.00
CA SER B 514 13.87 3.04 -26.67
C SER B 514 14.72 2.68 -27.87
N PHE B 515 14.17 2.85 -29.08
CA PHE B 515 14.87 2.60 -30.34
C PHE B 515 15.17 3.94 -31.01
N ILE B 516 16.44 4.12 -31.37
CA ILE B 516 16.99 5.35 -31.93
C ILE B 516 17.66 5.13 -33.29
N ASP B 517 18.14 6.22 -33.87
CA ASP B 517 18.86 6.20 -35.13
C ASP B 517 20.25 5.54 -34.92
N PRO B 518 20.66 4.54 -35.76
CA PRO B 518 21.99 3.92 -35.57
C PRO B 518 23.13 4.93 -35.66
N ALA B 519 22.93 6.00 -36.46
CA ALA B 519 23.87 7.10 -36.63
C ALA B 519 24.03 7.85 -35.31
N LEU B 520 22.89 8.13 -34.64
CA LEU B 520 22.90 8.81 -33.33
C LEU B 520 23.53 7.91 -32.29
N PHE B 521 23.18 6.59 -32.30
CA PHE B 521 23.72 5.54 -31.43
C PHE B 521 25.26 5.53 -31.53
N GLU B 522 25.79 5.53 -32.76
CA GLU B 522 27.22 5.51 -33.02
C GLU B 522 27.97 6.74 -32.51
N LEU B 523 27.31 7.92 -32.43
CA LEU B 523 27.92 9.13 -31.88
C LEU B 523 28.20 8.98 -30.38
N PHE B 524 27.24 8.38 -29.65
CA PHE B 524 27.31 8.21 -28.20
C PHE B 524 28.03 6.93 -27.80
N ASP B 525 27.98 5.89 -28.66
CA ASP B 525 28.58 4.59 -28.41
C ASP B 525 29.49 4.12 -29.58
N PRO B 526 30.61 4.81 -29.87
CA PRO B 526 31.49 4.42 -31.00
C PRO B 526 31.99 2.98 -30.96
N GLY B 527 31.93 2.31 -32.11
CA GLY B 527 32.41 0.95 -32.25
C GLY B 527 31.50 -0.15 -31.72
N THR B 528 30.48 0.20 -30.91
CA THR B 528 29.55 -0.83 -30.42
C THR B 528 28.51 -1.09 -31.47
N GLN B 529 28.20 -2.37 -31.66
CA GLN B 529 27.16 -2.84 -32.59
C GLN B 529 25.85 -2.78 -31.78
N PRO B 530 24.86 -1.94 -32.19
CA PRO B 530 23.60 -1.89 -31.44
C PRO B 530 22.79 -3.17 -31.65
N LEU B 531 21.84 -3.44 -30.76
CA LEU B 531 20.91 -4.55 -30.96
C LEU B 531 19.88 -3.95 -31.93
N THR B 532 19.96 -4.35 -33.22
CA THR B 532 19.17 -3.83 -34.33
C THR B 532 17.88 -4.65 -34.59
N LEU B 533 16.76 -3.94 -34.82
CA LEU B 533 15.47 -4.54 -35.16
C LEU B 533 15.51 -5.10 -36.58
N ALA B 534 14.75 -6.18 -36.86
CA ALA B 534 14.68 -6.82 -38.18
C ALA B 534 13.66 -6.09 -39.05
N ASN B 535 12.55 -5.65 -38.42
CA ASN B 535 11.48 -4.92 -39.08
C ASN B 535 11.23 -3.56 -38.43
N PRO B 536 12.22 -2.61 -38.41
CA PRO B 536 11.95 -1.31 -37.75
C PRO B 536 10.86 -0.51 -38.46
N ILE B 537 10.17 0.37 -37.72
CA ILE B 537 9.10 1.23 -38.22
C ILE B 537 9.67 2.14 -39.33
N SER B 538 10.87 2.69 -39.08
CA SER B 538 11.68 3.46 -40.03
C SER B 538 13.14 3.13 -39.74
N ALA B 539 14.07 3.52 -40.63
CA ALA B 539 15.49 3.24 -40.45
C ALA B 539 16.10 4.05 -39.27
N ASP B 540 15.51 5.19 -38.91
CA ASP B 540 15.98 6.04 -37.80
C ASP B 540 15.40 5.62 -36.42
N MET B 541 14.83 4.40 -36.34
CA MET B 541 14.27 3.80 -35.13
C MET B 541 14.59 2.31 -35.14
N ALA B 542 15.80 2.00 -35.59
CA ALA B 542 16.34 0.65 -35.79
C ALA B 542 17.17 0.11 -34.66
N ALA B 543 17.89 1.02 -33.94
CA ALA B 543 18.81 0.66 -32.88
C ALA B 543 18.26 0.77 -31.46
N MET B 544 18.36 -0.33 -30.67
CA MET B 544 18.00 -0.33 -29.27
C MET B 544 19.07 0.45 -28.56
N ARG B 545 18.63 1.45 -27.79
CA ARG B 545 19.50 2.31 -27.00
C ARG B 545 20.37 1.55 -25.99
N SER B 546 21.64 1.95 -25.88
CA SER B 546 22.62 1.44 -24.93
C SER B 546 22.82 2.51 -23.84
N SER B 547 22.20 3.70 -24.03
CA SER B 547 22.19 4.88 -23.12
C SER B 547 20.85 5.66 -23.29
N LEU B 548 20.43 6.37 -22.22
CA LEU B 548 19.22 7.20 -22.27
C LEU B 548 19.58 8.61 -22.78
N TRP B 549 20.90 8.86 -22.92
CA TRP B 549 21.52 10.12 -23.33
C TRP B 549 21.19 10.58 -24.74
N PRO B 550 21.30 9.76 -25.82
CA PRO B 550 20.91 10.27 -27.17
C PRO B 550 19.48 10.84 -27.17
N GLY B 551 18.53 10.10 -26.59
CA GLY B 551 17.15 10.51 -26.44
C GLY B 551 17.00 11.75 -25.58
N LEU B 552 17.71 11.79 -24.41
CA LEU B 552 17.69 12.97 -23.53
C LEU B 552 18.26 14.22 -24.19
N VAL B 553 19.40 14.09 -24.88
CA VAL B 553 20.05 15.19 -25.59
C VAL B 553 19.15 15.70 -26.73
N LYS B 554 18.54 14.77 -27.48
CA LYS B 554 17.67 15.13 -28.58
C LYS B 554 16.42 15.93 -28.09
N ALA B 555 15.79 15.48 -26.98
CA ALA B 555 14.65 16.16 -26.35
C ALA B 555 15.09 17.52 -25.81
N LEU B 556 16.34 17.59 -25.33
CA LEU B 556 16.91 18.83 -24.81
C LEU B 556 17.00 19.83 -25.95
N GLN B 557 17.64 19.44 -27.09
CA GLN B 557 17.78 20.35 -28.22
C GLN B 557 16.45 20.63 -28.93
N HIS B 558 15.45 19.74 -28.80
CA HIS B 558 14.11 19.96 -29.33
C HIS B 558 13.54 21.25 -28.66
N ASN B 559 13.76 21.37 -27.33
CA ASN B 559 13.34 22.49 -26.50
C ASN B 559 14.15 23.76 -26.75
N LEU B 560 15.47 23.61 -26.91
CA LEU B 560 16.39 24.69 -27.22
C LEU B 560 15.97 25.40 -28.53
N ASN B 561 15.44 24.64 -29.49
CA ASN B 561 14.91 25.11 -30.77
C ASN B 561 13.51 25.69 -30.63
N ARG B 562 12.89 25.55 -29.44
CA ARG B 562 11.54 26.05 -29.16
C ARG B 562 11.58 27.14 -28.10
N GLN B 563 12.57 28.02 -28.18
CA GLN B 563 12.76 29.18 -27.32
C GLN B 563 12.91 28.86 -25.83
N GLN B 564 13.53 27.71 -25.52
CA GLN B 564 13.85 27.33 -24.15
C GLN B 564 15.35 27.53 -23.94
N SER B 565 15.72 28.07 -22.77
CA SER B 565 17.10 28.33 -22.44
C SER B 565 17.58 27.34 -21.38
N ARG B 566 16.75 27.13 -20.34
CA ARG B 566 17.03 26.28 -19.21
C ARG B 566 16.22 25.01 -19.39
N VAL B 567 16.91 23.90 -19.76
CA VAL B 567 16.31 22.59 -19.98
C VAL B 567 16.96 21.64 -18.99
N ARG B 568 16.16 21.06 -18.08
CA ARG B 568 16.60 20.15 -17.01
C ARG B 568 15.67 18.98 -17.08
N LEU B 569 16.16 17.87 -17.66
CA LEU B 569 15.38 16.66 -17.89
C LEU B 569 15.96 15.42 -17.28
N PHE B 570 15.09 14.51 -16.87
CA PHE B 570 15.53 13.20 -16.39
C PHE B 570 14.65 12.11 -17.01
N GLU B 571 15.21 10.91 -17.14
CA GLU B 571 14.49 9.78 -17.66
C GLU B 571 15.00 8.51 -16.98
N SER B 572 14.06 7.57 -16.79
CA SER B 572 14.32 6.24 -16.28
C SER B 572 13.85 5.25 -17.32
N GLY B 573 14.51 4.11 -17.39
CA GLY B 573 14.16 3.07 -18.34
C GLY B 573 15.30 2.13 -18.64
N LEU B 574 15.02 1.15 -19.48
CA LEU B 574 16.00 0.15 -19.83
C LEU B 574 17.05 0.60 -20.85
N ARG B 575 18.20 -0.04 -20.74
CA ARG B 575 19.38 -0.02 -21.57
C ARG B 575 19.42 -1.36 -22.26
N PHE B 576 19.95 -1.42 -23.47
CA PHE B 576 20.08 -2.70 -24.14
C PHE B 576 21.52 -2.87 -24.54
N VAL B 577 22.27 -3.69 -23.77
CA VAL B 577 23.70 -3.91 -23.97
C VAL B 577 24.02 -5.35 -24.41
N GLY B 578 24.55 -5.46 -25.62
CA GLY B 578 24.98 -6.71 -26.20
C GLY B 578 24.08 -7.18 -27.30
N GLN B 579 24.37 -8.35 -27.87
CA GLN B 579 23.53 -8.93 -28.90
C GLN B 579 22.61 -9.92 -28.19
N LEU B 580 21.63 -10.52 -28.89
CA LEU B 580 20.64 -11.41 -28.26
C LEU B 580 21.22 -12.39 -27.26
N GLU B 581 22.28 -13.11 -27.66
CA GLU B 581 22.99 -14.02 -26.81
C GLU B 581 23.87 -13.17 -25.88
N GLY B 582 23.45 -13.11 -24.63
CA GLY B 582 24.13 -12.34 -23.60
C GLY B 582 23.63 -10.94 -23.35
N LEU B 583 22.45 -10.59 -23.95
CA LEU B 583 21.81 -9.28 -23.84
C LEU B 583 21.55 -8.87 -22.40
N LYS B 584 21.84 -7.61 -22.08
CA LYS B 584 21.65 -7.06 -20.74
C LYS B 584 20.63 -5.96 -20.87
N GLN B 585 19.56 -6.06 -20.06
CA GLN B 585 18.47 -5.09 -20.05
C GLN B 585 18.39 -4.50 -18.66
N GLU B 586 19.17 -3.45 -18.45
CA GLU B 586 19.34 -2.80 -17.16
C GLU B 586 18.59 -1.49 -17.05
N ALA B 587 17.91 -1.29 -15.90
CA ALA B 587 17.16 -0.05 -15.64
C ALA B 587 18.13 1.05 -15.25
N MET B 588 17.98 2.21 -15.90
CA MET B 588 18.85 3.38 -15.73
C MET B 588 18.08 4.59 -15.30
N LEU B 589 18.78 5.49 -14.60
CA LEU B 589 18.29 6.81 -14.28
C LEU B 589 19.33 7.73 -14.87
N ALA B 590 18.91 8.54 -15.84
CA ALA B 590 19.78 9.45 -16.54
C ALA B 590 19.19 10.86 -16.51
N GLY B 591 20.07 11.87 -16.48
CA GLY B 591 19.69 13.27 -16.45
C GLY B 591 20.52 14.12 -17.39
N ALA B 592 19.94 15.22 -17.88
CA ALA B 592 20.59 16.17 -18.81
C ALA B 592 20.19 17.60 -18.48
N ILE B 593 21.18 18.50 -18.29
CA ILE B 593 20.90 19.91 -17.96
C ILE B 593 21.70 20.90 -18.82
N CYS B 594 21.12 22.11 -18.99
CA CYS B 594 21.71 23.23 -19.73
C CYS B 594 21.08 24.55 -19.31
N GLY B 595 21.77 25.64 -19.66
CA GLY B 595 21.34 26.99 -19.38
C GLY B 595 21.78 27.51 -18.03
N LYS B 596 21.09 28.57 -17.56
CA LYS B 596 21.40 29.16 -16.27
C LYS B 596 21.24 28.17 -15.12
N ARG B 597 22.14 28.27 -14.12
CA ARG B 597 22.12 27.45 -12.91
C ARG B 597 20.74 27.54 -12.23
N LEU B 598 20.22 28.79 -12.09
CA LEU B 598 18.94 29.09 -11.47
C LEU B 598 17.95 29.68 -12.45
N PRO B 599 16.62 29.50 -12.20
CA PRO B 599 15.63 30.16 -13.10
C PRO B 599 15.74 31.70 -12.99
N GLU B 600 15.41 32.44 -14.07
CA GLU B 600 15.48 33.90 -14.07
C GLU B 600 14.61 34.49 -12.96
N GLY B 601 15.24 35.32 -12.11
CA GLY B 601 14.58 35.98 -10.98
C GLY B 601 15.43 37.05 -10.34
N TRP B 602 14.77 38.08 -9.76
CA TRP B 602 15.38 39.24 -9.10
C TRP B 602 16.42 38.90 -8.04
N ALA B 603 16.22 37.75 -7.35
CA ALA B 603 17.02 37.27 -6.22
C ALA B 603 18.08 36.24 -6.60
N ASN B 604 18.09 35.82 -7.88
CA ASN B 604 18.95 34.78 -8.40
C ASN B 604 20.15 35.25 -9.22
N GLY B 605 21.31 34.66 -8.92
CA GLY B 605 22.54 34.88 -9.69
C GLY B 605 22.36 34.41 -11.13
N ARG B 606 23.04 35.08 -12.08
CA ARG B 606 22.89 34.78 -13.51
C ARG B 606 24.01 33.87 -14.07
N ASP B 607 24.53 32.98 -13.23
CA ASP B 607 25.59 32.04 -13.63
C ASP B 607 25.01 30.88 -14.42
N GLY B 608 25.80 30.35 -15.35
CA GLY B 608 25.44 29.19 -16.14
C GLY B 608 25.72 27.92 -15.39
N VAL B 609 24.88 26.87 -15.61
CA VAL B 609 25.03 25.56 -14.99
C VAL B 609 26.39 24.97 -15.35
N ASP B 610 26.99 24.21 -14.42
CA ASP B 610 28.25 23.53 -14.68
C ASP B 610 28.25 22.15 -14.07
N PHE B 611 29.39 21.44 -14.19
CA PHE B 611 29.61 20.08 -13.71
C PHE B 611 29.17 19.88 -12.28
N PHE B 612 29.51 20.84 -11.39
CA PHE B 612 29.26 20.75 -9.94
C PHE B 612 27.79 20.88 -9.55
N ASP B 613 26.96 21.39 -10.48
CA ASP B 613 25.52 21.51 -10.27
C ASP B 613 24.89 20.15 -10.52
N ALA B 614 25.36 19.49 -11.59
CA ALA B 614 24.97 18.13 -11.96
C ALA B 614 25.52 17.16 -10.89
N LYS B 615 26.74 17.43 -10.37
CA LYS B 615 27.35 16.62 -9.33
C LYS B 615 26.49 16.58 -8.08
N ALA B 616 25.93 17.74 -7.68
CA ALA B 616 25.08 17.86 -6.48
C ALA B 616 23.82 17.02 -6.63
N ASP B 617 23.26 16.99 -7.85
CA ASP B 617 22.05 16.23 -8.17
C ASP B 617 22.34 14.73 -8.06
N VAL B 618 23.51 14.28 -8.55
CA VAL B 618 23.97 12.89 -8.47
C VAL B 618 24.20 12.54 -6.99
N GLU B 619 24.90 13.42 -6.24
CA GLU B 619 25.19 13.23 -4.80
C GLU B 619 23.87 13.02 -4.02
N ALA B 620 22.86 13.86 -4.27
CA ALA B 620 21.56 13.79 -3.63
C ALA B 620 20.85 12.46 -3.90
N VAL B 621 20.97 11.92 -5.11
CA VAL B 621 20.40 10.65 -5.49
C VAL B 621 21.17 9.56 -4.78
N LEU B 622 22.50 9.59 -4.89
CA LEU B 622 23.38 8.61 -4.28
C LEU B 622 23.27 8.52 -2.76
N ALA B 623 22.77 9.58 -2.09
CA ALA B 623 22.61 9.63 -0.62
C ALA B 623 21.20 9.29 -0.14
N SER B 624 20.29 9.00 -1.07
CA SER B 624 18.88 8.71 -0.79
C SER B 624 18.58 7.53 0.15
N ALA B 625 19.48 6.57 0.26
CA ALA B 625 19.26 5.41 1.13
C ALA B 625 20.36 5.28 2.19
N GLY B 626 20.96 6.42 2.53
CA GLY B 626 22.03 6.56 3.54
C GLY B 626 23.29 5.78 3.24
N ALA B 627 23.67 5.69 1.97
CA ALA B 627 24.86 4.97 1.53
C ALA B 627 25.81 5.82 0.64
N LEU B 628 25.77 7.17 0.80
CA LEU B 628 26.61 8.07 0.00
C LEU B 628 28.11 7.74 0.04
N GLY B 629 28.60 7.37 1.21
CA GLY B 629 29.99 7.00 1.43
C GLY B 629 30.45 5.75 0.69
N ASP B 630 29.50 4.90 0.24
CA ASP B 630 29.78 3.68 -0.52
C ASP B 630 30.19 3.99 -1.96
N PHE B 631 29.91 5.23 -2.43
CA PHE B 631 30.21 5.70 -3.78
C PHE B 631 31.43 6.59 -3.84
N SER B 632 32.07 6.62 -5.01
CA SER B 632 33.25 7.42 -5.30
C SER B 632 33.23 7.90 -6.74
N PHE B 633 33.59 9.18 -6.92
CA PHE B 633 33.66 9.87 -8.20
C PHE B 633 35.13 9.88 -8.56
N VAL B 634 35.51 9.05 -9.54
CA VAL B 634 36.90 8.96 -9.97
C VAL B 634 37.09 9.60 -11.37
N PRO B 635 38.19 10.38 -11.63
CA PRO B 635 38.39 10.92 -12.98
C PRO B 635 38.39 9.78 -14.00
N GLY B 636 37.46 9.85 -14.94
CA GLY B 636 37.28 8.85 -15.98
C GLY B 636 37.12 9.42 -17.37
N GLU B 637 36.73 8.56 -18.32
CA GLU B 637 36.52 8.95 -19.69
C GLU B 637 35.39 8.16 -20.36
N HIS B 638 34.58 8.88 -21.12
CA HIS B 638 33.46 8.33 -21.87
C HIS B 638 33.48 9.00 -23.25
N PRO B 639 33.29 8.25 -24.35
CA PRO B 639 33.35 8.85 -25.70
C PRO B 639 32.34 9.97 -25.98
N ALA B 640 31.22 10.02 -25.24
CA ALA B 640 30.19 11.05 -25.42
C ALA B 640 30.47 12.25 -24.55
N LEU B 641 31.47 12.15 -23.65
CA LEU B 641 31.78 13.21 -22.70
C LEU B 641 33.16 13.85 -22.85
N HIS B 642 33.27 15.10 -22.36
CA HIS B 642 34.48 15.91 -22.32
C HIS B 642 35.52 15.20 -21.40
N PRO B 643 36.69 14.78 -21.93
CA PRO B 643 37.69 14.06 -21.11
C PRO B 643 38.29 14.83 -19.93
N GLY B 644 38.10 16.14 -19.91
CA GLY B 644 38.58 16.97 -18.81
C GLY B 644 37.52 17.21 -17.74
N GLN B 645 36.24 16.94 -18.08
CA GLN B 645 35.10 17.13 -17.18
C GLN B 645 34.24 15.87 -17.09
N THR B 646 34.87 14.69 -16.84
CA THR B 646 34.19 13.39 -16.71
C THR B 646 34.57 12.62 -15.42
N ALA B 647 33.53 12.24 -14.66
CA ALA B 647 33.66 11.44 -13.45
C ALA B 647 32.99 10.08 -13.69
N ARG B 648 33.74 9.01 -13.45
CA ARG B 648 33.31 7.61 -13.47
C ARG B 648 32.85 7.33 -12.02
N ILE B 649 31.59 6.90 -11.83
CA ILE B 649 31.01 6.64 -10.50
C ILE B 649 31.05 5.15 -10.17
N GLU B 650 31.68 4.82 -9.04
CA GLU B 650 31.83 3.43 -8.62
C GLU B 650 31.35 3.17 -7.20
N ARG B 651 31.05 1.90 -6.93
CA ARG B 651 30.64 1.35 -5.63
C ARG B 651 31.33 -0.01 -5.51
N GLU B 652 32.31 -0.14 -4.59
CA GLU B 652 33.12 -1.35 -4.39
C GLU B 652 33.84 -1.77 -5.69
N GLY B 653 34.34 -0.76 -6.41
CA GLY B 653 35.01 -0.95 -7.69
C GLY B 653 34.06 -1.21 -8.85
N ARG B 654 32.80 -1.57 -8.56
CA ARG B 654 31.78 -1.83 -9.60
C ARG B 654 31.28 -0.52 -10.21
N LEU B 655 31.12 -0.48 -11.55
CA LEU B 655 30.66 0.73 -12.26
C LEU B 655 29.17 1.02 -12.06
N VAL B 656 28.85 2.20 -11.50
CA VAL B 656 27.49 2.70 -11.25
C VAL B 656 27.05 3.52 -12.47
N GLY B 657 27.97 4.33 -12.98
CA GLY B 657 27.73 5.12 -14.16
C GLY B 657 28.75 6.20 -14.35
N TYR B 658 28.36 7.22 -15.11
CA TYR B 658 29.20 8.36 -15.46
C TYR B 658 28.44 9.66 -15.25
N LEU B 659 29.20 10.73 -15.08
CA LEU B 659 28.73 12.09 -14.92
C LEU B 659 29.75 12.97 -15.64
N GLY B 660 29.27 13.84 -16.51
CA GLY B 660 30.17 14.76 -17.20
C GLY B 660 29.53 15.71 -18.19
N ALA B 661 30.36 16.62 -18.72
CA ALA B 661 29.93 17.55 -19.75
C ALA B 661 29.90 16.80 -21.09
N LEU B 662 28.83 17.00 -21.88
CA LEU B 662 28.73 16.42 -23.20
C LEU B 662 29.93 16.92 -23.98
N HIS B 663 30.65 16.01 -24.64
CA HIS B 663 31.84 16.28 -25.44
C HIS B 663 31.58 17.43 -26.43
N PRO B 664 32.47 18.45 -26.46
CA PRO B 664 32.25 19.57 -27.41
C PRO B 664 32.21 19.15 -28.89
N GLU B 665 32.91 18.06 -29.25
CA GLU B 665 32.86 17.55 -30.63
C GLU B 665 31.51 16.91 -30.97
N LEU B 666 30.83 16.29 -29.99
CA LEU B 666 29.48 15.71 -30.16
C LEU B 666 28.50 16.87 -30.32
N ALA B 667 28.64 17.90 -29.49
CA ALA B 667 27.84 19.12 -29.55
C ALA B 667 27.92 19.76 -30.95
N LYS B 668 29.15 19.93 -31.51
CA LYS B 668 29.33 20.49 -32.86
C LYS B 668 28.45 19.72 -33.86
N LYS B 669 28.61 18.39 -33.89
CA LYS B 669 27.94 17.43 -34.76
C LYS B 669 26.40 17.46 -34.65
N LEU B 670 25.86 17.90 -33.52
CA LEU B 670 24.42 17.99 -33.26
C LEU B 670 23.92 19.41 -33.39
N ASP B 671 24.85 20.38 -33.61
CA ASP B 671 24.59 21.81 -33.68
C ASP B 671 23.95 22.29 -32.37
N LEU B 672 24.69 22.05 -31.30
CA LEU B 672 24.31 22.44 -29.95
C LEU B 672 25.40 23.43 -29.51
N GLU B 673 25.03 24.74 -29.37
CA GLU B 673 25.97 25.81 -29.01
C GLU B 673 26.00 26.13 -27.51
N GLN B 674 25.40 25.28 -26.69
CA GLN B 674 25.37 25.45 -25.23
C GLN B 674 26.06 24.30 -24.49
N PRO B 675 26.77 24.56 -23.37
CA PRO B 675 27.33 23.42 -22.58
C PRO B 675 26.19 22.60 -21.96
N VAL B 676 26.30 21.25 -22.02
CA VAL B 676 25.30 20.30 -21.53
C VAL B 676 25.94 19.29 -20.55
N PHE B 677 25.27 19.06 -19.39
CA PHE B 677 25.76 18.17 -18.34
C PHE B 677 24.86 16.99 -18.22
N LEU B 678 25.50 15.82 -18.31
CA LEU B 678 24.85 14.50 -18.34
C LEU B 678 25.29 13.62 -17.22
N PHE B 679 24.37 12.77 -16.75
CA PHE B 679 24.67 11.69 -15.81
C PHE B 679 23.79 10.52 -16.16
N GLU B 680 24.27 9.32 -15.84
CA GLU B 680 23.56 8.07 -16.05
C GLU B 680 24.02 7.12 -14.97
N LEU B 681 23.05 6.59 -14.21
CA LEU B 681 23.27 5.70 -13.08
C LEU B 681 22.51 4.41 -13.28
N LEU B 682 23.16 3.28 -12.95
CA LEU B 682 22.60 1.91 -13.01
C LEU B 682 21.82 1.79 -11.71
N LEU B 683 20.47 1.80 -11.79
CA LEU B 683 19.61 1.75 -10.61
C LEU B 683 19.87 0.54 -9.69
N ALA B 684 20.23 -0.64 -10.25
CA ALA B 684 20.53 -1.82 -9.43
C ALA B 684 21.65 -1.59 -8.43
N GLU B 685 22.54 -0.62 -8.71
CA GLU B 685 23.70 -0.21 -7.90
C GLU B 685 23.45 0.95 -6.96
N VAL B 686 22.29 1.60 -7.10
CA VAL B 686 21.92 2.78 -6.33
C VAL B 686 20.88 2.44 -5.26
N VAL B 687 19.96 1.50 -5.55
CA VAL B 687 18.83 1.11 -4.68
C VAL B 687 19.23 0.69 -3.27
N ASP B 688 20.30 -0.11 -3.09
CA ASP B 688 20.60 -0.53 -1.72
C ASP B 688 21.41 0.49 -0.91
N GLY B 689 21.00 0.63 0.34
CA GLY B 689 21.62 1.53 1.31
C GLY B 689 21.85 0.85 2.64
N HIS B 690 21.95 1.62 3.70
CA HIS B 690 22.16 1.07 5.03
C HIS B 690 21.24 1.72 6.01
N LEU B 691 20.83 0.93 6.98
CA LEU B 691 19.96 1.34 8.05
C LEU B 691 20.79 2.13 9.06
N PRO B 692 20.25 3.26 9.61
CA PRO B 692 20.99 4.00 10.65
C PRO B 692 21.51 3.14 11.82
N LYS B 693 22.76 3.40 12.22
CA LYS B 693 23.42 2.74 13.36
C LYS B 693 23.80 3.87 14.31
N PHE B 694 23.09 3.96 15.42
CA PHE B 694 23.27 5.03 16.37
C PHE B 694 24.67 5.04 17.00
N ARG B 695 25.28 6.22 16.97
CA ARG B 695 26.59 6.59 17.50
C ARG B 695 26.30 7.63 18.58
N GLU B 696 26.70 7.35 19.83
CA GLU B 696 26.48 8.21 21.01
C GLU B 696 26.91 9.66 20.83
N LEU B 697 26.08 10.59 21.37
CA LEU B 697 26.30 12.03 21.33
C LEU B 697 27.08 12.51 22.54
N SER B 698 28.12 13.28 22.29
CA SER B 698 28.99 13.73 23.34
C SER B 698 28.40 14.92 24.06
N ARG B 699 28.55 14.95 25.39
CA ARG B 699 28.10 16.08 26.24
C ARG B 699 29.20 17.14 26.26
N PHE B 700 30.25 16.95 25.44
CA PHE B 700 31.42 17.81 25.46
C PHE B 700 31.62 18.64 24.21
N PRO B 701 32.30 19.81 24.34
CA PRO B 701 32.53 20.67 23.17
C PRO B 701 33.45 20.05 22.12
N GLU B 702 33.25 20.51 20.88
CA GLU B 702 34.03 20.12 19.71
C GLU B 702 35.08 21.17 19.45
N VAL B 703 36.19 20.74 18.87
CA VAL B 703 37.31 21.61 18.55
C VAL B 703 37.53 21.60 17.04
N ARG B 704 37.71 22.80 16.47
CA ARG B 704 37.94 23.00 15.05
C ARG B 704 39.27 23.67 14.81
N ARG B 705 39.95 23.23 13.76
CA ARG B 705 41.22 23.76 13.28
C ARG B 705 41.10 23.87 11.78
N ASP B 706 41.62 24.98 11.22
CA ASP B 706 41.59 25.22 9.78
C ASP B 706 42.99 25.09 9.21
N LEU B 707 43.11 24.37 8.08
CA LEU B 707 44.38 24.15 7.39
C LEU B 707 44.29 24.68 5.98
N ALA B 708 45.29 25.48 5.57
CA ALA B 708 45.40 26.02 4.22
C ALA B 708 46.54 25.23 3.52
N LEU B 709 46.19 24.34 2.57
CA LEU B 709 47.16 23.43 1.96
C LEU B 709 47.52 23.72 0.50
N LEU B 710 48.85 23.93 0.23
CA LEU B 710 49.42 24.13 -1.09
C LEU B 710 49.76 22.76 -1.67
N VAL B 711 49.08 22.37 -2.75
CA VAL B 711 49.27 21.08 -3.43
C VAL B 711 49.41 21.32 -4.92
N ASP B 712 49.89 20.32 -5.69
CA ASP B 712 49.98 20.47 -7.14
C ASP B 712 48.55 20.61 -7.67
N GLN B 713 48.37 21.53 -8.63
CA GLN B 713 47.09 21.84 -9.25
C GLN B 713 46.30 20.59 -9.72
N ASP B 714 47.01 19.52 -10.11
CA ASP B 714 46.40 18.30 -10.64
C ASP B 714 46.09 17.19 -9.61
N VAL B 715 46.64 17.25 -8.39
CA VAL B 715 46.33 16.20 -7.39
C VAL B 715 44.85 16.33 -6.94
N PRO B 716 44.08 15.22 -7.05
CA PRO B 716 42.64 15.29 -6.73
C PRO B 716 42.31 15.58 -5.26
N ALA B 717 41.40 16.54 -5.04
CA ALA B 717 40.96 16.99 -3.72
C ALA B 717 40.48 15.86 -2.80
N GLN B 718 39.78 14.84 -3.33
CA GLN B 718 39.28 13.72 -2.53
C GLN B 718 40.43 12.81 -2.06
N ASP B 719 41.55 12.78 -2.78
CA ASP B 719 42.73 12.02 -2.37
C ASP B 719 43.35 12.68 -1.13
N ILE B 720 43.33 14.03 -1.07
CA ILE B 720 43.85 14.78 0.05
C ILE B 720 42.89 14.63 1.23
N LEU B 721 41.58 14.81 1.00
CA LEU B 721 40.56 14.68 2.06
C LEU B 721 40.55 13.28 2.71
N THR B 722 40.74 12.22 1.89
CA THR B 722 40.83 10.83 2.34
C THR B 722 42.05 10.63 3.24
N GLN B 723 43.22 11.17 2.83
CA GLN B 723 44.46 11.09 3.61
C GLN B 723 44.33 11.78 4.97
N ILE B 724 43.61 12.92 4.99
CA ILE B 724 43.35 13.69 6.20
C ILE B 724 42.58 12.82 7.21
N ARG B 725 41.44 12.20 6.80
CA ARG B 725 40.62 11.33 7.67
C ARG B 725 41.47 10.22 8.26
N ALA B 726 42.32 9.59 7.40
CA ALA B 726 43.24 8.51 7.78
C ALA B 726 44.25 8.90 8.86
N ALA B 727 44.72 10.17 8.83
CA ALA B 727 45.73 10.71 9.73
C ALA B 727 45.16 11.55 10.91
N ALA B 728 43.82 11.79 10.96
CA ALA B 728 43.16 12.61 11.99
C ALA B 728 42.79 11.87 13.30
N GLY B 729 43.10 10.59 13.41
CA GLY B 729 42.74 9.85 14.62
C GLY B 729 41.26 9.50 14.75
N GLU B 730 40.89 8.98 15.91
CA GLU B 730 39.54 8.46 16.21
C GLU B 730 38.48 9.52 16.51
N TRP B 731 38.86 10.79 16.76
CA TRP B 731 37.89 11.79 17.20
C TRP B 731 37.41 12.79 16.14
N LEU B 732 37.82 12.66 14.86
CA LEU B 732 37.35 13.57 13.82
C LEU B 732 35.85 13.35 13.54
N THR B 733 35.04 14.42 13.65
CA THR B 733 33.59 14.33 13.45
C THR B 733 33.15 14.95 12.13
N ASP B 734 33.97 15.89 11.61
CA ASP B 734 33.69 16.60 10.38
C ASP B 734 34.94 17.09 9.70
N LEU B 735 34.93 17.02 8.35
CA LEU B 735 36.00 17.51 7.48
C LEU B 735 35.30 18.22 6.33
N ARG B 736 35.62 19.51 6.16
CA ARG B 736 35.00 20.35 5.16
C ARG B 736 36.03 21.10 4.33
N LEU B 737 35.88 21.07 3.00
CA LEU B 737 36.72 21.85 2.11
C LEU B 737 35.89 23.10 1.85
N PHE B 738 36.27 24.22 2.49
CA PHE B 738 35.50 25.47 2.40
C PHE B 738 35.96 26.44 1.30
N ASP B 739 37.13 26.16 0.65
CA ASP B 739 37.68 27.01 -0.40
C ASP B 739 38.85 26.35 -1.15
N VAL B 740 38.97 26.67 -2.45
CA VAL B 740 40.04 26.26 -3.35
C VAL B 740 40.57 27.56 -4.02
N TYR B 741 41.89 27.79 -3.94
CA TYR B 741 42.50 29.00 -4.48
C TYR B 741 43.57 28.68 -5.51
N HIS B 742 43.34 29.09 -6.77
CA HIS B 742 44.27 28.89 -7.86
C HIS B 742 44.56 30.26 -8.47
N GLY B 743 45.03 31.18 -7.62
CA GLY B 743 45.32 32.55 -8.00
C GLY B 743 46.77 32.91 -8.14
N LYS B 744 47.03 34.23 -8.08
CA LYS B 744 48.35 34.85 -8.21
C LYS B 744 49.20 34.76 -6.94
N GLY B 745 48.53 34.74 -5.78
CA GLY B 745 49.16 34.66 -4.46
C GLY B 745 50.07 33.46 -4.23
N ILE B 746 50.02 32.47 -5.15
CA ILE B 746 50.79 31.23 -5.13
C ILE B 746 51.27 30.82 -6.54
N ASP B 747 52.12 29.76 -6.64
CA ASP B 747 52.66 29.20 -7.90
C ASP B 747 51.54 28.90 -8.92
N PRO B 748 51.75 29.11 -10.25
CA PRO B 748 50.67 28.86 -11.21
C PRO B 748 50.28 27.39 -11.41
N HIS B 749 51.13 26.45 -10.94
CA HIS B 749 50.91 25.01 -11.05
C HIS B 749 50.50 24.41 -9.70
N ARG B 750 50.17 25.27 -8.72
CA ARG B 750 49.73 24.82 -7.40
C ARG B 750 48.36 25.40 -7.07
N LYS B 751 47.73 24.87 -6.00
CA LYS B 751 46.41 25.30 -5.52
C LYS B 751 46.35 25.25 -3.98
N SER B 752 45.61 26.19 -3.36
CA SER B 752 45.43 26.24 -1.92
C SER B 752 44.08 25.64 -1.56
N LEU B 753 44.10 24.59 -0.73
CA LEU B 753 42.90 23.90 -0.27
C LEU B 753 42.64 24.26 1.17
N ALA B 754 41.61 25.12 1.39
CA ALA B 754 41.26 25.53 2.74
C ALA B 754 40.29 24.48 3.32
N VAL B 755 40.76 23.76 4.37
CA VAL B 755 39.99 22.69 5.01
C VAL B 755 39.72 22.99 6.49
N GLY B 756 38.52 22.67 6.92
CA GLY B 756 38.08 22.81 8.29
C GLY B 756 37.97 21.43 8.90
N LEU B 757 38.67 21.23 10.03
CA LEU B 757 38.69 19.94 10.71
C LEU B 757 38.04 20.06 12.06
N THR B 758 37.05 19.19 12.34
CA THR B 758 36.33 19.19 13.62
C THR B 758 36.53 17.86 14.34
N TRP B 759 36.86 17.93 15.64
CA TRP B 759 37.02 16.77 16.51
C TRP B 759 36.12 16.89 17.73
N GLN B 760 35.58 15.76 18.19
CA GLN B 760 34.76 15.73 19.40
C GLN B 760 34.98 14.39 20.09
N HIS B 761 35.46 14.41 21.35
CA HIS B 761 35.65 13.21 22.14
C HIS B 761 34.30 12.83 22.78
N PRO B 762 33.90 11.52 22.83
CA PRO B 762 32.59 11.19 23.43
C PRO B 762 32.49 11.28 24.96
N SER B 763 33.62 11.27 25.66
CA SER B 763 33.67 11.23 27.12
C SER B 763 34.42 12.38 27.83
N ARG B 764 34.97 13.35 27.10
CA ARG B 764 35.72 14.47 27.72
C ARG B 764 35.97 15.61 26.74
N THR B 765 36.62 16.67 27.24
CA THR B 765 37.04 17.83 26.46
C THR B 765 38.39 17.45 25.86
N LEU B 766 38.70 18.01 24.70
CA LEU B 766 39.96 17.78 24.04
C LEU B 766 40.87 18.95 24.34
N ASN B 767 42.12 18.66 24.73
CA ASN B 767 43.11 19.68 25.03
C ASN B 767 43.81 20.11 23.76
N ASP B 768 44.36 21.32 23.77
CA ASP B 768 45.06 21.92 22.63
C ASP B 768 46.28 21.16 22.17
N ASP B 769 47.03 20.57 23.14
CA ASP B 769 48.26 19.82 22.89
C ASP B 769 48.02 18.64 21.95
N GLU B 770 47.01 17.80 22.25
CA GLU B 770 46.68 16.61 21.47
C GLU B 770 46.11 16.98 20.09
N VAL B 771 45.28 18.05 20.03
CA VAL B 771 44.70 18.52 18.77
C VAL B 771 45.81 19.05 17.85
N ASN B 772 46.79 19.80 18.42
CA ASN B 772 47.94 20.31 17.67
C ASN B 772 48.87 19.17 17.22
N SER B 773 48.95 18.10 18.05
CA SER B 773 49.73 16.91 17.76
C SER B 773 49.09 16.20 16.55
N THR B 774 47.77 15.91 16.61
CA THR B 774 46.96 15.30 15.55
C THR B 774 47.09 16.12 14.23
N THR B 775 47.02 17.46 14.32
CA THR B 775 47.12 18.38 13.19
C THR B 775 48.48 18.23 12.51
N GLN B 776 49.58 18.20 13.30
CA GLN B 776 50.93 18.01 12.78
C GLN B 776 51.11 16.65 12.07
N ASN B 777 50.48 15.56 12.61
CA ASN B 777 50.58 14.26 11.93
C ASN B 777 49.81 14.27 10.58
N ILE B 778 48.74 15.09 10.46
CA ILE B 778 47.99 15.21 9.19
C ILE B 778 48.93 15.85 8.15
N VAL B 779 49.53 17.01 8.50
CA VAL B 779 50.45 17.80 7.69
C VAL B 779 51.63 16.95 7.20
N THR B 780 52.32 16.27 8.16
CA THR B 780 53.47 15.39 7.88
C THR B 780 53.08 14.31 6.86
N SER B 781 51.89 13.71 7.03
CA SER B 781 51.35 12.69 6.14
C SER B 781 51.14 13.22 4.73
N LEU B 782 50.66 14.48 4.62
CA LEU B 782 50.40 15.16 3.34
C LEU B 782 51.69 15.63 2.68
N GLU B 783 52.74 15.87 3.46
CA GLU B 783 54.05 16.24 2.93
C GLU B 783 54.64 14.97 2.30
N GLU B 784 54.61 13.84 3.03
CA GLU B 784 55.16 12.57 2.56
C GLU B 784 54.34 11.89 1.46
N ARG B 785 53.09 12.32 1.23
CA ARG B 785 52.24 11.70 0.20
C ARG B 785 51.98 12.57 -1.04
N PHE B 786 51.95 13.91 -0.90
CA PHE B 786 51.65 14.81 -2.02
C PHE B 786 52.58 16.02 -2.12
N ASN B 787 53.61 16.08 -1.25
CA ASN B 787 54.58 17.18 -1.14
C ASN B 787 53.85 18.51 -0.87
N ALA B 788 52.87 18.43 0.04
CA ALA B 788 52.03 19.54 0.46
C ALA B 788 52.82 20.51 1.36
N THR B 789 52.34 21.77 1.43
CA THR B 789 52.93 22.88 2.17
C THR B 789 51.81 23.69 2.81
N LEU B 790 52.05 24.26 3.99
CA LEU B 790 51.06 25.12 4.62
C LEU B 790 51.18 26.51 4.04
N ARG B 791 50.05 27.20 3.83
CA ARG B 791 50.04 28.55 3.27
C ARG B 791 50.47 29.61 4.32
N GLU C 90 42.53 21.27 -21.95
CA GLU C 90 42.97 22.55 -21.35
C GLU C 90 42.01 23.02 -20.25
N ARG C 91 40.70 22.82 -20.46
CA ARG C 91 39.68 23.28 -19.52
C ARG C 91 39.29 22.14 -18.48
N ILE C 92 40.27 21.28 -18.12
CA ILE C 92 40.14 20.20 -17.14
C ILE C 92 39.84 20.79 -15.72
N ASP C 93 39.16 20.01 -14.87
CA ASP C 93 38.77 20.31 -13.49
C ASP C 93 38.81 19.01 -12.68
N VAL C 94 38.85 19.10 -11.33
CA VAL C 94 38.85 17.88 -10.51
C VAL C 94 37.44 17.60 -9.96
N THR C 95 37.27 16.43 -9.37
CA THR C 95 36.01 16.01 -8.84
C THR C 95 36.04 16.22 -7.30
N LEU C 96 35.71 17.49 -6.97
CA LEU C 96 35.53 18.18 -5.70
C LEU C 96 34.07 18.00 -5.31
N PRO C 97 33.62 18.45 -4.12
CA PRO C 97 32.20 18.33 -3.79
C PRO C 97 31.29 19.15 -4.73
N GLY C 98 30.04 18.72 -4.86
CA GLY C 98 29.08 19.44 -5.70
C GLY C 98 28.66 20.75 -5.08
N ARG C 99 28.09 21.64 -5.87
CA ARG C 99 27.62 22.94 -5.40
C ARG C 99 26.19 22.89 -4.84
N GLY C 100 25.96 23.72 -3.83
CA GLY C 100 24.67 23.98 -3.23
C GLY C 100 24.27 23.11 -2.05
N GLN C 101 22.99 23.22 -1.78
CA GLN C 101 22.22 22.59 -0.75
C GLN C 101 22.01 21.11 -1.07
N LEU C 102 22.14 20.27 -0.05
CA LEU C 102 21.87 18.85 -0.21
C LEU C 102 20.69 18.45 0.72
N SER C 103 20.28 17.18 0.72
CA SER C 103 19.12 16.76 1.52
C SER C 103 19.37 16.79 3.02
N GLY C 104 18.29 17.05 3.79
CA GLY C 104 18.28 16.99 5.23
C GLY C 104 17.85 15.58 5.56
N GLY C 105 16.75 15.43 6.31
CA GLY C 105 16.19 14.12 6.63
C GLY C 105 15.02 14.10 7.57
N LEU C 106 14.46 12.93 7.78
CA LEU C 106 13.34 12.76 8.70
C LEU C 106 13.81 12.37 10.09
N HIS C 107 12.88 12.48 11.05
CA HIS C 107 13.08 12.14 12.41
C HIS C 107 12.91 10.61 12.51
N PRO C 108 13.76 9.90 13.33
CA PRO C 108 13.64 8.42 13.42
C PRO C 108 12.26 7.88 13.78
N VAL C 109 11.49 8.60 14.58
CA VAL C 109 10.13 8.20 14.98
C VAL C 109 9.22 8.28 13.75
N THR C 110 9.30 9.39 12.99
CA THR C 110 8.54 9.55 11.74
C THR C 110 8.83 8.42 10.75
N ARG C 111 10.12 8.02 10.63
CA ARG C 111 10.56 6.91 9.76
C ARG C 111 9.87 5.62 10.20
N THR C 112 9.86 5.36 11.49
CA THR C 112 9.28 4.18 12.12
C THR C 112 7.76 4.13 11.98
N LEU C 113 7.05 5.24 12.31
CA LEU C 113 5.61 5.34 12.17
C LEU C 113 5.19 5.02 10.74
N GLU C 114 5.84 5.66 9.73
CA GLU C 114 5.60 5.43 8.31
C GLU C 114 5.71 3.96 7.98
N ARG C 115 6.80 3.32 8.45
CA ARG C 115 7.09 1.90 8.24
C ARG C 115 5.99 0.98 8.83
N ILE C 116 5.55 1.24 10.09
CA ILE C 116 4.50 0.43 10.73
C ILE C 116 3.21 0.57 9.93
N GLU C 117 2.84 1.79 9.54
CA GLU C 117 1.64 2.04 8.74
C GLU C 117 1.68 1.28 7.44
N GLN C 118 2.82 1.29 6.76
CA GLN C 118 2.98 0.63 5.46
C GLN C 118 2.76 -0.87 5.53
N CYS C 119 3.15 -1.56 6.62
CA CYS C 119 2.92 -3.01 6.77
C CYS C 119 1.44 -3.38 6.69
N PHE C 120 0.55 -2.50 7.21
CA PHE C 120 -0.91 -2.70 7.25
C PHE C 120 -1.66 -2.03 6.09
N SER C 121 -1.26 -0.78 5.71
CA SER C 121 -1.94 -0.05 4.64
C SER C 121 -1.92 -0.80 3.27
N ARG C 122 -0.87 -1.61 3.05
CA ARG C 122 -0.66 -2.48 1.88
C ARG C 122 -1.60 -3.70 1.91
N ILE C 123 -2.38 -3.89 2.98
CA ILE C 123 -3.24 -5.05 3.11
C ILE C 123 -4.69 -4.61 3.52
N GLY C 124 -5.04 -3.38 3.19
CA GLY C 124 -6.39 -2.91 3.48
C GLY C 124 -6.65 -2.03 4.69
N TYR C 125 -5.64 -1.78 5.52
CA TYR C 125 -5.88 -0.96 6.70
C TYR C 125 -5.89 0.52 6.36
N GLU C 126 -6.83 1.28 6.96
CA GLU C 126 -6.95 2.72 6.79
C GLU C 126 -6.28 3.44 7.94
N VAL C 127 -5.64 4.56 7.66
CA VAL C 127 -4.98 5.37 8.65
C VAL C 127 -5.99 6.30 9.25
N ALA C 128 -6.22 6.15 10.58
CA ALA C 128 -7.18 6.94 11.31
C ALA C 128 -6.46 7.84 12.31
N GLU C 129 -6.93 9.09 12.39
CA GLU C 129 -6.38 10.08 13.30
C GLU C 129 -7.48 10.69 14.12
N GLY C 130 -7.11 11.19 15.29
CA GLY C 130 -8.05 11.80 16.22
C GLY C 130 -7.45 12.92 17.03
N PRO C 131 -8.24 13.55 17.93
CA PRO C 131 -7.71 14.65 18.75
C PRO C 131 -6.80 14.14 19.86
N GLU C 132 -5.82 14.99 20.28
CA GLU C 132 -4.89 14.67 21.37
C GLU C 132 -5.46 15.05 22.75
N VAL C 133 -6.38 16.04 22.75
CA VAL C 133 -7.14 16.45 23.94
C VAL C 133 -8.46 15.69 23.78
N GLU C 134 -8.63 14.69 24.65
CA GLU C 134 -9.77 13.77 24.70
C GLU C 134 -10.60 13.89 25.99
N ASP C 135 -11.76 13.18 26.01
CA ASP C 135 -12.67 13.11 27.16
C ASP C 135 -12.50 11.74 27.91
N ASP C 136 -12.96 11.62 29.19
CA ASP C 136 -12.88 10.36 29.99
C ASP C 136 -13.53 9.21 29.24
N TYR C 137 -14.66 9.48 28.55
CA TYR C 137 -15.40 8.46 27.86
C TYR C 137 -14.59 7.79 26.77
N HIS C 138 -14.11 8.56 25.77
CA HIS C 138 -13.34 8.02 24.67
C HIS C 138 -12.02 7.41 25.11
N ASN C 139 -11.34 8.06 26.10
CA ASN C 139 -10.04 7.60 26.58
C ASN C 139 -10.09 6.43 27.56
N PHE C 140 -11.11 6.38 28.43
CA PHE C 140 -11.18 5.34 29.44
C PHE C 140 -12.46 4.50 29.46
N GLU C 141 -13.61 5.14 29.73
CA GLU C 141 -14.91 4.48 29.89
C GLU C 141 -15.24 3.52 28.76
N ALA C 142 -15.13 3.97 27.49
CA ALA C 142 -15.41 3.21 26.28
C ALA C 142 -14.48 2.01 26.11
N LEU C 143 -13.33 2.00 26.82
CA LEU C 143 -12.32 0.96 26.75
C LEU C 143 -12.33 0.04 27.96
N ASN C 144 -13.47 -0.01 28.66
CA ASN C 144 -13.71 -0.85 29.83
C ASN C 144 -12.76 -0.57 31.01
N ILE C 145 -12.33 0.71 31.15
CA ILE C 145 -11.47 1.15 32.28
C ILE C 145 -12.40 1.84 33.30
N PRO C 146 -12.74 1.14 34.43
CA PRO C 146 -13.69 1.75 35.41
C PRO C 146 -13.11 2.97 36.10
N GLY C 147 -14.00 3.83 36.64
CA GLY C 147 -13.63 5.06 37.33
C GLY C 147 -12.58 4.93 38.43
N HIS C 148 -12.53 3.78 39.14
CA HIS C 148 -11.61 3.60 40.26
C HIS C 148 -10.25 2.98 39.83
N HIS C 149 -10.07 2.73 38.54
CA HIS C 149 -8.86 2.16 37.94
C HIS C 149 -7.65 3.13 38.10
N PRO C 150 -6.50 2.61 38.59
CA PRO C 150 -5.31 3.46 38.79
C PRO C 150 -4.79 4.21 37.56
N ALA C 151 -5.11 3.75 36.34
CA ALA C 151 -4.67 4.40 35.11
C ALA C 151 -5.26 5.81 34.98
N ARG C 152 -6.48 6.00 35.50
CA ARG C 152 -7.22 7.25 35.46
C ARG C 152 -6.69 8.31 36.41
N ALA C 153 -5.96 7.92 37.46
CA ALA C 153 -5.39 8.83 38.45
C ALA C 153 -4.41 9.87 37.85
N MET C 154 -4.29 10.99 38.56
CA MET C 154 -3.42 12.11 38.21
C MET C 154 -1.93 11.80 38.32
N HIS C 155 -1.61 10.64 38.90
CA HIS C 155 -0.24 10.16 39.00
C HIS C 155 0.24 9.61 37.61
N ASP C 156 -0.72 9.28 36.70
CA ASP C 156 -0.47 8.71 35.39
C ASP C 156 -1.04 9.52 34.21
N THR C 157 -2.25 10.07 34.38
CA THR C 157 -2.95 10.84 33.34
C THR C 157 -2.91 12.34 33.59
N PHE C 158 -2.65 13.10 32.51
CA PHE C 158 -2.61 14.56 32.43
C PHE C 158 -4.04 15.07 32.23
N TYR C 159 -4.52 15.94 33.12
CA TYR C 159 -5.88 16.48 33.09
C TYR C 159 -5.93 17.98 32.89
N PHE C 160 -7.04 18.48 32.30
CA PHE C 160 -7.29 19.92 32.13
C PHE C 160 -8.33 20.31 33.16
N ASN C 161 -9.36 19.45 33.29
CA ASN C 161 -10.44 19.51 34.26
C ASN C 161 -10.81 18.05 34.61
N ALA C 162 -11.93 17.84 35.28
CA ALA C 162 -12.39 16.52 35.73
C ALA C 162 -12.64 15.49 34.63
N ASN C 163 -13.07 15.95 33.41
CA ASN C 163 -13.44 15.06 32.30
C ASN C 163 -12.50 15.14 31.07
N MET C 164 -11.83 16.28 30.87
CA MET C 164 -10.92 16.50 29.74
C MET C 164 -9.48 16.22 30.13
N LEU C 165 -8.78 15.51 29.26
CA LEU C 165 -7.41 15.03 29.48
C LEU C 165 -6.55 15.01 28.23
N LEU C 166 -5.28 14.62 28.40
CA LEU C 166 -4.42 14.37 27.25
C LEU C 166 -4.46 12.85 27.10
N ARG C 167 -4.86 12.38 25.91
CA ARG C 167 -4.94 10.94 25.62
C ARG C 167 -3.66 10.18 26.01
N THR C 168 -3.85 9.09 26.76
CA THR C 168 -2.82 8.19 27.30
C THR C 168 -2.45 7.09 26.27
N HIS C 169 -3.21 7.04 25.16
CA HIS C 169 -3.08 6.05 24.08
C HIS C 169 -3.86 6.55 22.86
N THR C 170 -3.73 5.85 21.71
CA THR C 170 -4.46 6.20 20.50
C THR C 170 -5.77 5.41 20.39
N SER C 171 -6.09 4.52 21.38
CA SER C 171 -7.34 3.73 21.36
C SER C 171 -8.58 4.64 21.22
N PRO C 172 -8.68 5.87 21.85
CA PRO C 172 -9.87 6.72 21.62
C PRO C 172 -10.23 6.96 20.14
N VAL C 173 -9.23 6.94 19.26
CA VAL C 173 -9.40 7.10 17.80
C VAL C 173 -10.19 5.88 17.26
N GLN C 174 -9.81 4.67 17.72
CA GLN C 174 -10.47 3.42 17.37
C GLN C 174 -11.90 3.41 17.89
N VAL C 175 -12.12 4.01 19.06
CA VAL C 175 -13.45 4.17 19.67
C VAL C 175 -14.30 5.08 18.79
N ARG C 176 -13.77 6.25 18.42
CA ARG C 176 -14.46 7.19 17.54
C ARG C 176 -14.81 6.56 16.19
N THR C 177 -13.98 5.62 15.70
CA THR C 177 -14.22 4.91 14.43
C THR C 177 -15.39 3.92 14.59
N MET C 178 -15.38 3.12 15.67
CA MET C 178 -16.40 2.13 16.04
C MET C 178 -17.79 2.74 16.27
N GLU C 179 -17.84 4.00 16.70
CA GLU C 179 -19.07 4.75 16.93
C GLU C 179 -19.64 5.22 15.59
N SER C 180 -18.79 5.84 14.76
CA SER C 180 -19.10 6.42 13.46
C SER C 180 -19.57 5.42 12.37
N GLN C 181 -19.08 4.15 12.41
CA GLN C 181 -19.41 3.14 11.40
C GLN C 181 -19.70 1.74 11.95
N GLN C 182 -20.29 0.87 11.09
CA GLN C 182 -20.59 -0.53 11.40
C GLN C 182 -19.47 -1.40 10.76
N PRO C 183 -19.13 -2.59 11.31
CA PRO C 183 -18.06 -3.41 10.70
C PRO C 183 -18.29 -3.72 9.21
N PRO C 184 -17.25 -4.04 8.40
CA PRO C 184 -15.82 -4.20 8.71
C PRO C 184 -15.06 -2.91 9.00
N ILE C 185 -14.16 -3.00 10.00
CA ILE C 185 -13.24 -1.93 10.39
C ILE C 185 -11.82 -2.55 10.31
N ARG C 186 -10.89 -1.89 9.59
CA ARG C 186 -9.46 -2.23 9.44
C ARG C 186 -8.70 -0.91 9.56
N ILE C 187 -8.22 -0.58 10.76
CA ILE C 187 -7.54 0.70 10.93
C ILE C 187 -6.24 0.61 11.71
N VAL C 188 -5.33 1.54 11.40
CA VAL C 188 -4.06 1.74 12.10
C VAL C 188 -4.07 3.17 12.58
N CYS C 189 -3.74 3.38 13.86
CA CYS C 189 -3.79 4.66 14.52
C CYS C 189 -2.45 5.13 15.11
N PRO C 190 -1.61 5.82 14.30
CA PRO C 190 -0.35 6.36 14.86
C PRO C 190 -0.61 7.74 15.49
N GLY C 191 0.19 8.11 16.47
CA GLY C 191 0.00 9.42 17.06
C GLY C 191 0.74 9.70 18.33
N ARG C 192 0.71 10.97 18.74
CA ARG C 192 1.30 11.46 19.97
C ARG C 192 0.34 11.08 21.08
N VAL C 193 0.90 10.50 22.18
CA VAL C 193 0.20 10.07 23.41
C VAL C 193 0.98 10.62 24.60
N TYR C 194 0.32 10.77 25.77
CA TYR C 194 0.91 11.42 26.94
C TYR C 194 0.67 10.70 28.25
N ARG C 195 1.69 10.68 29.11
CA ARG C 195 1.64 10.03 30.41
C ARG C 195 2.46 10.84 31.40
N CYS C 196 2.00 10.88 32.64
CA CYS C 196 2.65 11.60 33.72
C CYS C 196 4.02 11.08 34.07
N ASP C 197 4.23 9.74 34.07
CA ASP C 197 5.49 9.05 34.37
C ASP C 197 6.68 9.70 33.61
N SER C 198 7.52 10.29 34.42
CA SER C 198 8.51 11.36 34.47
C SER C 198 9.88 11.31 33.77
N ASP C 199 10.81 10.34 34.07
CA ASP C 199 12.21 10.38 33.70
C ASP C 199 12.78 9.06 33.22
N LEU C 200 14.02 9.15 32.66
CA LEU C 200 14.84 8.14 32.02
C LEU C 200 14.04 7.27 31.03
N THR C 201 13.81 5.95 31.24
CA THR C 201 13.07 4.98 30.40
C THR C 201 11.67 5.47 29.88
N HIS C 202 11.17 6.63 30.38
CA HIS C 202 9.85 7.19 30.03
C HIS C 202 9.82 8.70 29.87
N SER C 203 9.20 9.16 28.77
CA SER C 203 9.01 10.57 28.42
C SER C 203 7.53 10.99 28.65
N PRO C 204 7.22 12.26 29.04
CA PRO C 204 5.81 12.65 29.24
C PRO C 204 4.98 12.69 27.95
N MET C 205 5.65 12.77 26.80
CA MET C 205 5.03 12.67 25.48
C MET C 205 5.81 11.63 24.69
N PHE C 206 5.10 10.81 23.91
CA PHE C 206 5.66 9.80 23.04
C PHE C 206 4.67 9.38 21.97
N HIS C 207 5.07 8.44 21.11
CA HIS C 207 4.25 7.97 20.01
C HIS C 207 3.95 6.49 20.09
N GLN C 208 2.76 6.14 19.66
CA GLN C 208 2.38 4.75 19.61
C GLN C 208 1.49 4.47 18.41
N VAL C 209 1.47 3.23 17.95
CA VAL C 209 0.62 2.80 16.84
C VAL C 209 -0.28 1.69 17.36
N GLU C 210 -1.58 1.91 17.23
CA GLU C 210 -2.55 0.93 17.61
C GLU C 210 -3.30 0.43 16.39
N GLY C 211 -3.76 -0.80 16.45
CA GLY C 211 -4.51 -1.37 15.33
C GLY C 211 -5.80 -1.99 15.77
N LEU C 212 -6.74 -2.11 14.83
CA LEU C 212 -8.07 -2.67 15.07
C LEU C 212 -8.65 -3.29 13.82
N LEU C 213 -9.13 -4.52 13.96
CA LEU C 213 -9.83 -5.24 12.93
C LEU C 213 -11.08 -5.83 13.59
N VAL C 214 -12.25 -5.45 13.08
CA VAL C 214 -13.55 -5.91 13.57
C VAL C 214 -14.29 -6.44 12.35
N ASP C 215 -14.60 -7.75 12.37
CA ASP C 215 -15.33 -8.41 11.29
C ASP C 215 -16.22 -9.54 11.82
N GLU C 216 -16.86 -10.32 10.92
CA GLU C 216 -17.79 -11.35 11.31
C GLU C 216 -17.16 -12.58 11.94
N GLY C 217 -16.09 -13.12 11.38
CA GLY C 217 -15.48 -14.30 12.00
C GLY C 217 -14.01 -14.15 12.31
N VAL C 218 -13.66 -13.28 13.28
CA VAL C 218 -12.27 -13.04 13.67
C VAL C 218 -11.87 -13.87 14.89
N SER C 219 -10.73 -14.55 14.81
CA SER C 219 -10.23 -15.42 15.89
C SER C 219 -8.89 -14.94 16.44
N PHE C 220 -8.48 -15.53 17.55
CA PHE C 220 -7.19 -15.33 18.17
C PHE C 220 -6.08 -15.87 17.23
N ALA C 221 -6.44 -16.80 16.33
CA ALA C 221 -5.52 -17.38 15.36
C ALA C 221 -5.20 -16.32 14.33
N ASP C 222 -6.24 -15.55 13.92
CA ASP C 222 -6.11 -14.42 12.99
C ASP C 222 -5.15 -13.38 13.56
N LEU C 223 -5.31 -13.06 14.86
CA LEU C 223 -4.46 -12.11 15.59
C LEU C 223 -3.00 -12.58 15.65
N LYS C 224 -2.76 -13.87 16.03
CA LYS C 224 -1.40 -14.42 16.12
C LYS C 224 -0.67 -14.27 14.78
N GLY C 225 -1.34 -14.67 13.69
CA GLY C 225 -0.80 -14.57 12.33
C GLY C 225 -0.43 -13.15 11.94
N THR C 226 -1.38 -12.20 12.11
CA THR C 226 -1.21 -10.78 11.83
C THR C 226 0.05 -10.24 12.54
N ILE C 227 0.12 -10.42 13.87
CA ILE C 227 1.22 -9.93 14.71
C ILE C 227 2.57 -10.55 14.32
N GLU C 228 2.61 -11.86 14.13
CA GLU C 228 3.83 -12.59 13.78
C GLU C 228 4.41 -12.09 12.44
N GLU C 229 3.53 -11.95 11.43
CA GLU C 229 3.91 -11.45 10.12
C GLU C 229 4.25 -9.97 10.15
N PHE C 230 3.66 -9.20 11.08
CA PHE C 230 3.99 -7.79 11.19
C PHE C 230 5.41 -7.60 11.65
N LEU C 231 5.76 -8.23 12.78
CA LEU C 231 7.09 -8.15 13.38
C LEU C 231 8.20 -8.61 12.46
N ARG C 232 7.92 -9.66 11.66
CA ARG C 232 8.83 -10.22 10.67
C ARG C 232 9.09 -9.23 9.56
N ALA C 233 8.01 -8.56 9.07
CA ALA C 233 8.06 -7.54 8.02
C ALA C 233 8.79 -6.30 8.51
N PHE C 234 8.46 -5.87 9.75
CA PHE C 234 9.02 -4.71 10.40
C PHE C 234 10.53 -4.81 10.64
N PHE C 235 10.97 -5.90 11.27
CA PHE C 235 12.36 -6.11 11.60
C PHE C 235 13.15 -6.74 10.48
N GLU C 236 12.50 -6.99 9.32
CA GLU C 236 13.09 -7.59 8.12
C GLU C 236 13.85 -8.90 8.40
N LYS C 237 13.33 -9.74 9.32
CA LYS C 237 13.96 -11.03 9.68
C LYS C 237 12.87 -12.06 9.90
N GLN C 238 13.15 -13.35 9.64
CA GLN C 238 12.16 -14.41 9.92
C GLN C 238 12.33 -14.86 11.37
N LEU C 239 12.30 -13.88 12.31
CA LEU C 239 12.50 -14.05 13.74
C LEU C 239 11.43 -14.88 14.44
N GLU C 240 11.74 -15.35 15.65
CA GLU C 240 10.81 -16.12 16.46
C GLU C 240 9.93 -15.17 17.25
N VAL C 241 8.63 -15.44 17.24
CA VAL C 241 7.62 -14.62 17.92
C VAL C 241 6.92 -15.45 19.01
N ARG C 242 6.90 -14.90 20.22
CA ARG C 242 6.33 -15.49 21.43
C ARG C 242 5.14 -14.67 21.93
N PHE C 243 4.04 -15.37 22.27
CA PHE C 243 2.82 -14.79 22.82
C PHE C 243 2.65 -15.23 24.27
N ARG C 244 2.75 -14.30 25.20
CA ARG C 244 2.57 -14.60 26.63
C ARG C 244 1.22 -14.09 27.09
N PRO C 245 0.40 -14.91 27.80
CA PRO C 245 -0.88 -14.39 28.30
C PRO C 245 -0.64 -13.23 29.25
N SER C 246 -1.32 -12.11 29.00
CA SER C 246 -1.26 -10.91 29.82
C SER C 246 -2.70 -10.49 30.11
N PHE C 247 -2.90 -9.19 30.40
CA PHE C 247 -4.18 -8.61 30.72
C PHE C 247 -4.24 -7.14 30.32
N PHE C 248 -5.39 -6.75 29.78
CA PHE C 248 -5.77 -5.37 29.47
C PHE C 248 -7.26 -5.26 29.71
N PRO C 249 -7.78 -4.15 30.27
CA PRO C 249 -9.24 -4.07 30.48
C PRO C 249 -10.09 -4.12 29.22
N PHE C 250 -9.56 -3.65 28.08
CA PHE C 250 -10.20 -3.54 26.75
C PHE C 250 -10.09 -4.78 25.86
N THR C 251 -9.29 -5.78 26.25
CA THR C 251 -9.16 -7.03 25.47
C THR C 251 -9.29 -8.27 26.36
N GLU C 252 -9.72 -9.38 25.75
CA GLU C 252 -9.87 -10.69 26.39
C GLU C 252 -10.09 -11.79 25.33
N PRO C 253 -9.18 -12.78 25.18
CA PRO C 253 -7.85 -12.89 25.82
C PRO C 253 -6.87 -11.80 25.37
N SER C 254 -5.81 -11.61 26.15
CA SER C 254 -4.77 -10.63 25.90
C SER C 254 -3.39 -11.28 25.87
N ALA C 255 -2.43 -10.64 25.17
CA ALA C 255 -1.07 -11.15 25.09
C ALA C 255 -0.01 -10.08 25.04
N GLU C 256 1.16 -10.40 25.60
CA GLU C 256 2.36 -9.57 25.49
C GLU C 256 3.19 -10.31 24.46
N VAL C 257 3.68 -9.58 23.46
CA VAL C 257 4.43 -10.18 22.37
C VAL C 257 5.93 -9.91 22.52
N ASP C 258 6.70 -11.03 22.48
CA ASP C 258 8.14 -11.06 22.57
C ASP C 258 8.73 -11.52 21.24
N ILE C 259 9.96 -11.06 20.96
CA ILE C 259 10.79 -11.46 19.82
C ILE C 259 12.15 -11.88 20.37
N GLN C 260 12.95 -12.62 19.59
CA GLN C 260 14.29 -12.98 20.06
C GLN C 260 15.24 -11.76 20.10
N CYS C 261 16.43 -11.90 20.71
CA CYS C 261 17.50 -10.91 20.94
C CYS C 261 17.30 -10.19 22.24
N GLY C 276 16.61 -14.71 26.58
CA GLY C 276 16.94 -14.33 25.20
C GLY C 276 15.76 -13.83 24.38
N TRP C 277 14.83 -13.12 25.06
CA TRP C 277 13.59 -12.58 24.52
C TRP C 277 13.38 -11.14 24.92
N LEU C 278 12.70 -10.38 24.04
CA LEU C 278 12.42 -8.96 24.17
C LEU C 278 10.94 -8.69 23.99
N GLU C 279 10.30 -8.01 24.95
CA GLU C 279 8.90 -7.64 24.80
C GLU C 279 8.82 -6.43 23.89
N VAL C 280 8.03 -6.49 22.81
CA VAL C 280 7.94 -5.37 21.85
C VAL C 280 6.54 -4.75 21.66
N MET C 281 5.48 -5.51 21.98
CA MET C 281 4.11 -5.03 21.83
C MET C 281 3.08 -5.86 22.62
N GLY C 282 1.85 -5.36 22.63
CA GLY C 282 0.72 -6.01 23.27
C GLY C 282 -0.44 -6.06 22.30
N CYS C 283 -1.35 -7.02 22.52
CA CYS C 283 -2.53 -7.25 21.67
C CYS C 283 -3.57 -8.05 22.45
N GLY C 284 -4.69 -8.34 21.80
CA GLY C 284 -5.77 -9.14 22.37
C GLY C 284 -7.03 -9.06 21.54
N MET C 285 -8.03 -9.86 21.90
CA MET C 285 -9.33 -9.90 21.23
C MET C 285 -10.16 -8.83 21.89
N VAL C 286 -10.77 -7.93 21.11
CA VAL C 286 -11.55 -6.82 21.67
C VAL C 286 -12.60 -7.32 22.67
N HIS C 287 -12.62 -6.75 23.88
CA HIS C 287 -13.57 -7.13 24.94
C HIS C 287 -15.03 -6.94 24.47
N PRO C 288 -15.96 -7.90 24.76
CA PRO C 288 -17.37 -7.74 24.36
C PRO C 288 -17.98 -6.41 24.82
N ASN C 289 -17.69 -5.99 26.07
CA ASN C 289 -18.18 -4.72 26.63
C ASN C 289 -17.71 -3.51 25.84
N VAL C 290 -16.52 -3.59 25.22
CA VAL C 290 -15.96 -2.49 24.40
C VAL C 290 -16.80 -2.34 23.11
N LEU C 291 -17.11 -3.45 22.45
CA LEU C 291 -17.92 -3.47 21.24
C LEU C 291 -19.35 -3.02 21.55
N ARG C 292 -19.99 -3.63 22.56
CA ARG C 292 -21.34 -3.37 23.02
C ARG C 292 -21.56 -1.88 23.28
N MET C 293 -20.58 -1.21 23.95
CA MET C 293 -20.58 0.21 24.28
C MET C 293 -20.55 1.09 23.07
N SER C 294 -19.96 0.62 21.97
CA SER C 294 -19.85 1.33 20.71
C SER C 294 -20.85 0.82 19.68
N ASN C 295 -21.97 0.23 20.15
CA ASN C 295 -23.07 -0.35 19.37
C ASN C 295 -22.57 -1.34 18.27
N ILE C 296 -21.85 -2.40 18.69
CA ILE C 296 -21.35 -3.48 17.83
C ILE C 296 -21.68 -4.78 18.55
N ASP C 297 -22.58 -5.59 17.96
CA ASP C 297 -23.05 -6.82 18.58
C ASP C 297 -21.92 -7.82 18.76
N PRO C 298 -21.52 -8.15 20.02
CA PRO C 298 -20.42 -9.12 20.22
C PRO C 298 -20.79 -10.54 19.77
N GLU C 299 -22.09 -10.78 19.51
CA GLU C 299 -22.60 -12.06 19.04
C GLU C 299 -22.36 -12.23 17.53
N LYS C 300 -22.46 -11.11 16.78
CA LYS C 300 -22.26 -11.11 15.33
C LYS C 300 -20.82 -10.79 14.99
N PHE C 301 -20.21 -9.86 15.72
CA PHE C 301 -18.84 -9.42 15.41
C PHE C 301 -17.81 -9.67 16.48
N GLN C 302 -16.65 -10.10 16.02
CA GLN C 302 -15.46 -10.37 16.80
C GLN C 302 -14.41 -9.36 16.28
N GLY C 303 -13.41 -9.08 17.07
CA GLY C 303 -12.33 -8.20 16.66
C GLY C 303 -11.06 -8.41 17.44
N PHE C 304 -9.95 -7.97 16.88
CA PHE C 304 -8.67 -7.99 17.57
C PHE C 304 -8.11 -6.58 17.50
N ALA C 305 -7.22 -6.26 18.44
CA ALA C 305 -6.56 -4.98 18.53
C ALA C 305 -5.16 -5.18 19.08
N PHE C 306 -4.24 -4.30 18.69
CA PHE C 306 -2.86 -4.35 19.11
C PHE C 306 -2.33 -2.95 19.34
N GLY C 307 -1.24 -2.85 20.09
CA GLY C 307 -0.59 -1.60 20.39
C GLY C 307 0.90 -1.76 20.51
N MET C 308 1.64 -0.71 20.18
CA MET C 308 3.11 -0.72 20.29
C MET C 308 3.62 0.70 20.47
N GLY C 309 4.77 0.86 21.12
CA GLY C 309 5.44 2.14 21.26
C GLY C 309 6.40 2.35 20.10
N ALA C 310 6.29 3.49 19.39
CA ALA C 310 7.14 3.80 18.24
C ALA C 310 8.58 4.04 18.64
N GLU C 311 8.80 4.74 19.77
CA GLU C 311 10.14 5.02 20.25
C GLU C 311 10.86 3.73 20.60
N ARG C 312 10.17 2.78 21.30
CA ARG C 312 10.76 1.50 21.69
C ARG C 312 11.26 0.74 20.45
N LEU C 313 10.43 0.75 19.40
CA LEU C 313 10.71 0.11 18.11
C LEU C 313 11.91 0.75 17.41
N ALA C 314 11.96 2.09 17.37
CA ALA C 314 13.04 2.90 16.76
C ALA C 314 14.39 2.61 17.44
N MET C 315 14.37 2.52 18.77
CA MET C 315 15.53 2.19 19.59
C MET C 315 16.06 0.79 19.25
N LEU C 316 15.14 -0.16 19.04
CA LEU C 316 15.50 -1.53 18.68
C LEU C 316 16.13 -1.62 17.32
N ARG C 317 15.54 -0.87 16.37
CA ARG C 317 15.92 -0.79 14.98
C ARG C 317 17.24 -0.09 14.71
N TYR C 318 17.45 1.08 15.35
CA TYR C 318 18.57 1.96 15.06
C TYR C 318 19.68 1.93 16.09
N GLY C 319 19.50 1.16 17.14
CA GLY C 319 20.48 1.05 18.21
C GLY C 319 20.57 2.25 19.12
N VAL C 320 19.43 2.94 19.34
CA VAL C 320 19.36 4.12 20.20
C VAL C 320 19.19 3.65 21.66
N ASN C 321 20.11 4.14 22.54
CA ASN C 321 20.22 3.82 23.97
C ASN C 321 19.32 4.65 24.87
N ASP C 322 19.32 6.00 24.67
CA ASP C 322 18.58 6.95 25.48
C ASP C 322 17.41 7.49 24.71
N LEU C 323 16.23 7.26 25.27
CA LEU C 323 14.94 7.68 24.72
C LEU C 323 14.79 9.22 24.75
N ARG C 324 15.54 9.91 25.63
CA ARG C 324 15.49 11.38 25.79
C ARG C 324 16.04 12.13 24.57
N LEU C 325 16.89 11.44 23.76
CA LEU C 325 17.52 11.95 22.53
C LEU C 325 16.49 12.30 21.46
N PHE C 326 15.34 11.63 21.51
CA PHE C 326 14.24 11.81 20.57
C PHE C 326 13.57 13.18 20.63
N PHE C 327 13.56 13.82 21.79
CA PHE C 327 12.87 15.12 21.95
C PHE C 327 13.81 16.33 22.12
N ASP C 328 15.16 16.12 22.10
CA ASP C 328 16.16 17.17 22.21
C ASP C 328 16.39 17.87 20.87
N ASN C 329 16.20 17.13 19.76
CA ASN C 329 16.37 17.60 18.37
C ASN C 329 17.82 18.11 18.10
N ASP C 330 18.81 17.40 18.67
CA ASP C 330 20.19 17.77 18.43
C ASP C 330 20.47 17.31 17.00
N LEU C 331 21.08 18.18 16.18
CA LEU C 331 21.41 17.86 14.79
C LEU C 331 22.43 16.72 14.72
N ARG C 332 23.30 16.61 15.75
CA ARG C 332 24.28 15.54 15.84
C ARG C 332 23.60 14.16 16.00
N PHE C 333 22.32 14.15 16.50
CA PHE C 333 21.45 12.97 16.64
C PHE C 333 20.69 12.79 15.32
N LEU C 334 19.83 13.75 14.97
CA LEU C 334 18.97 13.77 13.78
C LEU C 334 19.69 13.43 12.50
N GLY C 335 20.87 14.00 12.31
CA GLY C 335 21.69 13.78 11.12
C GLY C 335 22.01 12.33 10.83
N GLN C 336 22.09 11.49 11.88
CA GLN C 336 22.37 10.05 11.77
C GLN C 336 21.26 9.22 11.06
N PHE C 337 20.10 9.85 10.73
CA PHE C 337 18.93 9.19 10.13
C PHE C 337 18.55 9.70 8.74
N ARG C 338 19.51 10.34 8.07
CA ARG C 338 19.37 10.85 6.70
C ARG C 338 19.27 9.69 5.65
N LEU D 87 15.14 51.20 14.08
CA LEU D 87 14.11 50.24 14.47
C LEU D 87 13.64 49.33 13.27
N ALA D 88 12.46 48.68 13.44
CA ALA D 88 11.81 47.77 12.50
C ALA D 88 11.44 48.42 11.13
N ALA D 89 11.35 49.79 11.07
CA ALA D 89 11.01 50.57 9.87
C ALA D 89 12.12 50.62 8.82
N GLU D 90 13.37 50.60 9.30
CA GLU D 90 14.57 50.64 8.50
C GLU D 90 14.84 49.32 7.79
N ARG D 91 14.56 48.18 8.46
CA ARG D 91 14.83 46.87 7.89
C ARG D 91 13.71 46.25 7.06
N ILE D 92 12.74 47.09 6.62
CA ILE D 92 11.58 46.66 5.83
C ILE D 92 12.00 46.09 4.45
N ASP D 93 11.16 45.20 3.89
CA ASP D 93 11.31 44.57 2.57
C ASP D 93 9.90 44.24 2.05
N VAL D 94 9.74 44.01 0.71
CA VAL D 94 8.41 43.64 0.19
C VAL D 94 8.37 42.14 -0.09
N THR D 95 7.19 41.62 -0.40
CA THR D 95 7.00 40.23 -0.69
C THR D 95 6.97 40.05 -2.26
N LEU D 96 8.21 39.92 -2.74
CA LEU D 96 8.73 39.64 -4.07
C LEU D 96 8.84 38.13 -4.19
N PRO D 97 9.18 37.57 -5.38
CA PRO D 97 9.38 36.10 -5.44
C PRO D 97 10.52 35.58 -4.55
N GLY D 98 10.38 34.33 -4.09
CA GLY D 98 11.41 33.69 -3.29
C GLY D 98 12.66 33.38 -4.09
N ARG D 99 13.79 33.18 -3.42
CA ARG D 99 15.07 32.91 -4.10
C ARG D 99 15.25 31.44 -4.44
N GLY D 100 15.92 31.22 -5.58
CA GLY D 100 16.38 29.94 -6.04
C GLY D 100 15.47 29.13 -6.91
N GLN D 101 15.84 27.87 -6.98
CA GLN D 101 15.26 26.77 -7.69
C GLN D 101 13.92 26.36 -7.06
N LEU D 102 12.96 26.04 -7.89
CA LEU D 102 11.70 25.52 -7.42
C LEU D 102 11.47 24.12 -8.07
N SER D 103 10.34 23.47 -7.81
CA SER D 103 10.12 22.13 -8.32
C SER D 103 9.91 22.07 -9.85
N GLY D 104 10.32 20.93 -10.43
CA GLY D 104 10.10 20.61 -11.84
C GLY D 104 8.80 19.83 -11.85
N GLY D 105 8.84 18.58 -12.35
CA GLY D 105 7.65 17.73 -12.36
C GLY D 105 7.78 16.43 -13.11
N LEU D 106 6.75 15.59 -12.97
CA LEU D 106 6.70 14.29 -13.62
C LEU D 106 5.96 14.34 -14.92
N HIS D 107 6.15 13.28 -15.70
CA HIS D 107 5.54 13.11 -16.99
C HIS D 107 4.10 12.61 -16.74
N PRO D 108 3.08 13.08 -17.50
CA PRO D 108 1.69 12.62 -17.26
C PRO D 108 1.47 11.11 -17.24
N VAL D 109 2.22 10.34 -18.06
CA VAL D 109 2.13 8.88 -18.10
C VAL D 109 2.62 8.30 -16.78
N THR D 110 3.78 8.79 -16.30
CA THR D 110 4.34 8.37 -15.01
C THR D 110 3.36 8.62 -13.87
N ARG D 111 2.67 9.79 -13.88
CA ARG D 111 1.67 10.17 -12.88
C ARG D 111 0.54 9.13 -12.91
N THR D 112 0.07 8.78 -14.11
CA THR D 112 -1.01 7.85 -14.34
C THR D 112 -0.64 6.42 -13.90
N LEU D 113 0.55 5.90 -14.35
CA LEU D 113 1.04 4.59 -13.98
C LEU D 113 1.06 4.44 -12.45
N GLU D 114 1.68 5.42 -11.75
CA GLU D 114 1.77 5.45 -10.30
C GLU D 114 0.37 5.32 -9.67
N ARG D 115 -0.60 6.11 -10.18
CA ARG D 115 -1.98 6.13 -9.73
C ARG D 115 -2.66 4.77 -9.90
N ILE D 116 -2.53 4.12 -11.09
CA ILE D 116 -3.13 2.80 -11.36
C ILE D 116 -2.55 1.78 -10.38
N GLU D 117 -1.23 1.78 -10.20
CA GLU D 117 -0.56 0.87 -9.26
C GLU D 117 -1.08 1.04 -7.85
N GLN D 118 -1.24 2.29 -7.40
CA GLN D 118 -1.71 2.60 -6.05
C GLN D 118 -3.10 2.04 -5.76
N CYS D 119 -4.02 2.03 -6.74
CA CYS D 119 -5.38 1.48 -6.56
C CYS D 119 -5.36 0.01 -6.13
N PHE D 120 -4.36 -0.79 -6.63
CA PHE D 120 -4.20 -2.22 -6.35
C PHE D 120 -3.19 -2.52 -5.26
N SER D 121 -2.05 -1.80 -5.22
CA SER D 121 -1.01 -2.05 -4.21
C SER D 121 -1.50 -1.88 -2.76
N ARG D 122 -2.53 -1.03 -2.58
CA ARG D 122 -3.20 -0.76 -1.29
C ARG D 122 -4.11 -1.92 -0.86
N ILE D 123 -4.28 -2.92 -1.74
CA ILE D 123 -5.21 -4.02 -1.49
C ILE D 123 -4.52 -5.38 -1.70
N GLY D 124 -3.19 -5.38 -1.57
CA GLY D 124 -2.38 -6.60 -1.66
C GLY D 124 -1.70 -6.94 -2.98
N TYR D 125 -1.86 -6.13 -4.02
CA TYR D 125 -1.21 -6.45 -5.29
C TYR D 125 0.27 -6.04 -5.29
N GLU D 126 1.13 -6.91 -5.84
CA GLU D 126 2.56 -6.67 -5.95
C GLU D 126 2.90 -6.14 -7.34
N VAL D 127 3.85 -5.22 -7.40
CA VAL D 127 4.28 -4.64 -8.66
C VAL D 127 5.34 -5.55 -9.25
N ALA D 128 5.04 -6.07 -10.44
CA ALA D 128 5.94 -6.99 -11.13
C ALA D 128 6.46 -6.34 -12.38
N GLU D 129 7.75 -6.54 -12.63
CA GLU D 129 8.43 -6.01 -13.81
C GLU D 129 9.16 -7.12 -14.52
N GLY D 130 9.33 -6.94 -15.82
CA GLY D 130 10.03 -7.89 -16.65
C GLY D 130 10.85 -7.23 -17.76
N PRO D 131 11.53 -8.06 -18.59
CA PRO D 131 12.29 -7.52 -19.71
C PRO D 131 11.38 -7.04 -20.85
N GLU D 132 11.86 -6.03 -21.63
CA GLU D 132 11.13 -5.48 -22.78
C GLU D 132 11.45 -6.27 -24.06
N VAL D 133 12.63 -6.94 -24.09
CA VAL D 133 13.04 -7.85 -25.15
C VAL D 133 12.69 -9.23 -24.57
N GLU D 134 11.64 -9.83 -25.15
CA GLU D 134 11.06 -11.10 -24.77
C GLU D 134 11.20 -12.19 -25.86
N ASP D 135 10.82 -13.43 -25.51
CA ASP D 135 10.81 -14.59 -26.40
C ASP D 135 9.36 -14.92 -26.86
N ASP D 136 9.19 -15.68 -27.98
CA ASP D 136 7.86 -16.07 -28.46
C ASP D 136 7.02 -16.78 -27.40
N TYR D 137 7.68 -17.62 -26.58
CA TYR D 137 7.00 -18.39 -25.57
C TYR D 137 6.29 -17.50 -24.55
N HIS D 138 7.05 -16.63 -23.86
CA HIS D 138 6.50 -15.75 -22.84
C HIS D 138 5.50 -14.74 -23.41
N ASN D 139 5.80 -14.20 -24.62
CA ASN D 139 4.95 -13.18 -25.24
C ASN D 139 3.72 -13.72 -25.93
N PHE D 140 3.79 -14.92 -26.53
CA PHE D 140 2.67 -15.47 -27.27
C PHE D 140 2.21 -16.87 -26.85
N GLU D 141 3.08 -17.89 -27.01
CA GLU D 141 2.76 -19.30 -26.75
C GLU D 141 2.08 -19.56 -25.41
N ALA D 142 2.67 -19.04 -24.32
CA ALA D 142 2.18 -19.17 -22.96
C ALA D 142 0.81 -18.50 -22.73
N LEU D 143 0.42 -17.60 -23.64
CA LEU D 143 -0.84 -16.86 -23.56
C LEU D 143 -1.90 -17.37 -24.54
N ASN D 144 -1.75 -18.65 -24.97
CA ASN D 144 -2.68 -19.34 -25.86
C ASN D 144 -2.80 -18.69 -27.25
N ILE D 145 -1.71 -18.05 -27.73
CA ILE D 145 -1.63 -17.44 -29.06
C ILE D 145 -0.83 -18.43 -29.98
N PRO D 146 -1.52 -19.24 -30.82
CA PRO D 146 -0.80 -20.23 -31.67
C PRO D 146 0.10 -19.57 -32.72
N GLY D 147 1.07 -20.34 -33.23
CA GLY D 147 2.05 -19.89 -34.21
C GLY D 147 1.51 -19.23 -35.47
N HIS D 148 0.30 -19.62 -35.90
CA HIS D 148 -0.30 -19.09 -37.13
C HIS D 148 -1.17 -17.85 -36.91
N HIS D 149 -1.27 -17.39 -35.63
CA HIS D 149 -2.06 -16.23 -35.22
C HIS D 149 -1.49 -14.91 -35.82
N PRO D 150 -2.38 -14.07 -36.42
CA PRO D 150 -1.93 -12.80 -37.04
C PRO D 150 -1.21 -11.79 -36.13
N ALA D 151 -1.40 -11.90 -34.80
CA ALA D 151 -0.74 -11.02 -33.84
C ALA D 151 0.80 -11.19 -33.89
N ARG D 152 1.25 -12.41 -34.18
CA ARG D 152 2.65 -12.81 -34.25
C ARG D 152 3.36 -12.28 -35.48
N ALA D 153 2.63 -11.93 -36.54
CA ALA D 153 3.19 -11.39 -37.80
C ALA D 153 4.01 -10.09 -37.63
N MET D 154 4.96 -9.87 -38.55
CA MET D 154 5.85 -8.72 -38.61
C MET D 154 5.13 -7.41 -38.95
N HIS D 155 3.85 -7.50 -39.32
CA HIS D 155 3.03 -6.33 -39.57
C HIS D 155 2.60 -5.68 -38.23
N ASP D 156 2.66 -6.44 -37.12
CA ASP D 156 2.24 -6.01 -35.77
C ASP D 156 3.34 -6.08 -34.71
N THR D 157 4.16 -7.17 -34.75
CA THR D 157 5.23 -7.43 -33.79
C THR D 157 6.62 -7.10 -34.36
N PHE D 158 7.45 -6.44 -33.52
CA PHE D 158 8.84 -6.04 -33.77
C PHE D 158 9.73 -7.23 -33.38
N TYR D 159 10.55 -7.69 -34.31
CA TYR D 159 11.43 -8.86 -34.13
C TYR D 159 12.89 -8.53 -34.23
N PHE D 160 13.75 -9.31 -33.54
CA PHE D 160 15.21 -9.19 -33.62
C PHE D 160 15.69 -10.36 -34.47
N ASN D 161 15.13 -11.55 -34.21
CA ASN D 161 15.32 -12.79 -34.94
C ASN D 161 13.97 -13.55 -34.90
N ALA D 162 13.96 -14.84 -35.27
CA ALA D 162 12.77 -15.69 -35.35
C ALA D 162 12.02 -15.86 -34.02
N ASN D 163 12.73 -15.86 -32.87
CA ASN D 163 12.15 -16.15 -31.55
C ASN D 163 12.15 -14.94 -30.58
N MET D 164 13.08 -14.00 -30.75
CA MET D 164 13.23 -12.82 -29.91
C MET D 164 12.54 -11.61 -30.52
N LEU D 165 11.78 -10.89 -29.67
CA LEU D 165 10.94 -9.75 -30.08
C LEU D 165 10.88 -8.64 -29.05
N LEU D 166 10.16 -7.57 -29.39
CA LEU D 166 9.85 -6.53 -28.42
C LEU D 166 8.43 -6.87 -27.96
N ARG D 167 8.25 -7.06 -26.65
CA ARG D 167 6.96 -7.38 -26.06
C ARG D 167 5.84 -6.43 -26.54
N THR D 168 4.73 -7.03 -27.00
CA THR D 168 3.53 -6.38 -27.53
C THR D 168 2.54 -6.03 -26.39
N HIS D 169 2.86 -6.49 -25.16
CA HIS D 169 2.06 -6.33 -23.93
C HIS D 169 2.91 -6.66 -22.73
N THR D 170 2.38 -6.41 -21.51
CA THR D 170 3.11 -6.74 -20.26
C THR D 170 2.70 -8.12 -19.74
N SER D 171 1.78 -8.85 -20.44
CA SER D 171 1.36 -10.20 -20.02
C SER D 171 2.55 -11.15 -19.82
N PRO D 172 3.65 -11.13 -20.66
CA PRO D 172 4.82 -12.01 -20.37
C PRO D 172 5.36 -11.95 -18.94
N VAL D 173 5.22 -10.80 -18.28
CA VAL D 173 5.64 -10.57 -16.90
C VAL D 173 4.76 -11.45 -15.96
N GLN D 174 3.44 -11.48 -16.23
CA GLN D 174 2.47 -12.29 -15.50
C GLN D 174 2.76 -13.78 -15.72
N VAL D 175 3.21 -14.13 -16.93
CA VAL D 175 3.60 -15.49 -17.28
C VAL D 175 4.82 -15.89 -16.45
N ARG D 176 5.85 -15.03 -16.42
CA ARG D 176 7.07 -15.29 -15.66
C ARG D 176 6.77 -15.43 -14.15
N THR D 177 5.73 -14.71 -13.66
CA THR D 177 5.30 -14.81 -12.26
C THR D 177 4.63 -16.16 -11.97
N MET D 178 3.69 -16.59 -12.85
CA MET D 178 2.94 -17.85 -12.79
C MET D 178 3.84 -19.09 -12.85
N GLU D 179 5.00 -18.97 -13.53
CA GLU D 179 5.99 -20.04 -13.67
C GLU D 179 6.79 -20.16 -12.36
N SER D 180 7.30 -19.02 -11.87
CA SER D 180 8.12 -18.91 -10.68
C SER D 180 7.43 -19.30 -9.34
N GLN D 181 6.10 -19.10 -9.20
CA GLN D 181 5.37 -19.38 -7.97
C GLN D 181 4.02 -20.08 -8.14
N GLN D 182 3.47 -20.62 -7.03
CA GLN D 182 2.16 -21.26 -6.99
C GLN D 182 1.15 -20.25 -6.38
N PRO D 183 -0.17 -20.31 -6.73
CA PRO D 183 -1.13 -19.34 -6.16
C PRO D 183 -1.13 -19.27 -4.64
N PRO D 184 -1.55 -18.16 -3.99
CA PRO D 184 -2.13 -16.91 -4.55
C PRO D 184 -1.14 -15.99 -5.25
N ILE D 185 -1.60 -15.41 -6.36
CA ILE D 185 -0.89 -14.42 -7.15
C ILE D 185 -1.81 -13.19 -7.24
N ARG D 186 -1.28 -12.00 -6.90
CA ARG D 186 -1.95 -10.70 -6.98
C ARG D 186 -0.90 -9.74 -7.51
N ILE D 187 -0.90 -9.48 -8.81
CA ILE D 187 0.12 -8.60 -9.38
C ILE D 187 -0.41 -7.57 -10.36
N VAL D 188 0.29 -6.44 -10.44
CA VAL D 188 0.04 -5.35 -11.39
C VAL D 188 1.34 -5.16 -12.14
N CYS D 189 1.25 -5.09 -13.47
CA CYS D 189 2.40 -5.02 -14.35
C CYS D 189 2.41 -3.78 -15.28
N PRO D 190 2.99 -2.65 -14.81
CA PRO D 190 3.09 -1.46 -15.69
C PRO D 190 4.36 -1.55 -16.53
N GLY D 191 4.36 -0.96 -17.72
CA GLY D 191 5.56 -1.00 -18.51
C GLY D 191 5.43 -0.51 -19.93
N ARG D 192 6.59 -0.35 -20.57
CA ARG D 192 6.71 0.03 -21.96
C ARG D 192 6.42 -1.23 -22.76
N VAL D 193 5.58 -1.08 -23.82
CA VAL D 193 5.14 -2.14 -24.76
C VAL D 193 5.29 -1.58 -26.16
N TYR D 194 5.41 -2.46 -27.17
CA TYR D 194 5.71 -2.04 -28.54
C TYR D 194 4.90 -2.74 -29.60
N ARG D 195 4.49 -1.97 -30.61
CA ARG D 195 3.70 -2.47 -31.72
C ARG D 195 4.12 -1.78 -33.00
N CYS D 196 4.09 -2.52 -34.10
CA CYS D 196 4.45 -2.01 -35.41
C CYS D 196 3.55 -0.90 -35.92
N ASP D 197 2.22 -0.99 -35.68
CA ASP D 197 1.21 0.01 -36.10
C ASP D 197 1.57 1.45 -35.64
N SER D 198 2.04 2.26 -36.59
CA SER D 198 2.47 3.61 -36.23
C SER D 198 1.98 4.70 -37.15
N ASP D 199 1.51 5.75 -36.52
CA ASP D 199 0.93 6.97 -37.11
C ASP D 199 0.19 7.80 -36.04
N LEU D 200 -0.85 8.49 -36.45
CA LEU D 200 -1.72 9.24 -35.56
C LEU D 200 -2.50 8.11 -34.85
N THR D 201 -3.15 8.45 -33.75
CA THR D 201 -3.92 7.58 -32.85
C THR D 201 -3.05 6.41 -32.25
N HIS D 202 -1.88 6.05 -32.86
CA HIS D 202 -1.02 4.94 -32.40
C HIS D 202 0.46 5.25 -32.54
N SER D 203 1.22 4.96 -31.46
CA SER D 203 2.66 5.14 -31.37
C SER D 203 3.37 3.75 -31.38
N PRO D 204 4.62 3.62 -31.95
CA PRO D 204 5.31 2.32 -31.94
C PRO D 204 5.73 1.84 -30.54
N MET D 205 5.81 2.77 -29.58
CA MET D 205 6.08 2.51 -28.17
C MET D 205 5.02 3.25 -27.36
N PHE D 206 4.52 2.58 -26.30
CA PHE D 206 3.54 3.11 -25.37
C PHE D 206 3.56 2.32 -24.09
N HIS D 207 2.70 2.70 -23.15
CA HIS D 207 2.62 2.07 -21.84
C HIS D 207 1.28 1.44 -21.56
N GLN D 208 1.32 0.30 -20.88
CA GLN D 208 0.11 -0.33 -20.45
C GLN D 208 0.26 -0.96 -19.06
N VAL D 209 -0.86 -1.13 -18.36
CA VAL D 209 -0.87 -1.77 -17.04
C VAL D 209 -1.77 -3.00 -17.14
N GLU D 210 -1.21 -4.15 -16.81
CA GLU D 210 -1.96 -5.38 -16.78
C GLU D 210 -2.06 -5.92 -15.36
N GLY D 211 -3.14 -6.63 -15.07
CA GLY D 211 -3.32 -7.20 -13.75
C GLY D 211 -3.64 -8.67 -13.78
N LEU D 212 -3.39 -9.36 -12.67
CA LEU D 212 -3.64 -10.79 -12.52
C LEU D 212 -3.88 -11.17 -11.08
N LEU D 213 -4.96 -11.91 -10.85
CA LEU D 213 -5.32 -12.47 -9.57
C LEU D 213 -5.65 -13.95 -9.83
N VAL D 214 -4.93 -14.85 -9.17
CA VAL D 214 -5.11 -16.30 -9.29
C VAL D 214 -5.24 -16.82 -7.86
N ASP D 215 -6.41 -17.40 -7.53
CA ASP D 215 -6.69 -17.96 -6.22
C ASP D 215 -7.64 -19.15 -6.31
N GLU D 216 -8.08 -19.70 -5.16
CA GLU D 216 -8.89 -20.90 -5.14
C GLU D 216 -10.32 -20.71 -5.59
N GLY D 217 -11.01 -19.66 -5.16
CA GLY D 217 -12.39 -19.45 -5.58
C GLY D 217 -12.67 -18.12 -6.22
N VAL D 218 -12.12 -17.88 -7.43
CA VAL D 218 -12.29 -16.58 -8.13
C VAL D 218 -13.39 -16.65 -9.18
N SER D 219 -14.31 -15.68 -9.17
CA SER D 219 -15.43 -15.64 -10.12
C SER D 219 -15.41 -14.41 -11.00
N PHE D 220 -16.27 -14.42 -12.03
CA PHE D 220 -16.48 -13.31 -12.95
C PHE D 220 -17.10 -12.14 -12.17
N ALA D 221 -17.79 -12.45 -11.04
CA ALA D 221 -18.40 -11.44 -10.18
C ALA D 221 -17.28 -10.68 -9.49
N ASP D 222 -16.23 -11.41 -9.02
CA ASP D 222 -15.03 -10.84 -8.41
C ASP D 222 -14.35 -9.88 -9.36
N LEU D 223 -14.23 -10.27 -10.65
CA LEU D 223 -13.65 -9.44 -11.71
C LEU D 223 -14.46 -8.18 -11.97
N LYS D 224 -15.80 -8.30 -12.12
CA LYS D 224 -16.68 -7.14 -12.35
C LYS D 224 -16.50 -6.10 -11.23
N GLY D 225 -16.53 -6.55 -9.98
CA GLY D 225 -16.35 -5.71 -8.78
C GLY D 225 -15.03 -4.99 -8.78
N THR D 226 -13.92 -5.73 -8.96
CA THR D 226 -12.56 -5.22 -9.04
C THR D 226 -12.45 -4.08 -10.08
N ILE D 227 -12.85 -4.35 -11.32
CA ILE D 227 -12.79 -3.39 -12.44
C ILE D 227 -13.66 -2.16 -12.19
N GLU D 228 -14.89 -2.35 -11.74
CA GLU D 228 -15.84 -1.27 -11.48
C GLU D 228 -15.31 -0.31 -10.41
N GLU D 229 -14.79 -0.88 -9.30
CA GLU D 229 -14.22 -0.10 -8.23
C GLU D 229 -12.90 0.52 -8.62
N PHE D 230 -12.15 -0.09 -9.55
CA PHE D 230 -10.89 0.50 -9.98
C PHE D 230 -11.16 1.77 -10.77
N LEU D 231 -12.02 1.69 -11.80
CA LEU D 231 -12.36 2.83 -12.63
C LEU D 231 -12.94 4.01 -11.85
N ARG D 232 -13.75 3.70 -10.82
CA ARG D 232 -14.36 4.68 -9.92
C ARG D 232 -13.30 5.40 -9.10
N ALA D 233 -12.33 4.63 -8.56
CA ALA D 233 -11.20 5.12 -7.75
C ALA D 233 -10.29 5.97 -8.64
N PHE D 234 -9.98 5.46 -9.84
CA PHE D 234 -9.11 6.10 -10.80
C PHE D 234 -9.61 7.45 -11.27
N PHE D 235 -10.86 7.50 -11.76
CA PHE D 235 -11.47 8.71 -12.28
C PHE D 235 -12.08 9.59 -11.22
N GLU D 236 -11.98 9.18 -9.94
CA GLU D 236 -12.52 9.89 -8.78
C GLU D 236 -14.01 10.26 -8.92
N LYS D 237 -14.83 9.37 -9.54
CA LYS D 237 -16.27 9.60 -9.74
C LYS D 237 -17.00 8.29 -9.55
N GLN D 238 -18.27 8.33 -9.11
CA GLN D 238 -19.08 7.12 -8.97
C GLN D 238 -19.77 6.86 -10.32
N LEU D 239 -18.95 6.80 -11.39
CA LEU D 239 -19.39 6.61 -12.77
C LEU D 239 -20.00 5.23 -13.05
N GLU D 240 -20.73 5.13 -14.17
CA GLU D 240 -21.35 3.89 -14.62
C GLU D 240 -20.35 3.11 -15.42
N VAL D 241 -20.29 1.81 -15.11
CA VAL D 241 -19.36 0.87 -15.76
C VAL D 241 -20.15 -0.22 -16.48
N ARG D 242 -19.83 -0.41 -17.77
CA ARG D 242 -20.46 -1.36 -18.69
C ARG D 242 -19.47 -2.44 -19.14
N PHE D 243 -19.92 -3.70 -19.12
CA PHE D 243 -19.14 -4.86 -19.54
C PHE D 243 -19.73 -5.48 -20.80
N ARG D 244 -19.00 -5.43 -21.89
CA ARG D 244 -19.48 -6.01 -23.18
C ARG D 244 -18.72 -7.30 -23.48
N PRO D 245 -19.41 -8.42 -23.81
CA PRO D 245 -18.67 -9.65 -24.14
C PRO D 245 -17.77 -9.43 -25.34
N SER D 246 -16.49 -9.79 -25.20
CA SER D 246 -15.46 -9.68 -26.25
C SER D 246 -14.75 -11.02 -26.32
N PHE D 247 -13.51 -11.01 -26.85
CA PHE D 247 -12.68 -12.19 -27.02
C PHE D 247 -11.21 -11.85 -26.93
N PHE D 248 -10.45 -12.73 -26.28
CA PHE D 248 -8.98 -12.70 -26.17
C PHE D 248 -8.55 -14.17 -26.13
N PRO D 249 -7.43 -14.57 -26.78
CA PRO D 249 -7.00 -15.97 -26.72
C PRO D 249 -6.67 -16.49 -25.31
N PHE D 250 -6.19 -15.59 -24.42
CA PHE D 250 -5.73 -15.84 -23.05
C PHE D 250 -6.82 -15.77 -21.95
N THR D 251 -8.04 -15.33 -22.29
CA THR D 251 -9.15 -15.27 -21.31
C THR D 251 -10.44 -15.86 -21.87
N GLU D 252 -11.31 -16.33 -20.96
CA GLU D 252 -12.63 -16.90 -21.25
C GLU D 252 -13.45 -17.08 -19.96
N PRO D 253 -14.59 -16.35 -19.78
CA PRO D 253 -15.13 -15.29 -20.64
C PRO D 253 -14.27 -14.04 -20.66
N SER D 254 -14.47 -13.20 -21.67
CA SER D 254 -13.73 -11.95 -21.86
C SER D 254 -14.70 -10.76 -21.96
N ALA D 255 -14.22 -9.56 -21.62
CA ALA D 255 -15.03 -8.36 -21.71
C ALA D 255 -14.27 -7.10 -22.11
N GLU D 256 -14.95 -6.20 -22.82
CA GLU D 256 -14.45 -4.87 -23.11
C GLU D 256 -15.22 -3.98 -22.12
N VAL D 257 -14.49 -3.11 -21.42
CA VAL D 257 -15.07 -2.27 -20.40
C VAL D 257 -15.23 -0.84 -20.89
N ASP D 258 -16.47 -0.34 -20.76
CA ASP D 258 -16.90 1.00 -21.12
C ASP D 258 -17.28 1.77 -19.86
N ILE D 259 -17.07 3.10 -19.92
CA ILE D 259 -17.47 4.06 -18.89
C ILE D 259 -18.29 5.16 -19.56
N GLN D 260 -19.05 5.95 -18.79
CA GLN D 260 -19.81 7.04 -19.41
C GLN D 260 -18.87 8.16 -19.90
N CYS D 261 -19.40 9.12 -20.68
CA CYS D 261 -18.61 10.23 -21.22
C CYS D 261 -18.53 11.43 -20.22
N VAL D 262 -18.63 11.12 -18.89
CA VAL D 262 -18.54 12.05 -17.77
C VAL D 262 -17.14 12.73 -17.72
N ILE D 263 -16.08 12.07 -18.26
CA ILE D 263 -14.76 12.68 -18.35
C ILE D 263 -14.51 13.12 -19.83
N CYS D 264 -15.62 13.28 -20.56
CA CYS D 264 -15.80 13.79 -21.92
C CYS D 264 -14.95 13.09 -23.02
N SER D 265 -14.97 13.72 -24.22
CA SER D 265 -14.23 13.48 -25.46
C SER D 265 -13.65 14.87 -25.88
N GLY D 266 -13.93 15.89 -25.06
CA GLY D 266 -13.50 17.29 -25.26
C GLY D 266 -13.15 18.09 -24.02
N ASN D 267 -13.35 17.51 -22.79
CA ASN D 267 -13.07 18.07 -21.44
C ASN D 267 -13.72 19.44 -21.17
N GLY D 276 -23.33 7.30 -25.59
CA GLY D 276 -22.76 8.04 -24.47
C GLY D 276 -21.80 7.24 -23.60
N TRP D 277 -21.00 6.34 -24.25
CA TRP D 277 -20.06 5.40 -23.64
C TRP D 277 -18.70 5.41 -24.30
N LEU D 278 -17.65 5.11 -23.51
CA LEU D 278 -16.25 5.11 -23.92
C LEU D 278 -15.60 3.79 -23.53
N GLU D 279 -14.94 3.11 -24.48
CA GLU D 279 -14.20 1.90 -24.14
C GLU D 279 -12.86 2.31 -23.51
N VAL D 280 -12.53 1.81 -22.30
CA VAL D 280 -11.29 2.20 -21.63
C VAL D 280 -10.30 1.06 -21.32
N MET D 281 -10.81 -0.20 -21.25
CA MET D 281 -9.98 -1.37 -20.92
C MET D 281 -10.64 -2.71 -21.27
N GLY D 282 -9.87 -3.77 -21.14
CA GLY D 282 -10.30 -5.13 -21.39
C GLY D 282 -9.91 -6.01 -20.23
N CYS D 283 -10.64 -7.12 -20.04
CA CYS D 283 -10.45 -8.07 -18.95
C CYS D 283 -11.05 -9.42 -19.32
N GLY D 284 -10.96 -10.39 -18.41
CA GLY D 284 -11.53 -11.71 -18.58
C GLY D 284 -11.02 -12.68 -17.54
N MET D 285 -11.60 -13.89 -17.52
CA MET D 285 -11.20 -14.96 -16.59
C MET D 285 -10.07 -15.68 -17.28
N VAL D 286 -8.95 -15.90 -16.61
CA VAL D 286 -7.77 -16.55 -17.22
C VAL D 286 -8.16 -17.90 -17.87
N HIS D 287 -7.79 -18.09 -19.16
CA HIS D 287 -8.07 -19.32 -19.88
C HIS D 287 -7.43 -20.54 -19.19
N PRO D 288 -8.15 -21.69 -19.06
CA PRO D 288 -7.58 -22.89 -18.44
C PRO D 288 -6.23 -23.30 -19.03
N ASN D 289 -6.09 -23.25 -20.38
CA ASN D 289 -4.84 -23.60 -21.09
C ASN D 289 -3.67 -22.69 -20.68
N VAL D 290 -3.96 -21.43 -20.31
CA VAL D 290 -2.94 -20.47 -19.89
C VAL D 290 -2.36 -20.89 -18.52
N LEU D 291 -3.25 -21.28 -17.59
CA LEU D 291 -2.85 -21.75 -16.26
C LEU D 291 -2.11 -23.07 -16.37
N ARG D 292 -2.69 -24.05 -17.07
CA ARG D 292 -2.16 -25.40 -17.30
C ARG D 292 -0.72 -25.35 -17.83
N MET D 293 -0.45 -24.44 -18.81
CA MET D 293 0.87 -24.23 -19.44
C MET D 293 1.90 -23.72 -18.46
N SER D 294 1.46 -22.99 -17.42
CA SER D 294 2.30 -22.42 -16.40
C SER D 294 2.22 -23.20 -15.11
N ASN D 295 1.87 -24.50 -15.20
CA ASN D 295 1.74 -25.46 -14.11
C ASN D 295 0.85 -24.95 -12.95
N ILE D 296 -0.42 -24.61 -13.27
CA ILE D 296 -1.45 -24.18 -12.31
C ILE D 296 -2.73 -24.96 -12.68
N ASP D 297 -3.19 -25.87 -11.77
CA ASP D 297 -4.36 -26.71 -12.02
C ASP D 297 -5.64 -25.87 -12.19
N PRO D 298 -6.25 -25.86 -13.40
CA PRO D 298 -7.47 -25.06 -13.61
C PRO D 298 -8.67 -25.59 -12.84
N GLU D 299 -8.55 -26.81 -12.29
CA GLU D 299 -9.58 -27.45 -11.47
C GLU D 299 -9.55 -26.90 -10.04
N LYS D 300 -8.34 -26.61 -9.53
CA LYS D 300 -8.17 -26.07 -8.18
C LYS D 300 -8.18 -24.55 -8.20
N PHE D 301 -7.55 -23.93 -9.21
CA PHE D 301 -7.45 -22.49 -9.26
C PHE D 301 -8.12 -21.82 -10.43
N GLN D 302 -8.75 -20.70 -10.13
CA GLN D 302 -9.44 -19.81 -11.03
C GLN D 302 -8.66 -18.47 -10.96
N GLY D 303 -8.78 -17.65 -11.98
CA GLY D 303 -8.13 -16.36 -11.99
C GLY D 303 -8.76 -15.39 -12.95
N PHE D 304 -8.51 -14.11 -12.72
CA PHE D 304 -8.96 -13.06 -13.63
C PHE D 304 -7.74 -12.22 -13.99
N ALA D 305 -7.80 -11.55 -15.13
CA ALA D 305 -6.76 -10.67 -15.62
C ALA D 305 -7.39 -9.51 -16.38
N PHE D 306 -6.71 -8.37 -16.41
CA PHE D 306 -7.18 -7.17 -17.07
C PHE D 306 -6.00 -6.42 -17.68
N GLY D 307 -6.30 -5.52 -18.60
CA GLY D 307 -5.30 -4.70 -19.26
C GLY D 307 -5.86 -3.35 -19.64
N MET D 308 -5.01 -2.34 -19.72
CA MET D 308 -5.41 -0.98 -20.11
C MET D 308 -4.20 -0.22 -20.68
N GLY D 309 -4.46 0.76 -21.53
CA GLY D 309 -3.43 1.66 -22.05
C GLY D 309 -3.30 2.89 -21.16
N ALA D 310 -2.06 3.19 -20.70
CA ALA D 310 -1.80 4.32 -19.80
C ALA D 310 -2.00 5.65 -20.49
N GLU D 311 -1.57 5.76 -21.73
CA GLU D 311 -1.73 7.00 -22.49
C GLU D 311 -3.19 7.33 -22.70
N ARG D 312 -4.02 6.31 -23.07
CA ARG D 312 -5.46 6.50 -23.27
C ARG D 312 -6.11 7.09 -22.00
N LEU D 313 -5.75 6.53 -20.85
CA LEU D 313 -6.22 6.94 -19.53
C LEU D 313 -5.80 8.37 -19.19
N ALA D 314 -4.52 8.74 -19.45
CA ALA D 314 -3.93 10.06 -19.21
C ALA D 314 -4.67 11.13 -20.04
N MET D 315 -4.95 10.81 -21.30
CA MET D 315 -5.69 11.65 -22.21
C MET D 315 -7.10 11.93 -21.68
N LEU D 316 -7.76 10.90 -21.14
CA LEU D 316 -9.10 11.00 -20.57
C LEU D 316 -9.12 11.88 -19.35
N ARG D 317 -8.10 11.70 -18.50
CA ARG D 317 -7.89 12.41 -17.24
C ARG D 317 -7.52 13.87 -17.36
N TYR D 318 -6.58 14.19 -18.27
CA TYR D 318 -5.98 15.52 -18.36
C TYR D 318 -6.46 16.33 -19.51
N GLY D 319 -7.33 15.76 -20.34
CA GLY D 319 -7.88 16.43 -21.51
C GLY D 319 -6.87 16.59 -22.64
N VAL D 320 -5.98 15.60 -22.81
CA VAL D 320 -4.97 15.61 -23.86
C VAL D 320 -5.63 15.02 -25.13
N ASN D 321 -5.57 15.80 -26.23
CA ASN D 321 -6.15 15.50 -27.55
C ASN D 321 -5.25 14.67 -28.45
N ASP D 322 -3.96 15.05 -28.54
CA ASP D 322 -2.98 14.40 -29.40
C ASP D 322 -2.05 13.54 -28.58
N LEU D 323 -2.03 12.24 -28.88
CA LEU D 323 -1.20 11.22 -28.25
C LEU D 323 0.30 11.43 -28.55
N ARG D 324 0.61 12.12 -29.67
CA ARG D 324 1.98 12.38 -30.11
C ARG D 324 2.75 13.32 -29.18
N LEU D 325 2.02 14.14 -28.39
CA LEU D 325 2.54 15.11 -27.41
C LEU D 325 3.30 14.42 -26.29
N PHE D 326 2.96 13.15 -26.00
CA PHE D 326 3.58 12.33 -24.97
C PHE D 326 5.05 11.99 -25.21
N PHE D 327 5.46 11.88 -26.49
CA PHE D 327 6.84 11.48 -26.79
C PHE D 327 7.73 12.62 -27.37
N ASP D 328 7.18 13.85 -27.52
CA ASP D 328 7.92 15.03 -28.02
C ASP D 328 8.74 15.69 -26.91
N ASN D 329 8.25 15.61 -25.66
CA ASN D 329 8.89 16.17 -24.47
C ASN D 329 9.05 17.71 -24.56
N ASP D 330 8.03 18.39 -25.13
CA ASP D 330 8.05 19.85 -25.20
C ASP D 330 7.77 20.31 -23.77
N LEU D 331 8.60 21.25 -23.25
CA LEU D 331 8.44 21.80 -21.90
C LEU D 331 7.12 22.54 -21.75
N ARG D 332 6.62 23.12 -22.83
CA ARG D 332 5.32 23.78 -22.84
C ARG D 332 4.14 22.78 -22.62
N PHE D 333 4.37 21.47 -22.90
CA PHE D 333 3.46 20.36 -22.64
C PHE D 333 3.69 19.87 -21.19
N LEU D 334 4.91 19.33 -20.94
CA LEU D 334 5.34 18.76 -19.66
C LEU D 334 5.05 19.65 -18.46
N GLY D 335 5.36 20.93 -18.58
CA GLY D 335 5.17 21.90 -17.51
C GLY D 335 3.76 21.98 -16.96
N GLN D 336 2.74 21.65 -17.78
CA GLN D 336 1.32 21.66 -17.41
C GLN D 336 0.94 20.57 -16.38
N PHE D 337 1.87 19.66 -16.02
CA PHE D 337 1.64 18.53 -15.12
C PHE D 337 2.46 18.58 -13.84
N ARG D 338 2.94 19.77 -13.48
CA ARG D 338 3.71 20.02 -12.25
C ARG D 338 2.80 19.91 -10.97
#